data_7M1R
#
_entry.id   7M1R
#
_cell.length_a   99.988
_cell.length_b   71.380
_cell.length_c   169.290
_cell.angle_alpha   90.000
_cell.angle_beta   100.940
_cell.angle_gamma   90.000
#
_symmetry.space_group_name_H-M   'P 1 21 1'
#
loop_
_entity.id
_entity.type
_entity.pdbx_description
1 polymer 6-phospho-beta-galactosidase
2 non-polymer 1,2-ETHANEDIOL
3 water water
#
_entity_poly.entity_id   1
_entity_poly.type   'polypeptide(L)'
_entity_poly.pdbx_seq_one_letter_code
;GAMIHQRLRPFPDHFLWGSASAAYQIEGAWNEDGKGLSVWDVFTKIPGKTFKGSNGDIAVDHYHRFKEDVALMAEMGLKA
YRFSVSWPRIFPQGRGEANESGLRFYDDLINELLAHDIEPVLTLYHWDLPQALMDEYGGFESRRIIEDFNAYCVTLYKRY
GGRVKYWVSLNEQNYNFNHGFITAMHPPGVKDRKRFYEANHIAFLANAKAIDSFRRYVPDGKIGPSFAYSPAYPLSSRPD
DILAFENAEEFTNYWWLDMYCRGTYPDIPLKYLKEKGWAPTIEDGDMELLAKGKPDFVGVNYYQTITYEMNPLDGVSEGK
MNTTGQKGSNQETGMPGLYKTKRNPHLETSNWDWAIDPIGLRIGLRRISSRYGLPLFITENGLGEFDKVENDGTIHDDYR
IAYLRAHLEQCRQALNDGVDLIGYCSWSFTDLLSWLNGYQKRYGFVYINRDEENVKDLKRIKKDSFYWYQNVIQTNGEEL
;
_entity_poly.pdbx_strand_id   A,B,C,D
#
loop_
_chem_comp.id
_chem_comp.type
_chem_comp.name
_chem_comp.formula
EDO non-polymer 1,2-ETHANEDIOL 'C2 H6 O2'
#
# COMPACT_ATOMS: atom_id res chain seq x y z
N GLN A 6 -25.59 -38.51 22.50
CA GLN A 6 -26.27 -37.44 23.23
C GLN A 6 -26.80 -36.38 22.27
N ARG A 7 -26.07 -35.28 22.10
CA ARG A 7 -26.49 -34.20 21.20
C ARG A 7 -25.95 -34.37 19.78
N LEU A 8 -25.31 -35.49 19.47
CA LEU A 8 -24.82 -35.77 18.12
C LEU A 8 -25.92 -36.40 17.26
N ARG A 9 -27.06 -35.73 17.18
CA ARG A 9 -28.17 -36.22 16.38
C ARG A 9 -27.85 -36.08 14.90
N PRO A 10 -28.19 -37.07 14.08
CA PRO A 10 -27.85 -36.98 12.65
C PRO A 10 -28.62 -35.89 11.92
N PHE A 11 -28.00 -35.40 10.84
CA PHE A 11 -28.67 -34.50 9.91
C PHE A 11 -29.81 -35.23 9.21
N PRO A 12 -30.80 -34.49 8.69
CA PRO A 12 -31.87 -35.14 7.90
C PRO A 12 -31.32 -35.93 6.72
N ASP A 13 -32.06 -37.00 6.36
CA ASP A 13 -31.56 -37.97 5.38
C ASP A 13 -31.22 -37.34 4.04
N HIS A 14 -32.02 -36.38 3.58
CA HIS A 14 -31.83 -35.77 2.27
C HIS A 14 -31.38 -34.31 2.35
N PHE A 15 -30.62 -33.99 3.39
CA PHE A 15 -30.02 -32.67 3.55
C PHE A 15 -29.17 -32.34 2.33
N LEU A 16 -29.34 -31.13 1.80
CA LEU A 16 -28.65 -30.71 0.57
C LEU A 16 -27.25 -30.23 0.93
N TRP A 17 -26.30 -31.15 0.89
CA TRP A 17 -24.89 -30.82 1.05
C TRP A 17 -24.39 -30.20 -0.25
N GLY A 18 -23.99 -28.92 -0.22
CA GLY A 18 -23.71 -28.19 -1.45
C GLY A 18 -22.41 -27.42 -1.39
N SER A 19 -22.12 -26.77 -2.52
CA SER A 19 -21.06 -25.78 -2.64
C SER A 19 -21.52 -24.83 -3.75
N ALA A 20 -20.82 -23.69 -3.86
CA ALA A 20 -21.37 -22.56 -4.59
C ALA A 20 -20.28 -21.82 -5.36
N SER A 21 -20.72 -21.09 -6.39
CA SER A 21 -19.88 -20.21 -7.20
C SER A 21 -20.75 -19.07 -7.73
N ALA A 22 -20.13 -18.15 -8.47
CA ALA A 22 -20.88 -17.17 -9.24
C ALA A 22 -20.20 -17.01 -10.61
N ALA A 23 -21.00 -16.63 -11.61
CA ALA A 23 -20.53 -16.63 -13.00
C ALA A 23 -19.31 -15.75 -13.19
N TYR A 24 -19.38 -14.48 -12.77
CA TYR A 24 -18.24 -13.59 -13.08
C TYR A 24 -16.97 -14.07 -12.39
N GLN A 25 -17.10 -14.71 -11.23
CA GLN A 25 -15.93 -15.13 -10.49
C GLN A 25 -15.23 -16.37 -11.07
N ILE A 26 -15.91 -17.19 -11.90
CA ILE A 26 -15.28 -18.42 -12.39
C ILE A 26 -15.16 -18.50 -13.92
N GLU A 27 -16.09 -17.89 -14.66
CA GLU A 27 -16.32 -18.36 -16.03
C GLU A 27 -15.22 -17.94 -17.01
N GLY A 28 -14.72 -16.71 -16.91
CA GLY A 28 -13.88 -16.21 -17.98
C GLY A 28 -14.67 -16.10 -19.27
N ALA A 29 -13.98 -16.32 -20.40
CA ALA A 29 -14.59 -16.19 -21.73
C ALA A 29 -15.47 -14.96 -21.82
N TRP A 30 -14.91 -13.83 -21.35
CA TRP A 30 -15.71 -12.63 -21.11
C TRP A 30 -16.24 -12.02 -22.41
N ASN A 31 -15.63 -12.31 -23.55
CA ASN A 31 -16.02 -11.67 -24.80
C ASN A 31 -16.17 -12.71 -25.90
N GLU A 32 -16.57 -13.93 -25.54
CA GLU A 32 -16.66 -15.05 -26.47
C GLU A 32 -18.12 -15.41 -26.74
N ASP A 33 -18.35 -16.00 -27.93
CA ASP A 33 -19.64 -16.58 -28.31
C ASP A 33 -20.77 -15.58 -28.12
N GLY A 34 -20.51 -14.32 -28.45
CA GLY A 34 -21.53 -13.30 -28.46
C GLY A 34 -21.89 -12.71 -27.11
N LYS A 35 -21.22 -13.09 -26.03
CA LYS A 35 -21.55 -12.53 -24.72
C LYS A 35 -21.38 -11.00 -24.75
N GLY A 36 -22.34 -10.30 -24.13
CA GLY A 36 -22.22 -8.86 -23.96
C GLY A 36 -21.48 -8.47 -22.69
N LEU A 37 -21.05 -7.21 -22.65
CA LEU A 37 -20.31 -6.71 -21.50
C LEU A 37 -21.20 -6.66 -20.27
N SER A 38 -20.65 -7.05 -19.11
CA SER A 38 -21.32 -6.75 -17.84
C SER A 38 -20.68 -5.52 -17.23
N VAL A 39 -21.35 -4.97 -16.21
CA VAL A 39 -20.80 -3.83 -15.48
C VAL A 39 -19.48 -4.18 -14.80
N TRP A 40 -19.23 -5.47 -14.54
CA TRP A 40 -17.95 -5.87 -13.93
C TRP A 40 -16.83 -6.06 -14.96
N ASP A 41 -17.18 -6.49 -16.18
CA ASP A 41 -16.21 -6.46 -17.29
C ASP A 41 -15.63 -5.06 -17.43
N VAL A 42 -16.43 -4.04 -17.14
CA VAL A 42 -16.00 -2.65 -17.21
C VAL A 42 -15.33 -2.22 -15.93
N PHE A 43 -15.99 -2.45 -14.79
CA PHE A 43 -15.53 -1.91 -13.52
C PHE A 43 -14.13 -2.40 -13.16
N THR A 44 -13.85 -3.69 -13.43
CA THR A 44 -12.54 -4.25 -13.08
C THR A 44 -11.40 -3.62 -13.87
N LYS A 45 -11.69 -2.90 -14.95
CA LYS A 45 -10.67 -2.22 -15.74
C LYS A 45 -10.37 -0.81 -15.22
N ILE A 46 -11.13 -0.32 -14.26
CA ILE A 46 -10.82 0.99 -13.68
C ILE A 46 -9.60 0.86 -12.78
N PRO A 47 -8.55 1.66 -12.98
CA PRO A 47 -7.38 1.57 -12.10
C PRO A 47 -7.79 1.74 -10.64
N GLY A 48 -7.36 0.79 -9.81
CA GLY A 48 -7.55 0.87 -8.37
C GLY A 48 -8.84 0.26 -7.81
N LYS A 49 -9.75 -0.24 -8.65
CA LYS A 49 -10.98 -0.82 -8.10
C LYS A 49 -10.80 -2.26 -7.62
N THR A 50 -9.79 -2.98 -8.10
CA THR A 50 -9.61 -4.39 -7.79
C THR A 50 -8.19 -4.61 -7.29
N PHE A 51 -8.00 -5.73 -6.59
CA PHE A 51 -6.71 -6.04 -5.99
C PHE A 51 -5.68 -6.33 -7.07
N LYS A 52 -4.65 -5.50 -7.13
CA LYS A 52 -3.52 -5.66 -8.08
C LYS A 52 -3.99 -5.82 -9.52
N GLY A 53 -5.06 -5.11 -9.88
CA GLY A 53 -5.59 -5.15 -11.23
C GLY A 53 -6.27 -6.44 -11.64
N SER A 54 -6.61 -7.31 -10.68
CA SER A 54 -7.19 -8.60 -11.03
C SER A 54 -8.56 -8.40 -11.70
N ASN A 55 -8.90 -9.30 -12.64
CA ASN A 55 -10.20 -9.22 -13.28
C ASN A 55 -10.65 -10.63 -13.66
N GLY A 56 -11.86 -10.69 -14.20
CA GLY A 56 -12.49 -11.94 -14.58
C GLY A 56 -12.45 -12.22 -16.06
N ASP A 57 -11.54 -11.58 -16.82
CA ASP A 57 -11.48 -11.85 -18.26
C ASP A 57 -11.30 -13.33 -18.51
N ILE A 58 -10.44 -13.98 -17.73
CA ILE A 58 -10.24 -15.42 -17.79
C ILE A 58 -10.75 -16.12 -16.55
N ALA A 59 -10.65 -15.49 -15.36
CA ALA A 59 -11.03 -16.06 -14.08
C ALA A 59 -10.38 -17.44 -13.90
N VAL A 60 -11.14 -18.49 -13.70
CA VAL A 60 -10.54 -19.82 -13.72
C VAL A 60 -10.99 -20.62 -14.94
N ASP A 61 -11.46 -19.93 -15.99
CA ASP A 61 -11.75 -20.56 -17.30
C ASP A 61 -12.83 -21.65 -17.19
N HIS A 62 -13.78 -21.49 -16.27
CA HIS A 62 -14.80 -22.51 -16.06
C HIS A 62 -15.73 -22.69 -17.26
N TYR A 63 -15.90 -21.64 -18.06
CA TYR A 63 -16.78 -21.77 -19.23
C TYR A 63 -16.28 -22.87 -20.17
N HIS A 64 -14.97 -22.88 -20.44
CA HIS A 64 -14.41 -23.93 -21.27
C HIS A 64 -14.14 -25.21 -20.50
N ARG A 65 -13.86 -25.12 -19.19
CA ARG A 65 -13.44 -26.29 -18.43
C ARG A 65 -14.52 -26.82 -17.48
N PHE A 66 -15.80 -26.54 -17.76
CA PHE A 66 -16.84 -26.90 -16.79
C PHE A 66 -16.95 -28.40 -16.56
N LYS A 67 -16.62 -29.22 -17.56
CA LYS A 67 -16.74 -30.67 -17.35
C LYS A 67 -15.74 -31.18 -16.32
N GLU A 68 -14.51 -30.65 -16.33
CA GLU A 68 -13.53 -31.03 -15.32
C GLU A 68 -14.01 -30.67 -13.91
N ASP A 69 -14.53 -29.45 -13.73
CA ASP A 69 -15.07 -29.01 -12.44
C ASP A 69 -16.26 -29.85 -11.98
N VAL A 70 -17.23 -30.14 -12.86
CA VAL A 70 -18.36 -31.00 -12.47
C VAL A 70 -17.88 -32.40 -12.09
N ALA A 71 -16.87 -32.92 -12.80
CA ALA A 71 -16.32 -34.22 -12.42
C ALA A 71 -15.74 -34.18 -11.01
N LEU A 72 -15.09 -33.07 -10.64
CA LEU A 72 -14.65 -32.92 -9.25
C LEU A 72 -15.83 -32.87 -8.29
N MET A 73 -16.92 -32.18 -8.67
CA MET A 73 -18.11 -32.18 -7.81
C MET A 73 -18.67 -33.59 -7.62
N ALA A 74 -18.63 -34.40 -8.67
CA ALA A 74 -19.12 -35.76 -8.54
C ALA A 74 -18.18 -36.60 -7.68
N GLU A 75 -16.87 -36.41 -7.85
CA GLU A 75 -15.91 -37.08 -6.96
C GLU A 75 -16.15 -36.71 -5.51
N MET A 76 -16.34 -35.42 -5.23
CA MET A 76 -16.76 -34.93 -3.91
C MET A 76 -18.04 -35.61 -3.43
N GLY A 77 -18.99 -35.87 -4.33
CA GLY A 77 -20.28 -36.37 -3.92
C GLY A 77 -21.30 -35.29 -3.58
N LEU A 78 -21.15 -34.09 -4.14
CA LEU A 78 -22.06 -32.99 -3.85
C LEU A 78 -23.51 -33.39 -4.10
N LYS A 79 -24.40 -33.00 -3.18
CA LYS A 79 -25.84 -33.20 -3.38
C LYS A 79 -26.47 -32.01 -4.10
N ALA A 80 -25.81 -30.85 -4.06
CA ALA A 80 -26.31 -29.66 -4.71
C ALA A 80 -25.12 -28.80 -5.13
N TYR A 81 -25.30 -28.03 -6.21
CA TYR A 81 -24.30 -27.09 -6.68
C TYR A 81 -25.01 -25.80 -7.04
N ARG A 82 -24.63 -24.72 -6.39
CA ARG A 82 -25.20 -23.39 -6.64
C ARG A 82 -24.29 -22.62 -7.58
N PHE A 83 -24.86 -22.12 -8.67
CA PHE A 83 -24.14 -21.33 -9.65
C PHE A 83 -25.06 -20.20 -10.06
N SER A 84 -24.48 -19.16 -10.67
CA SER A 84 -25.33 -18.11 -11.22
C SER A 84 -25.25 -18.11 -12.74
N VAL A 85 -26.28 -17.56 -13.37
CA VAL A 85 -26.32 -17.41 -14.80
C VAL A 85 -25.94 -15.97 -15.13
N SER A 86 -25.03 -15.79 -16.07
CA SER A 86 -24.61 -14.48 -16.52
C SER A 86 -25.68 -13.89 -17.45
N TRP A 87 -26.42 -12.90 -16.94
CA TRP A 87 -27.44 -12.23 -17.75
C TRP A 87 -26.93 -11.75 -19.11
N PRO A 88 -25.79 -11.04 -19.21
CA PRO A 88 -25.33 -10.61 -20.54
C PRO A 88 -24.79 -11.74 -21.40
N ARG A 89 -24.54 -12.91 -20.82
CA ARG A 89 -24.29 -14.07 -21.68
C ARG A 89 -25.59 -14.55 -22.33
N ILE A 90 -26.74 -14.30 -21.70
CA ILE A 90 -28.03 -14.70 -22.25
C ILE A 90 -28.63 -13.62 -23.13
N PHE A 91 -28.59 -12.36 -22.67
CA PHE A 91 -29.05 -11.20 -23.44
C PHE A 91 -27.89 -10.21 -23.50
N PRO A 92 -27.10 -10.25 -24.57
CA PRO A 92 -25.94 -9.35 -24.66
C PRO A 92 -26.27 -7.88 -24.51
N GLN A 93 -27.44 -7.44 -25.00
CA GLN A 93 -27.91 -6.08 -24.80
C GLN A 93 -28.83 -5.96 -23.60
N GLY A 94 -28.96 -7.04 -22.81
CA GLY A 94 -29.80 -7.04 -21.63
C GLY A 94 -31.26 -7.32 -21.91
N ARG A 95 -31.70 -7.01 -23.13
CA ARG A 95 -33.08 -7.26 -23.55
C ARG A 95 -33.08 -7.49 -25.04
N GLY A 96 -34.21 -7.94 -25.58
CA GLY A 96 -34.33 -8.16 -27.01
C GLY A 96 -33.93 -9.60 -27.39
N GLU A 97 -32.86 -9.73 -28.17
CA GLU A 97 -32.52 -11.02 -28.78
C GLU A 97 -31.68 -11.86 -27.81
N ALA A 98 -32.05 -13.12 -27.67
CA ALA A 98 -31.34 -14.03 -26.76
C ALA A 98 -30.15 -14.68 -27.47
N ASN A 99 -29.15 -15.04 -26.69
CA ASN A 99 -27.91 -15.62 -27.21
C ASN A 99 -27.99 -17.13 -27.02
N GLU A 100 -28.22 -17.86 -28.11
CA GLU A 100 -28.43 -19.31 -27.98
C GLU A 100 -27.18 -20.00 -27.44
N SER A 101 -25.98 -19.55 -27.84
CA SER A 101 -24.75 -20.13 -27.28
C SER A 101 -24.75 -20.06 -25.76
N GLY A 102 -25.23 -18.95 -25.21
CA GLY A 102 -25.25 -18.81 -23.75
C GLY A 102 -26.30 -19.70 -23.12
N LEU A 103 -27.49 -19.75 -23.72
CA LEU A 103 -28.50 -20.65 -23.19
C LEU A 103 -28.01 -22.10 -23.26
N ARG A 104 -27.27 -22.43 -24.32
CA ARG A 104 -26.82 -23.80 -24.50
C ARG A 104 -25.78 -24.18 -23.45
N PHE A 105 -24.92 -23.23 -23.08
CA PHE A 105 -23.90 -23.51 -22.06
C PHE A 105 -24.54 -23.95 -20.76
N TYR A 106 -25.46 -23.16 -20.21
CA TYR A 106 -26.08 -23.52 -18.94
C TYR A 106 -26.98 -24.73 -19.07
N ASP A 107 -27.58 -24.94 -20.25
CA ASP A 107 -28.31 -26.18 -20.49
C ASP A 107 -27.39 -27.41 -20.38
N ASP A 108 -26.21 -27.33 -20.99
CA ASP A 108 -25.23 -28.42 -20.87
C ASP A 108 -24.73 -28.55 -19.43
N LEU A 109 -24.48 -27.43 -18.74
CA LEU A 109 -24.08 -27.50 -17.34
C LEU A 109 -25.11 -28.24 -16.51
N ILE A 110 -26.40 -27.89 -16.69
CA ILE A 110 -27.46 -28.53 -15.92
C ILE A 110 -27.53 -30.02 -16.20
N ASN A 111 -27.42 -30.42 -17.46
CA ASN A 111 -27.47 -31.84 -17.79
C ASN A 111 -26.28 -32.58 -17.20
N GLU A 112 -25.11 -31.94 -17.19
CA GLU A 112 -23.92 -32.55 -16.58
C GLU A 112 -24.14 -32.76 -15.09
N LEU A 113 -24.74 -31.77 -14.42
CA LEU A 113 -25.04 -31.92 -12.99
C LEU A 113 -26.03 -33.05 -12.74
N LEU A 114 -27.15 -33.06 -13.46
CA LEU A 114 -28.18 -34.07 -13.24
C LEU A 114 -27.64 -35.47 -13.51
N ALA A 115 -26.69 -35.61 -14.44
CA ALA A 115 -26.11 -36.92 -14.71
C ALA A 115 -25.46 -37.50 -13.46
N HIS A 116 -24.98 -36.65 -12.55
CA HIS A 116 -24.33 -37.08 -11.32
C HIS A 116 -25.22 -36.94 -10.10
N ASP A 117 -26.54 -36.80 -10.31
CA ASP A 117 -27.51 -36.65 -9.23
C ASP A 117 -27.17 -35.48 -8.31
N ILE A 118 -26.67 -34.40 -8.91
CA ILE A 118 -26.42 -33.14 -8.21
C ILE A 118 -27.60 -32.21 -8.49
N GLU A 119 -28.22 -31.68 -7.44
CA GLU A 119 -29.31 -30.70 -7.61
C GLU A 119 -28.76 -29.35 -8.04
N PRO A 120 -29.16 -28.82 -9.20
CA PRO A 120 -28.76 -27.45 -9.53
C PRO A 120 -29.50 -26.48 -8.63
N VAL A 121 -28.78 -25.46 -8.18
CA VAL A 121 -29.36 -24.31 -7.50
C VAL A 121 -28.96 -23.08 -8.32
N LEU A 122 -29.91 -22.53 -9.07
CA LEU A 122 -29.64 -21.51 -10.08
C LEU A 122 -29.90 -20.12 -9.52
N THR A 123 -28.84 -19.32 -9.42
CA THR A 123 -28.94 -17.92 -8.98
C THR A 123 -29.20 -17.04 -10.19
N LEU A 124 -30.34 -16.34 -10.20
CA LEU A 124 -30.73 -15.52 -11.35
C LEU A 124 -29.85 -14.28 -11.49
N TYR A 125 -29.58 -13.58 -10.39
CA TYR A 125 -28.81 -12.33 -10.44
C TYR A 125 -27.70 -12.35 -9.41
N HIS A 126 -26.47 -12.40 -9.87
CA HIS A 126 -25.31 -12.35 -9.00
C HIS A 126 -24.37 -11.23 -9.46
N TRP A 127 -24.94 -10.02 -9.59
CA TRP A 127 -24.28 -8.71 -9.66
C TRP A 127 -23.83 -8.33 -11.07
N ASP A 128 -24.04 -9.16 -12.09
CA ASP A 128 -23.42 -8.87 -13.39
C ASP A 128 -24.46 -8.28 -14.35
N LEU A 129 -25.04 -7.16 -13.94
CA LEU A 129 -25.93 -6.39 -14.79
C LEU A 129 -25.29 -6.19 -16.15
N PRO A 130 -26.03 -6.39 -17.25
CA PRO A 130 -25.50 -6.02 -18.57
C PRO A 130 -25.15 -4.54 -18.62
N GLN A 131 -23.95 -4.24 -19.12
CA GLN A 131 -23.53 -2.84 -19.27
C GLN A 131 -24.49 -2.06 -20.18
N ALA A 132 -25.10 -2.73 -21.16
CA ALA A 132 -26.03 -2.07 -22.07
C ALA A 132 -27.21 -1.45 -21.34
N LEU A 133 -27.69 -2.09 -20.27
CA LEU A 133 -28.81 -1.56 -19.50
C LEU A 133 -28.40 -0.40 -18.57
N MET A 134 -27.19 -0.45 -18.00
CA MET A 134 -26.61 0.77 -17.45
C MET A 134 -26.54 1.91 -18.45
N ASP A 135 -25.98 1.64 -19.63
CA ASP A 135 -25.86 2.66 -20.66
C ASP A 135 -27.23 3.22 -21.05
N GLU A 136 -28.21 2.33 -21.19
CA GLU A 136 -29.51 2.75 -21.74
C GLU A 136 -30.30 3.57 -20.73
N TYR A 137 -30.40 3.10 -19.49
CA TYR A 137 -31.30 3.78 -18.56
C TYR A 137 -30.82 3.76 -17.11
N GLY A 138 -29.57 3.44 -16.84
CA GLY A 138 -29.08 3.47 -15.48
C GLY A 138 -29.40 2.26 -14.63
N GLY A 139 -29.61 1.10 -15.27
CA GLY A 139 -29.73 -0.14 -14.52
C GLY A 139 -30.84 -0.08 -13.48
N PHE A 140 -30.49 -0.41 -12.24
CA PHE A 140 -31.51 -0.50 -11.20
C PHE A 140 -32.01 0.85 -10.74
N GLU A 141 -31.52 1.95 -11.28
CA GLU A 141 -32.09 3.25 -10.98
C GLU A 141 -33.31 3.58 -11.85
N SER A 142 -33.71 2.66 -12.72
CA SER A 142 -34.90 2.85 -13.56
C SER A 142 -35.88 1.71 -13.34
N ARG A 143 -37.17 2.06 -13.28
CA ARG A 143 -38.20 1.04 -13.16
C ARG A 143 -38.31 0.19 -14.41
N ARG A 144 -37.69 0.60 -15.53
CA ARG A 144 -37.65 -0.27 -16.70
C ARG A 144 -36.98 -1.60 -16.40
N ILE A 145 -36.12 -1.67 -15.38
CA ILE A 145 -35.39 -2.90 -15.12
C ILE A 145 -36.35 -4.00 -14.64
N ILE A 146 -37.48 -3.62 -14.04
CA ILE A 146 -38.45 -4.61 -13.58
C ILE A 146 -38.92 -5.49 -14.74
N GLU A 147 -39.33 -4.88 -15.85
CA GLU A 147 -39.77 -5.65 -17.01
CA GLU A 147 -39.77 -5.65 -17.01
C GLU A 147 -38.62 -6.42 -17.64
N ASP A 148 -37.44 -5.80 -17.79
CA ASP A 148 -36.31 -6.46 -18.45
C ASP A 148 -35.75 -7.60 -17.60
N PHE A 149 -35.60 -7.40 -16.30
CA PHE A 149 -35.19 -8.52 -15.43
C PHE A 149 -36.21 -9.66 -15.50
N ASN A 150 -37.51 -9.32 -15.47
CA ASN A 150 -38.53 -10.36 -15.54
C ASN A 150 -38.44 -11.16 -16.82
N ALA A 151 -38.28 -10.47 -17.97
CA ALA A 151 -38.21 -11.17 -19.26
C ALA A 151 -37.01 -12.11 -19.32
N TYR A 152 -35.88 -11.68 -18.76
CA TYR A 152 -34.71 -12.55 -18.65
C TYR A 152 -35.03 -13.77 -17.78
N CYS A 153 -35.64 -13.55 -16.62
CA CYS A 153 -35.92 -14.69 -15.72
C CYS A 153 -36.85 -15.68 -16.39
N VAL A 154 -37.89 -15.17 -17.08
CA VAL A 154 -38.88 -16.05 -17.68
C VAL A 154 -38.25 -16.93 -18.76
N THR A 155 -37.27 -16.37 -19.49
CA THR A 155 -36.55 -17.17 -20.49
C THR A 155 -35.91 -18.39 -19.85
N LEU A 156 -35.30 -18.23 -18.67
CA LEU A 156 -34.66 -19.33 -17.99
C LEU A 156 -35.68 -20.27 -17.36
N TYR A 157 -36.75 -19.71 -16.78
CA TYR A 157 -37.81 -20.54 -16.20
C TYR A 157 -38.36 -21.53 -17.23
N LYS A 158 -38.57 -21.06 -18.45
CA LYS A 158 -39.14 -21.92 -19.49
C LYS A 158 -38.19 -23.05 -19.88
N ARG A 159 -36.94 -22.71 -20.18
CA ARG A 159 -36.02 -23.71 -20.72
C ARG A 159 -35.51 -24.66 -19.64
N TYR A 160 -35.28 -24.16 -18.42
CA TYR A 160 -34.66 -24.96 -17.38
C TYR A 160 -35.60 -25.40 -16.28
N GLY A 161 -36.82 -24.87 -16.23
CA GLY A 161 -37.69 -25.09 -15.08
C GLY A 161 -38.18 -26.52 -14.93
N GLY A 162 -38.24 -27.28 -16.02
CA GLY A 162 -38.59 -28.68 -15.90
C GLY A 162 -37.55 -29.48 -15.14
N ARG A 163 -36.29 -29.04 -15.18
CA ARG A 163 -35.18 -29.78 -14.57
C ARG A 163 -34.63 -29.14 -13.30
N VAL A 164 -34.76 -27.82 -13.15
CA VAL A 164 -34.20 -27.13 -11.99
C VAL A 164 -35.33 -26.80 -11.01
N LYS A 165 -35.20 -27.31 -9.79
CA LYS A 165 -36.21 -27.07 -8.76
C LYS A 165 -35.88 -25.89 -7.84
N TYR A 166 -34.60 -25.65 -7.56
CA TYR A 166 -34.17 -24.64 -6.60
C TYR A 166 -33.55 -23.46 -7.33
N TRP A 167 -34.09 -22.27 -7.07
CA TRP A 167 -33.68 -21.02 -7.72
C TRP A 167 -33.44 -19.97 -6.65
N VAL A 168 -32.45 -19.12 -6.88
CA VAL A 168 -32.20 -17.96 -6.04
C VAL A 168 -32.48 -16.74 -6.90
N SER A 169 -33.19 -15.75 -6.35
CA SER A 169 -33.56 -14.61 -7.18
C SER A 169 -32.43 -13.59 -7.22
N LEU A 170 -32.35 -12.72 -6.21
CA LEU A 170 -31.26 -11.75 -6.09
C LEU A 170 -30.25 -12.23 -5.04
N ASN A 171 -28.96 -12.19 -5.39
CA ASN A 171 -27.90 -12.52 -4.46
C ASN A 171 -27.39 -11.26 -3.77
N GLU A 172 -27.46 -11.25 -2.43
CA GLU A 172 -26.93 -10.18 -1.57
C GLU A 172 -27.23 -8.79 -2.11
N GLN A 173 -28.52 -8.55 -2.35
CA GLN A 173 -28.95 -7.21 -2.73
C GLN A 173 -28.43 -6.15 -1.75
N ASN A 174 -28.50 -6.44 -0.44
CA ASN A 174 -28.07 -5.46 0.56
C ASN A 174 -26.59 -5.13 0.43
N TYR A 175 -25.74 -6.15 0.30
CA TYR A 175 -24.29 -5.94 0.27
C TYR A 175 -23.84 -5.34 -1.05
N ASN A 176 -24.37 -5.87 -2.14
CA ASN A 176 -24.02 -5.39 -3.48
C ASN A 176 -24.47 -3.94 -3.66
N PHE A 177 -25.70 -3.61 -3.27
CA PHE A 177 -26.18 -2.25 -3.47
C PHE A 177 -25.53 -1.29 -2.50
N ASN A 178 -25.14 -1.75 -1.31
CA ASN A 178 -24.41 -0.87 -0.39
C ASN A 178 -23.08 -0.44 -0.99
N HIS A 179 -22.30 -1.40 -1.52
CA HIS A 179 -21.05 -1.03 -2.17
C HIS A 179 -21.28 -0.28 -3.47
N GLY A 180 -22.38 -0.56 -4.17
CA GLY A 180 -22.65 0.11 -5.42
C GLY A 180 -23.03 1.57 -5.25
N PHE A 181 -23.76 1.91 -4.19
CA PHE A 181 -24.33 3.24 -4.04
C PHE A 181 -23.96 3.98 -2.76
N ILE A 182 -23.28 3.36 -1.80
CA ILE A 182 -22.83 4.03 -0.58
C ILE A 182 -21.31 4.19 -0.56
N THR A 183 -20.58 3.08 -0.74
CA THR A 183 -19.11 3.12 -0.67
C THR A 183 -18.44 3.28 -2.02
N ALA A 184 -19.16 3.08 -3.12
CA ALA A 184 -18.62 3.13 -4.47
C ALA A 184 -17.58 2.02 -4.73
N MET A 185 -17.56 0.95 -3.95
CA MET A 185 -16.61 -0.13 -4.21
C MET A 185 -17.09 -1.13 -5.24
N HIS A 186 -18.38 -1.10 -5.61
CA HIS A 186 -18.99 -1.88 -6.67
C HIS A 186 -19.55 -0.92 -7.70
N PRO A 187 -19.80 -1.37 -8.93
CA PRO A 187 -20.57 -0.54 -9.86
C PRO A 187 -21.96 -0.29 -9.29
N PRO A 188 -22.54 0.89 -9.56
CA PRO A 188 -22.03 1.95 -10.44
C PRO A 188 -21.04 2.92 -9.83
N GLY A 189 -20.45 2.64 -8.67
CA GLY A 189 -19.44 3.54 -8.12
C GLY A 189 -19.99 4.82 -7.54
N VAL A 190 -21.12 4.77 -6.83
CA VAL A 190 -21.82 5.96 -6.38
C VAL A 190 -21.71 6.05 -4.85
N LYS A 191 -21.79 7.26 -4.32
CA LYS A 191 -21.87 7.49 -2.87
C LYS A 191 -23.05 8.43 -2.63
N ASP A 192 -24.25 7.88 -2.50
CA ASP A 192 -25.42 8.74 -2.34
C ASP A 192 -26.52 7.91 -1.68
N ARG A 193 -26.93 8.30 -0.48
CA ARG A 193 -27.86 7.47 0.27
C ARG A 193 -29.25 7.48 -0.36
N LYS A 194 -29.69 8.61 -0.93
CA LYS A 194 -30.98 8.66 -1.60
C LYS A 194 -31.03 7.69 -2.77
N ARG A 195 -30.01 7.72 -3.62
CA ARG A 195 -29.95 6.79 -4.74
C ARG A 195 -29.89 5.35 -4.27
N PHE A 196 -29.16 5.09 -3.18
CA PHE A 196 -29.07 3.74 -2.62
C PHE A 196 -30.45 3.18 -2.29
N TYR A 197 -31.24 3.95 -1.53
CA TYR A 197 -32.56 3.43 -1.16
C TYR A 197 -33.51 3.38 -2.36
N GLU A 198 -33.40 4.32 -3.32
CA GLU A 198 -34.30 4.23 -4.49
C GLU A 198 -33.95 3.04 -5.37
N ALA A 199 -32.67 2.77 -5.56
CA ALA A 199 -32.27 1.60 -6.36
C ALA A 199 -32.64 0.29 -5.65
N ASN A 200 -32.49 0.24 -4.32
CA ASN A 200 -32.95 -0.93 -3.59
C ASN A 200 -34.45 -1.13 -3.77
N HIS A 201 -35.21 -0.05 -3.78
CA HIS A 201 -36.66 -0.18 -3.89
C HIS A 201 -37.02 -0.80 -5.23
N ILE A 202 -36.38 -0.35 -6.30
CA ILE A 202 -36.61 -0.93 -7.61
C ILE A 202 -36.17 -2.39 -7.66
N ALA A 203 -35.06 -2.72 -6.98
CA ALA A 203 -34.62 -4.11 -6.94
C ALA A 203 -35.63 -5.01 -6.21
N PHE A 204 -36.20 -4.51 -5.10
CA PHE A 204 -37.26 -5.25 -4.43
C PHE A 204 -38.42 -5.51 -5.37
N LEU A 205 -38.79 -4.50 -6.17
CA LEU A 205 -39.88 -4.66 -7.13
C LEU A 205 -39.53 -5.69 -8.18
N ALA A 206 -38.27 -5.67 -8.68
CA ALA A 206 -37.87 -6.66 -9.67
C ALA A 206 -37.83 -8.05 -9.06
N ASN A 207 -37.43 -8.16 -7.80
CA ASN A 207 -37.43 -9.46 -7.11
C ASN A 207 -38.84 -10.00 -7.00
N ALA A 208 -39.79 -9.15 -6.57
CA ALA A 208 -41.15 -9.62 -6.37
C ALA A 208 -41.80 -9.98 -7.70
N LYS A 209 -41.50 -9.23 -8.76
CA LYS A 209 -42.06 -9.54 -10.07
C LYS A 209 -41.53 -10.88 -10.58
N ALA A 210 -40.22 -11.10 -10.45
CA ALA A 210 -39.64 -12.35 -10.91
C ALA A 210 -40.19 -13.53 -10.13
N ILE A 211 -40.42 -13.36 -8.83
CA ILE A 211 -40.96 -14.45 -8.02
C ILE A 211 -42.42 -14.71 -8.35
N ASP A 212 -43.20 -13.65 -8.58
CA ASP A 212 -44.57 -13.83 -9.03
C ASP A 212 -44.63 -14.61 -10.34
N SER A 213 -43.77 -14.26 -11.31
CA SER A 213 -43.70 -15.03 -12.55
C SER A 213 -43.33 -16.49 -12.29
N PHE A 214 -42.40 -16.73 -11.36
CA PHE A 214 -41.96 -18.09 -11.05
C PHE A 214 -43.13 -18.97 -10.60
N ARG A 215 -44.09 -18.39 -9.87
CA ARG A 215 -45.27 -19.14 -9.42
C ARG A 215 -46.10 -19.65 -10.60
N ARG A 216 -46.03 -18.97 -11.75
CA ARG A 216 -46.82 -19.42 -12.89
C ARG A 216 -46.03 -20.34 -13.80
N TYR A 217 -44.75 -20.04 -14.03
CA TYR A 217 -43.95 -20.85 -14.97
C TYR A 217 -43.32 -22.08 -14.32
N VAL A 218 -43.00 -22.03 -13.03
CA VAL A 218 -42.39 -23.16 -12.34
C VAL A 218 -43.18 -23.43 -11.06
N PRO A 219 -44.43 -23.90 -11.15
CA PRO A 219 -45.25 -24.01 -9.94
C PRO A 219 -44.77 -25.09 -8.97
N ASP A 220 -43.94 -26.03 -9.40
CA ASP A 220 -43.39 -27.03 -8.51
C ASP A 220 -42.01 -26.66 -7.99
N GLY A 221 -41.48 -25.48 -8.37
CA GLY A 221 -40.15 -25.09 -7.96
C GLY A 221 -40.15 -24.34 -6.63
N LYS A 222 -38.95 -24.03 -6.15
CA LYS A 222 -38.77 -23.31 -4.90
C LYS A 222 -37.82 -22.16 -5.16
N ILE A 223 -38.16 -20.96 -4.67
CA ILE A 223 -37.34 -19.78 -4.93
C ILE A 223 -37.25 -18.89 -3.70
N GLY A 224 -36.11 -18.19 -3.58
CA GLY A 224 -35.91 -17.23 -2.53
C GLY A 224 -34.72 -16.34 -2.83
N PRO A 225 -34.63 -15.19 -2.16
CA PRO A 225 -33.42 -14.38 -2.27
C PRO A 225 -32.34 -14.94 -1.34
N SER A 226 -31.09 -14.62 -1.66
CA SER A 226 -29.97 -14.96 -0.78
C SER A 226 -29.47 -13.67 -0.14
N PHE A 227 -29.72 -13.54 1.15
CA PHE A 227 -29.44 -12.32 1.88
C PHE A 227 -28.04 -12.40 2.51
N ALA A 228 -27.29 -11.29 2.41
CA ALA A 228 -25.96 -11.23 3.03
C ALA A 228 -26.19 -10.93 4.50
N TYR A 229 -26.03 -11.94 5.35
CA TYR A 229 -26.59 -11.90 6.70
C TYR A 229 -25.49 -11.85 7.75
N SER A 230 -25.37 -10.71 8.41
CA SER A 230 -24.54 -10.57 9.60
C SER A 230 -25.45 -10.25 10.77
N PRO A 231 -25.80 -11.23 11.62
CA PRO A 231 -26.57 -10.91 12.83
C PRO A 231 -25.82 -9.88 13.67
N ALA A 232 -26.56 -8.96 14.25
CA ALA A 232 -25.98 -7.90 15.06
C ALA A 232 -25.89 -8.33 16.51
N TYR A 233 -24.79 -7.94 17.17
CA TYR A 233 -24.54 -8.08 18.60
C TYR A 233 -24.43 -6.70 19.22
N PRO A 234 -24.91 -6.49 20.44
CA PRO A 234 -24.48 -5.31 21.20
C PRO A 234 -23.10 -5.53 21.82
N LEU A 235 -22.38 -4.43 21.99
CA LEU A 235 -21.05 -4.52 22.61
C LEU A 235 -21.14 -4.85 24.09
N SER A 236 -22.19 -4.40 24.77
CA SER A 236 -22.30 -4.53 26.21
C SER A 236 -23.78 -4.48 26.59
N SER A 237 -24.05 -4.68 27.88
CA SER A 237 -25.38 -4.55 28.43
C SER A 237 -25.69 -3.11 28.86
N ARG A 238 -24.87 -2.15 28.45
CA ARG A 238 -25.26 -0.75 28.62
C ARG A 238 -26.44 -0.47 27.69
N PRO A 239 -27.50 0.18 28.17
CA PRO A 239 -28.68 0.40 27.33
C PRO A 239 -28.39 1.14 26.03
N ASP A 240 -27.43 2.07 26.01
CA ASP A 240 -27.08 2.76 24.77
C ASP A 240 -26.50 1.81 23.74
N ASP A 241 -25.72 0.82 24.19
CA ASP A 241 -25.18 -0.18 23.27
C ASP A 241 -26.26 -1.14 22.81
N ILE A 242 -27.26 -1.43 23.67
CA ILE A 242 -28.38 -2.24 23.24
C ILE A 242 -29.16 -1.51 22.16
N LEU A 243 -29.37 -0.21 22.34
CA LEU A 243 -30.15 0.55 21.38
C LEU A 243 -29.40 0.66 20.04
N ALA A 244 -28.07 0.76 20.09
CA ALA A 244 -27.29 0.69 18.87
C ALA A 244 -27.51 -0.64 18.18
N PHE A 245 -27.50 -1.75 18.94
CA PHE A 245 -27.74 -3.07 18.36
C PHE A 245 -29.14 -3.15 17.77
N GLU A 246 -30.14 -2.63 18.47
CA GLU A 246 -31.51 -2.60 17.93
C GLU A 246 -31.56 -1.85 16.59
N ASN A 247 -30.96 -0.66 16.54
CA ASN A 247 -30.94 0.10 15.30
C ASN A 247 -30.22 -0.66 14.20
N ALA A 248 -29.04 -1.21 14.52
CA ALA A 248 -28.31 -1.99 13.52
C ALA A 248 -29.16 -3.15 12.99
N GLU A 249 -29.86 -3.85 13.87
CA GLU A 249 -30.69 -4.96 13.39
C GLU A 249 -31.80 -4.47 12.47
N GLU A 250 -32.44 -3.36 12.83
CA GLU A 250 -33.54 -2.84 12.01
C GLU A 250 -33.03 -2.33 10.66
N PHE A 251 -31.94 -1.55 10.66
CA PHE A 251 -31.47 -0.91 9.44
C PHE A 251 -30.69 -1.88 8.55
N THR A 252 -29.88 -2.78 9.13
CA THR A 252 -29.04 -3.61 8.27
C THR A 252 -29.68 -4.95 7.92
N ASN A 253 -30.60 -5.46 8.73
CA ASN A 253 -31.23 -6.77 8.48
C ASN A 253 -32.71 -6.70 8.18
N TYR A 254 -33.53 -6.12 9.07
CA TYR A 254 -34.98 -6.11 8.86
C TYR A 254 -35.39 -5.34 7.60
N TRP A 255 -34.61 -4.32 7.19
CA TRP A 255 -34.97 -3.54 6.01
C TRP A 255 -35.18 -4.43 4.80
N TRP A 256 -34.28 -5.39 4.59
CA TRP A 256 -34.44 -6.33 3.49
C TRP A 256 -35.32 -7.52 3.85
N LEU A 257 -35.13 -8.07 5.05
CA LEU A 257 -35.82 -9.30 5.42
C LEU A 257 -37.32 -9.07 5.61
N ASP A 258 -37.72 -7.95 6.22
CA ASP A 258 -39.14 -7.63 6.28
C ASP A 258 -39.72 -7.51 4.87
N MET A 259 -38.99 -6.84 3.97
CA MET A 259 -39.55 -6.62 2.64
C MET A 259 -39.65 -7.95 1.90
N TYR A 260 -38.59 -8.79 2.00
CA TYR A 260 -38.60 -10.09 1.31
C TYR A 260 -39.68 -11.02 1.85
N CYS A 261 -39.90 -11.02 3.16
CA CYS A 261 -40.79 -12.03 3.75
C CYS A 261 -42.19 -11.51 4.06
N ARG A 262 -42.34 -10.24 4.44
CA ARG A 262 -43.66 -9.64 4.70
C ARG A 262 -44.14 -8.74 3.56
N GLY A 263 -43.27 -8.33 2.63
CA GLY A 263 -43.69 -7.39 1.61
C GLY A 263 -43.85 -5.97 2.07
N THR A 264 -43.37 -5.64 3.27
CA THR A 264 -43.46 -4.28 3.79
C THR A 264 -42.12 -3.87 4.38
N TYR A 265 -41.91 -2.52 4.49
CA TYR A 265 -40.72 -1.98 5.12
C TYR A 265 -40.91 -1.91 6.64
N PRO A 266 -39.85 -2.12 7.41
CA PRO A 266 -39.94 -1.87 8.85
C PRO A 266 -40.25 -0.39 9.10
N ASP A 267 -41.21 -0.15 10.00
CA ASP A 267 -41.71 1.20 10.21
C ASP A 267 -40.65 2.14 10.80
N ILE A 268 -39.86 1.64 11.76
CA ILE A 268 -38.90 2.52 12.44
C ILE A 268 -37.86 3.06 11.47
N PRO A 269 -37.18 2.23 10.66
CA PRO A 269 -36.26 2.80 9.66
C PRO A 269 -36.95 3.69 8.62
N LEU A 270 -38.14 3.30 8.16
CA LEU A 270 -38.80 4.08 7.11
C LEU A 270 -39.12 5.48 7.57
N LYS A 271 -39.64 5.63 8.79
CA LYS A 271 -39.93 6.95 9.32
C LYS A 271 -38.65 7.78 9.45
N TYR A 272 -37.55 7.15 9.85
CA TYR A 272 -36.29 7.88 10.00
C TYR A 272 -35.76 8.33 8.65
N LEU A 273 -35.83 7.45 7.65
CA LEU A 273 -35.36 7.82 6.32
C LEU A 273 -36.20 8.94 5.73
N LYS A 274 -37.51 8.92 5.99
CA LYS A 274 -38.39 9.99 5.48
C LYS A 274 -37.96 11.35 6.00
N GLU A 275 -37.59 11.42 7.28
CA GLU A 275 -37.18 12.70 7.86
C GLU A 275 -35.86 13.18 7.28
N LYS A 276 -34.92 12.26 7.03
CA LYS A 276 -33.64 12.65 6.43
C LYS A 276 -33.73 12.87 4.92
N GLY A 277 -34.87 12.63 4.29
CA GLY A 277 -34.99 12.76 2.85
C GLY A 277 -34.46 11.58 2.05
N TRP A 278 -34.19 10.44 2.69
CA TRP A 278 -33.56 9.33 2.00
C TRP A 278 -34.52 8.21 1.66
N ALA A 279 -35.80 8.34 1.98
CA ALA A 279 -36.73 7.23 1.83
C ALA A 279 -37.03 6.94 0.36
N PRO A 280 -37.33 5.68 0.02
CA PRO A 280 -37.70 5.36 -1.36
C PRO A 280 -39.06 5.92 -1.68
N THR A 281 -39.27 6.28 -2.94
CA THR A 281 -40.57 6.75 -3.38
C THR A 281 -41.46 5.55 -3.72
N ILE A 282 -42.59 5.43 -3.02
CA ILE A 282 -43.54 4.34 -3.23
C ILE A 282 -44.57 4.83 -4.24
N GLU A 283 -44.62 4.19 -5.40
CA GLU A 283 -45.57 4.58 -6.43
C GLU A 283 -46.81 3.70 -6.35
N ASP A 284 -47.86 4.12 -7.07
CA ASP A 284 -49.08 3.33 -7.15
C ASP A 284 -48.78 1.91 -7.62
N GLY A 285 -49.39 0.94 -6.96
CA GLY A 285 -49.20 -0.46 -7.33
C GLY A 285 -47.95 -1.11 -6.77
N ASP A 286 -47.04 -0.35 -6.16
CA ASP A 286 -45.83 -0.96 -5.59
C ASP A 286 -46.17 -1.96 -4.49
N MET A 287 -46.96 -1.56 -3.50
CA MET A 287 -47.20 -2.47 -2.39
C MET A 287 -47.97 -3.71 -2.83
N GLU A 288 -48.82 -3.59 -3.86
CA GLU A 288 -49.53 -4.75 -4.39
C GLU A 288 -48.57 -5.73 -5.05
N LEU A 289 -47.57 -5.24 -5.80
CA LEU A 289 -46.58 -6.13 -6.38
C LEU A 289 -45.71 -6.77 -5.31
N LEU A 290 -45.22 -5.95 -4.39
CA LEU A 290 -44.31 -6.44 -3.37
C LEU A 290 -44.95 -7.56 -2.55
N ALA A 291 -46.28 -7.50 -2.37
CA ALA A 291 -46.99 -8.53 -1.64
C ALA A 291 -46.98 -9.87 -2.35
N LYS A 292 -46.64 -9.91 -3.63
CA LYS A 292 -46.64 -11.16 -4.40
C LYS A 292 -45.27 -11.85 -4.39
N GLY A 293 -44.25 -11.26 -3.76
CA GLY A 293 -42.91 -11.79 -3.83
C GLY A 293 -42.51 -12.73 -2.72
N LYS A 294 -43.45 -13.24 -1.93
CA LYS A 294 -43.08 -14.08 -0.78
C LYS A 294 -42.32 -15.33 -1.24
N PRO A 295 -41.19 -15.64 -0.65
CA PRO A 295 -40.35 -16.75 -1.11
C PRO A 295 -40.69 -18.09 -0.44
N ASP A 296 -40.19 -19.17 -1.05
CA ASP A 296 -40.31 -20.49 -0.42
C ASP A 296 -39.28 -20.69 0.68
N PHE A 297 -38.14 -20.01 0.60
CA PHE A 297 -37.11 -20.14 1.62
C PHE A 297 -36.34 -18.83 1.65
N VAL A 298 -35.62 -18.62 2.73
CA VAL A 298 -34.68 -17.50 2.80
C VAL A 298 -33.29 -18.08 2.63
N GLY A 299 -32.60 -17.65 1.57
CA GLY A 299 -31.21 -18.02 1.40
C GLY A 299 -30.34 -17.18 2.30
N VAL A 300 -29.46 -17.83 3.07
CA VAL A 300 -28.61 -17.17 4.06
C VAL A 300 -27.17 -17.28 3.61
N ASN A 301 -26.54 -16.14 3.36
CA ASN A 301 -25.10 -16.06 3.10
C ASN A 301 -24.47 -15.58 4.41
N TYR A 302 -23.82 -16.48 5.15
CA TYR A 302 -23.29 -16.14 6.47
C TYR A 302 -21.79 -16.31 6.50
N TYR A 303 -21.09 -15.28 6.99
CA TYR A 303 -19.65 -15.32 7.22
C TYR A 303 -19.26 -14.87 8.62
N GLN A 304 -19.95 -13.85 9.17
CA GLN A 304 -19.57 -13.31 10.46
C GLN A 304 -20.76 -12.57 11.06
N THR A 305 -20.75 -12.47 12.39
CA THR A 305 -21.57 -11.50 13.09
C THR A 305 -20.86 -10.14 13.09
N ILE A 306 -21.59 -9.11 13.48
CA ILE A 306 -21.04 -7.76 13.67
C ILE A 306 -21.53 -7.23 15.00
N THR A 307 -20.61 -6.68 15.78
CA THR A 307 -20.91 -6.11 17.08
C THR A 307 -20.96 -4.59 16.97
N TYR A 308 -21.93 -3.99 17.65
CA TYR A 308 -22.26 -2.57 17.48
C TYR A 308 -22.28 -1.87 18.83
N GLU A 309 -22.01 -0.57 18.81
CA GLU A 309 -22.06 0.25 20.00
C GLU A 309 -22.58 1.64 19.64
N MET A 310 -22.95 2.39 20.68
CA MET A 310 -23.44 3.75 20.52
C MET A 310 -22.50 4.60 19.67
N ASN A 311 -23.08 5.41 18.81
CA ASN A 311 -22.34 6.27 17.88
C ASN A 311 -22.90 7.68 17.93
N PRO A 312 -22.17 8.64 18.48
CA PRO A 312 -22.67 10.02 18.54
C PRO A 312 -22.90 10.61 17.16
N LEU A 313 -23.60 11.75 17.13
CA LEU A 313 -23.89 12.42 15.88
C LEU A 313 -22.62 12.86 15.16
N ASP A 314 -21.57 13.18 15.90
CA ASP A 314 -20.28 13.52 15.33
C ASP A 314 -19.36 12.31 15.18
N GLY A 315 -19.93 11.10 15.20
CA GLY A 315 -19.16 9.88 15.27
C GLY A 315 -18.76 9.36 13.91
N VAL A 316 -18.36 8.07 13.90
CA VAL A 316 -17.79 7.48 12.71
C VAL A 316 -18.86 7.24 11.65
N SER A 317 -18.47 7.42 10.39
CA SER A 317 -19.30 7.05 9.26
C SER A 317 -18.53 6.10 8.34
N GLU A 318 -17.72 6.66 7.44
CA GLU A 318 -16.98 5.86 6.47
C GLU A 318 -15.72 5.24 7.12
N GLY A 319 -15.25 4.14 6.52
CA GLY A 319 -14.04 3.50 6.96
C GLY A 319 -13.50 2.59 5.87
N LYS A 320 -12.18 2.41 5.86
CA LYS A 320 -11.53 1.67 4.78
C LYS A 320 -11.56 0.17 5.03
N MET A 321 -12.03 -0.58 4.05
CA MET A 321 -12.10 -2.03 4.13
C MET A 321 -10.73 -2.67 3.90
N ASN A 322 -10.50 -3.79 4.58
CA ASN A 322 -9.29 -4.59 4.39
C ASN A 322 -9.43 -5.39 3.10
N THR A 323 -8.67 -5.02 2.06
CA THR A 323 -8.65 -5.76 0.81
C THR A 323 -7.26 -6.33 0.50
N THR A 324 -6.39 -6.40 1.50
CA THR A 324 -5.01 -6.83 1.29
C THR A 324 -4.62 -8.05 2.10
N GLY A 325 -5.45 -8.49 3.04
CA GLY A 325 -5.10 -9.61 3.88
C GLY A 325 -4.17 -9.28 5.03
N GLN A 326 -3.98 -7.99 5.32
CA GLN A 326 -3.17 -7.54 6.44
C GLN A 326 -4.08 -7.44 7.67
N LYS A 327 -3.89 -8.36 8.61
CA LYS A 327 -4.80 -8.49 9.74
C LYS A 327 -4.80 -7.23 10.60
N GLY A 328 -5.98 -6.81 11.04
CA GLY A 328 -6.14 -5.64 11.87
C GLY A 328 -6.22 -4.32 11.12
N SER A 329 -6.23 -4.33 9.79
CA SER A 329 -6.27 -3.08 9.03
C SER A 329 -7.68 -2.61 8.72
N ASN A 330 -8.69 -3.45 8.90
CA ASN A 330 -10.07 -3.04 8.67
C ASN A 330 -10.46 -1.92 9.64
N GLN A 331 -11.19 -0.93 9.13
CA GLN A 331 -11.61 0.22 9.91
C GLN A 331 -13.10 0.13 10.24
N GLU A 332 -13.48 0.74 11.36
CA GLU A 332 -14.86 0.71 11.81
C GLU A 332 -15.72 1.65 10.96
N THR A 333 -17.02 1.38 10.94
CA THR A 333 -18.00 2.17 10.18
C THR A 333 -19.26 2.35 11.01
N GLY A 334 -20.15 3.22 10.57
CA GLY A 334 -21.43 3.36 11.26
C GLY A 334 -22.30 4.42 10.64
N MET A 335 -23.48 4.59 11.25
CA MET A 335 -24.42 5.68 10.99
C MET A 335 -24.45 6.62 12.19
N PRO A 336 -23.95 7.85 12.06
CA PRO A 336 -23.92 8.78 13.19
C PRO A 336 -25.29 8.93 13.84
N GLY A 337 -25.32 8.87 15.17
CA GLY A 337 -26.56 8.88 15.91
C GLY A 337 -27.27 7.54 16.01
N LEU A 338 -26.88 6.54 15.23
CA LEU A 338 -27.55 5.23 15.22
C LEU A 338 -26.67 4.11 15.76
N TYR A 339 -25.50 3.87 15.16
CA TYR A 339 -24.65 2.77 15.61
C TYR A 339 -23.30 2.87 14.93
N LYS A 340 -22.32 2.17 15.50
CA LYS A 340 -21.02 2.01 14.89
C LYS A 340 -20.52 0.60 15.18
N THR A 341 -19.79 0.04 14.21
CA THR A 341 -19.21 -1.27 14.42
C THR A 341 -18.07 -1.20 15.43
N LYS A 342 -17.78 -2.34 16.04
CA LYS A 342 -16.65 -2.46 16.95
C LYS A 342 -16.14 -3.88 16.83
N ARG A 343 -14.82 -4.03 16.71
CA ARG A 343 -14.23 -5.35 16.69
C ARG A 343 -14.69 -6.11 17.93
N ASN A 344 -15.20 -7.32 17.73
CA ASN A 344 -15.61 -8.16 18.86
C ASN A 344 -14.39 -8.66 19.62
N PRO A 345 -14.22 -8.31 20.89
CA PRO A 345 -13.02 -8.75 21.62
C PRO A 345 -12.99 -10.25 21.88
N HIS A 346 -14.12 -10.95 21.79
CA HIS A 346 -14.18 -12.37 22.10
C HIS A 346 -14.08 -13.26 20.88
N LEU A 347 -13.72 -12.72 19.71
CA LEU A 347 -13.72 -13.51 18.49
C LEU A 347 -12.35 -13.45 17.80
N GLU A 348 -11.88 -14.60 17.33
CA GLU A 348 -10.77 -14.61 16.38
C GLU A 348 -11.25 -14.07 15.03
N THR A 349 -10.30 -13.60 14.21
CA THR A 349 -10.61 -13.11 12.87
C THR A 349 -9.67 -13.73 11.85
N SER A 350 -10.07 -13.65 10.58
CA SER A 350 -9.21 -14.04 9.47
C SER A 350 -8.20 -12.93 9.20
N ASN A 351 -7.28 -13.19 8.27
CA ASN A 351 -6.35 -12.14 7.83
C ASN A 351 -7.04 -10.98 7.14
N TRP A 352 -8.28 -11.16 6.71
CA TRP A 352 -9.09 -10.07 6.17
C TRP A 352 -10.02 -9.47 7.22
N ASP A 353 -9.81 -9.79 8.50
CA ASP A 353 -10.57 -9.24 9.62
C ASP A 353 -12.04 -9.64 9.61
N TRP A 354 -12.38 -10.79 9.01
CA TRP A 354 -13.73 -11.34 9.11
C TRP A 354 -13.82 -12.25 10.33
N ALA A 355 -14.76 -11.97 11.21
CA ALA A 355 -14.82 -12.64 12.50
C ALA A 355 -15.27 -14.09 12.34
N ILE A 356 -14.61 -14.98 13.07
CA ILE A 356 -14.97 -16.40 13.10
C ILE A 356 -15.94 -16.62 14.25
N ASP A 357 -17.22 -16.80 13.92
CA ASP A 357 -18.29 -16.91 14.92
C ASP A 357 -19.26 -18.00 14.51
N PRO A 358 -18.90 -19.27 14.75
CA PRO A 358 -19.82 -20.36 14.36
C PRO A 358 -21.12 -20.35 15.17
N ILE A 359 -21.09 -20.00 16.46
CA ILE A 359 -22.34 -19.88 17.20
C ILE A 359 -23.24 -18.80 16.62
N GLY A 360 -22.64 -17.74 16.04
CA GLY A 360 -23.43 -16.71 15.38
C GLY A 360 -24.30 -17.23 14.24
N LEU A 361 -23.85 -18.28 13.55
CA LEU A 361 -24.68 -18.91 12.54
C LEU A 361 -25.95 -19.48 13.15
N ARG A 362 -25.80 -20.24 14.24
CA ARG A 362 -26.94 -20.78 14.98
C ARG A 362 -27.86 -19.67 15.44
N ILE A 363 -27.30 -18.60 16.00
CA ILE A 363 -28.10 -17.45 16.44
C ILE A 363 -28.84 -16.84 15.26
N GLY A 364 -28.16 -16.67 14.13
CA GLY A 364 -28.81 -16.04 12.99
C GLY A 364 -29.91 -16.91 12.39
N LEU A 365 -29.67 -18.22 12.30
CA LEU A 365 -30.71 -19.12 11.80
C LEU A 365 -31.95 -19.06 12.69
N ARG A 366 -31.75 -19.04 14.01
CA ARG A 366 -32.89 -18.98 14.93
C ARG A 366 -33.66 -17.68 14.78
N ARG A 367 -32.96 -16.56 14.59
CA ARG A 367 -33.61 -15.25 14.51
C ARG A 367 -34.54 -15.16 13.32
N ILE A 368 -34.05 -15.54 12.13
CA ILE A 368 -34.90 -15.53 10.93
C ILE A 368 -36.03 -16.55 11.06
N SER A 369 -35.73 -17.72 11.61
CA SER A 369 -36.75 -18.75 11.80
C SER A 369 -37.85 -18.26 12.74
N SER A 370 -37.46 -17.62 13.84
CA SER A 370 -38.43 -17.16 14.84
C SER A 370 -39.28 -16.00 14.30
N ARG A 371 -38.65 -15.03 13.62
CA ARG A 371 -39.38 -13.84 13.20
C ARG A 371 -40.30 -14.12 12.01
N TYR A 372 -39.84 -14.88 11.01
CA TYR A 372 -40.60 -15.04 9.78
C TYR A 372 -41.15 -16.45 9.54
N GLY A 373 -40.65 -17.47 10.24
CA GLY A 373 -41.25 -18.80 10.12
C GLY A 373 -41.14 -19.43 8.74
N LEU A 374 -40.04 -19.19 8.04
CA LEU A 374 -39.83 -19.76 6.71
C LEU A 374 -38.69 -20.77 6.75
N PRO A 375 -38.67 -21.74 5.82
CA PRO A 375 -37.50 -22.61 5.71
C PRO A 375 -36.26 -21.78 5.36
N LEU A 376 -35.10 -22.26 5.81
CA LEU A 376 -33.83 -21.59 5.55
C LEU A 376 -32.91 -22.48 4.72
N PHE A 377 -32.08 -21.84 3.90
CA PHE A 377 -31.13 -22.52 3.02
C PHE A 377 -29.83 -21.75 3.11
N ILE A 378 -28.78 -22.34 3.68
CA ILE A 378 -27.49 -21.65 3.73
C ILE A 378 -26.88 -21.76 2.33
N THR A 379 -26.84 -20.63 1.62
CA THR A 379 -26.39 -20.62 0.24
C THR A 379 -24.93 -20.22 0.11
N GLU A 380 -24.32 -19.73 1.20
CA GLU A 380 -22.90 -19.39 1.28
C GLU A 380 -22.42 -19.47 2.72
N ASN A 381 -21.27 -20.11 2.90
CA ASN A 381 -20.55 -20.07 4.16
C ASN A 381 -19.15 -20.59 3.89
N GLY A 382 -18.13 -19.88 4.34
CA GLY A 382 -16.77 -20.30 4.07
C GLY A 382 -15.76 -19.34 4.64
N LEU A 383 -14.50 -19.71 4.48
CA LEU A 383 -13.37 -18.96 5.02
C LEU A 383 -12.43 -18.62 3.88
N GLY A 384 -12.20 -17.32 3.65
CA GLY A 384 -11.22 -16.90 2.67
C GLY A 384 -9.86 -16.73 3.32
N GLU A 385 -8.84 -17.45 2.83
CA GLU A 385 -7.52 -17.37 3.44
C GLU A 385 -6.45 -17.58 2.37
N PHE A 386 -5.21 -17.25 2.74
CA PHE A 386 -4.06 -17.62 1.93
C PHE A 386 -3.89 -19.14 1.97
N ASP A 387 -3.61 -19.75 0.81
CA ASP A 387 -3.23 -21.15 0.74
C ASP A 387 -1.82 -21.28 0.17
N LYS A 388 -1.09 -22.28 0.63
CA LYS A 388 0.20 -22.69 0.08
C LYS A 388 0.11 -24.12 -0.44
N VAL A 389 0.79 -24.41 -1.54
CA VAL A 389 0.96 -25.77 -2.02
C VAL A 389 2.24 -26.34 -1.41
N GLU A 390 2.14 -27.56 -0.86
CA GLU A 390 3.25 -28.20 -0.18
C GLU A 390 4.14 -28.95 -1.19
N ASN A 391 5.30 -29.39 -0.70
CA ASN A 391 6.27 -30.06 -1.55
C ASN A 391 5.66 -31.30 -2.21
N ASP A 392 4.78 -32.01 -1.50
CA ASP A 392 4.20 -33.22 -2.05
C ASP A 392 2.99 -32.93 -2.96
N GLY A 393 2.67 -31.66 -3.21
CA GLY A 393 1.56 -31.30 -4.07
C GLY A 393 0.24 -31.08 -3.38
N THR A 394 0.18 -31.24 -2.06
CA THR A 394 -1.06 -31.08 -1.32
C THR A 394 -1.22 -29.65 -0.81
N ILE A 395 -2.45 -29.33 -0.40
CA ILE A 395 -2.77 -28.08 0.29
C ILE A 395 -3.31 -28.47 1.65
N HIS A 396 -2.55 -28.18 2.72
CA HIS A 396 -2.98 -28.54 4.07
C HIS A 396 -3.74 -27.35 4.67
N ASP A 397 -4.98 -27.18 4.21
CA ASP A 397 -5.80 -26.05 4.67
C ASP A 397 -6.62 -26.45 5.91
N ASP A 398 -5.89 -26.76 6.99
CA ASP A 398 -6.57 -27.17 8.21
C ASP A 398 -7.36 -26.01 8.82
N TYR A 399 -6.93 -24.76 8.60
CA TYR A 399 -7.69 -23.60 9.03
C TYR A 399 -9.08 -23.58 8.38
N ARG A 400 -9.15 -23.94 7.09
CA ARG A 400 -10.45 -23.96 6.42
C ARG A 400 -11.33 -25.10 6.94
N ILE A 401 -10.73 -26.28 7.19
CA ILE A 401 -11.47 -27.39 7.77
C ILE A 401 -12.00 -27.00 9.15
N ALA A 402 -11.14 -26.41 9.98
CA ALA A 402 -11.57 -26.01 11.32
C ALA A 402 -12.77 -25.06 11.27
N TYR A 403 -12.75 -24.08 10.37
CA TYR A 403 -13.87 -23.15 10.24
C TYR A 403 -15.14 -23.88 9.83
N LEU A 404 -15.06 -24.66 8.74
CA LEU A 404 -16.26 -25.31 8.21
C LEU A 404 -16.82 -26.32 9.20
N ARG A 405 -15.93 -27.07 9.88
CA ARG A 405 -16.38 -28.02 10.89
C ARG A 405 -17.18 -27.32 11.99
N ALA A 406 -16.65 -26.21 12.51
CA ALA A 406 -17.30 -25.53 13.62
C ALA A 406 -18.67 -25.00 13.22
N HIS A 407 -18.79 -24.48 11.99
CA HIS A 407 -20.07 -23.96 11.54
C HIS A 407 -21.06 -25.08 11.27
N LEU A 408 -20.58 -26.21 10.73
CA LEU A 408 -21.47 -27.35 10.55
C LEU A 408 -21.94 -27.93 11.88
N GLU A 409 -21.08 -27.89 12.93
CA GLU A 409 -21.53 -28.27 14.26
C GLU A 409 -22.67 -27.39 14.75
N GLN A 410 -22.62 -26.09 14.47
CA GLN A 410 -23.70 -25.21 14.90
C GLN A 410 -24.93 -25.33 14.01
N CYS A 411 -24.76 -25.72 12.74
CA CYS A 411 -25.93 -26.10 11.93
C CYS A 411 -26.66 -27.28 12.53
N ARG A 412 -25.92 -28.28 13.02
CA ARG A 412 -26.57 -29.42 13.68
C ARG A 412 -27.35 -28.96 14.90
N GLN A 413 -26.77 -28.07 15.69
CA GLN A 413 -27.44 -27.59 16.90
C GLN A 413 -28.67 -26.76 16.56
N ALA A 414 -28.59 -25.94 15.50
CA ALA A 414 -29.77 -25.19 15.07
C ALA A 414 -30.88 -26.12 14.62
N LEU A 415 -30.53 -27.21 13.94
CA LEU A 415 -31.51 -28.23 13.58
C LEU A 415 -32.10 -28.87 14.83
N ASN A 416 -31.26 -29.16 15.83
CA ASN A 416 -31.78 -29.62 17.12
C ASN A 416 -32.72 -28.59 17.74
N ASP A 417 -32.37 -27.30 17.65
CA ASP A 417 -33.22 -26.25 18.19
C ASP A 417 -34.58 -26.19 17.50
N GLY A 418 -34.70 -26.64 16.26
CA GLY A 418 -35.97 -26.65 15.55
C GLY A 418 -35.99 -25.84 14.27
N VAL A 419 -34.89 -25.19 13.88
CA VAL A 419 -34.85 -24.47 12.61
C VAL A 419 -35.06 -25.45 11.46
N ASP A 420 -35.88 -25.06 10.48
CA ASP A 420 -36.04 -25.84 9.25
C ASP A 420 -34.93 -25.46 8.26
N LEU A 421 -33.73 -26.00 8.50
CA LEU A 421 -32.59 -25.82 7.60
C LEU A 421 -32.61 -26.92 6.55
N ILE A 422 -32.65 -26.54 5.27
CA ILE A 422 -32.83 -27.56 4.22
C ILE A 422 -31.53 -27.94 3.53
N GLY A 423 -30.45 -27.20 3.72
CA GLY A 423 -29.21 -27.53 3.06
C GLY A 423 -28.15 -26.51 3.43
N TYR A 424 -26.95 -26.77 2.92
CA TYR A 424 -25.78 -25.96 3.28
C TYR A 424 -24.85 -25.98 2.08
N CYS A 425 -24.55 -24.80 1.56
CA CYS A 425 -23.64 -24.65 0.42
C CYS A 425 -22.40 -23.89 0.89
N SER A 426 -21.26 -24.56 0.87
CA SER A 426 -20.03 -23.84 1.21
C SER A 426 -19.68 -22.86 0.09
N TRP A 427 -18.99 -21.79 0.46
CA TRP A 427 -18.33 -20.90 -0.50
C TRP A 427 -16.84 -21.11 -0.33
N SER A 428 -16.13 -21.51 -1.40
CA SER A 428 -16.64 -21.76 -2.75
C SER A 428 -16.19 -23.14 -3.19
N PHE A 429 -16.65 -23.63 -4.35
CA PHE A 429 -16.25 -24.98 -4.73
C PHE A 429 -14.81 -25.03 -5.21
N THR A 430 -14.49 -24.28 -6.26
CA THR A 430 -13.11 -24.04 -6.62
C THR A 430 -12.72 -22.66 -6.13
N ASP A 431 -11.41 -22.44 -6.02
CA ASP A 431 -10.90 -21.10 -5.89
C ASP A 431 -11.43 -20.24 -7.05
N LEU A 432 -11.65 -18.96 -6.79
CA LEU A 432 -12.21 -18.10 -7.81
C LEU A 432 -11.79 -16.66 -7.52
N LEU A 433 -12.24 -15.74 -8.35
CA LEU A 433 -11.88 -14.34 -8.17
C LEU A 433 -12.72 -13.75 -7.04
N SER A 434 -12.06 -13.27 -5.98
CA SER A 434 -12.75 -12.41 -5.03
C SER A 434 -12.88 -11.03 -5.65
N TRP A 435 -14.12 -10.54 -5.81
CA TRP A 435 -14.37 -9.26 -6.49
C TRP A 435 -13.35 -8.18 -6.14
N LEU A 436 -13.18 -7.91 -4.84
CA LEU A 436 -12.31 -6.83 -4.38
C LEU A 436 -10.98 -7.29 -3.80
N ASN A 437 -10.80 -8.59 -3.56
CA ASN A 437 -9.61 -9.08 -2.87
C ASN A 437 -8.69 -9.90 -3.76
N GLY A 438 -9.01 -10.06 -5.05
CA GLY A 438 -8.12 -10.79 -5.93
C GLY A 438 -8.23 -12.30 -5.78
N TYR A 439 -7.26 -12.99 -6.39
CA TYR A 439 -7.25 -14.45 -6.33
C TYR A 439 -6.60 -14.99 -5.06
N GLN A 440 -5.83 -14.16 -4.36
CA GLN A 440 -5.09 -14.63 -3.18
C GLN A 440 -5.99 -14.89 -1.97
N LYS A 441 -7.21 -14.35 -1.94
CA LYS A 441 -8.16 -14.69 -0.88
C LYS A 441 -8.97 -15.88 -1.39
N ARG A 442 -8.51 -17.09 -1.05
CA ARG A 442 -9.07 -18.31 -1.59
C ARG A 442 -10.12 -18.91 -0.65
N TYR A 443 -11.19 -19.44 -1.23
CA TYR A 443 -12.26 -20.06 -0.47
C TYR A 443 -12.50 -21.51 -0.89
N GLY A 444 -11.81 -21.99 -1.93
CA GLY A 444 -12.23 -23.22 -2.58
C GLY A 444 -11.90 -24.49 -1.80
N PHE A 445 -12.65 -25.54 -2.13
CA PHE A 445 -12.19 -26.91 -1.87
C PHE A 445 -11.13 -27.34 -2.88
N VAL A 446 -11.12 -26.72 -4.05
CA VAL A 446 -10.23 -27.06 -5.14
C VAL A 446 -9.34 -25.87 -5.42
N TYR A 447 -8.05 -26.05 -5.19
CA TYR A 447 -7.07 -25.00 -5.44
C TYR A 447 -6.93 -24.82 -6.95
N ILE A 448 -6.89 -23.56 -7.40
CA ILE A 448 -6.63 -23.25 -8.80
C ILE A 448 -5.32 -22.49 -8.88
N ASN A 449 -4.41 -23.01 -9.70
CA ASN A 449 -3.06 -22.47 -9.83
C ASN A 449 -3.08 -21.27 -10.76
N ARG A 450 -3.24 -20.08 -10.18
CA ARG A 450 -3.08 -18.81 -10.88
C ARG A 450 -2.87 -17.73 -9.83
N ASP A 451 -2.41 -16.56 -10.26
CA ASP A 451 -2.29 -15.42 -9.35
C ASP A 451 -2.98 -14.23 -10.00
N GLU A 452 -2.69 -13.02 -9.53
CA GLU A 452 -3.56 -11.89 -9.86
C GLU A 452 -3.50 -11.54 -11.35
N GLU A 453 -2.34 -11.66 -11.98
CA GLU A 453 -2.18 -11.27 -13.37
C GLU A 453 -1.60 -12.37 -14.25
N ASN A 454 -1.20 -13.49 -13.69
CA ASN A 454 -0.65 -14.62 -14.43
C ASN A 454 -1.61 -15.79 -14.28
N VAL A 455 -2.13 -16.30 -15.40
CA VAL A 455 -3.07 -17.43 -15.31
C VAL A 455 -2.36 -18.75 -15.08
N LYS A 456 -1.04 -18.84 -15.31
CA LYS A 456 -0.26 -20.07 -15.16
C LYS A 456 -0.94 -21.16 -15.98
N ASP A 457 -1.20 -22.34 -15.41
CA ASP A 457 -1.85 -23.43 -16.10
C ASP A 457 -3.28 -23.66 -15.63
N LEU A 458 -3.75 -22.87 -14.65
CA LEU A 458 -5.11 -23.04 -14.10
C LEU A 458 -5.37 -24.47 -13.63
N LYS A 459 -4.33 -25.15 -13.14
CA LYS A 459 -4.49 -26.53 -12.72
C LYS A 459 -5.39 -26.62 -11.49
N ARG A 460 -6.29 -27.62 -11.50
CA ARG A 460 -7.15 -27.94 -10.37
C ARG A 460 -6.42 -28.90 -9.44
N ILE A 461 -6.32 -28.55 -8.15
CA ILE A 461 -5.70 -29.40 -7.14
C ILE A 461 -6.64 -29.51 -5.94
N LYS A 462 -7.03 -30.74 -5.60
CA LYS A 462 -7.90 -30.95 -4.46
C LYS A 462 -7.16 -30.63 -3.16
N LYS A 463 -7.73 -29.73 -2.36
CA LYS A 463 -7.14 -29.40 -1.06
C LYS A 463 -7.52 -30.46 -0.03
N ASP A 464 -6.84 -30.44 1.13
CA ASP A 464 -7.24 -31.35 2.20
C ASP A 464 -8.70 -31.16 2.61
N SER A 465 -9.21 -29.92 2.53
CA SER A 465 -10.62 -29.68 2.83
C SER A 465 -11.56 -30.41 1.87
N PHE A 466 -11.11 -30.63 0.62
CA PHE A 466 -11.90 -31.41 -0.33
C PHE A 466 -12.22 -32.80 0.22
N TYR A 467 -11.20 -33.48 0.75
CA TYR A 467 -11.39 -34.83 1.27
C TYR A 467 -12.16 -34.84 2.58
N TRP A 468 -12.00 -33.80 3.39
CA TRP A 468 -12.78 -33.70 4.62
C TRP A 468 -14.27 -33.59 4.32
N TYR A 469 -14.62 -32.70 3.41
CA TYR A 469 -16.03 -32.51 3.07
C TYR A 469 -16.57 -33.70 2.30
N GLN A 470 -15.75 -34.28 1.44
CA GLN A 470 -16.13 -35.55 0.81
C GLN A 470 -16.62 -36.53 1.88
N ASN A 471 -15.86 -36.63 2.99
CA ASN A 471 -16.23 -37.57 4.05
C ASN A 471 -17.45 -37.09 4.83
N VAL A 472 -17.62 -35.78 4.99
CA VAL A 472 -18.84 -35.25 5.61
C VAL A 472 -20.06 -35.72 4.83
N ILE A 473 -20.04 -35.56 3.51
CA ILE A 473 -21.17 -36.00 2.72
C ILE A 473 -21.34 -37.51 2.79
N GLN A 474 -20.24 -38.29 2.68
CA GLN A 474 -20.38 -39.75 2.73
C GLN A 474 -21.09 -40.20 3.98
N THR A 475 -20.82 -39.53 5.10
CA THR A 475 -21.34 -39.93 6.41
C THR A 475 -22.58 -39.15 6.81
N ASN A 476 -23.16 -38.40 5.86
CA ASN A 476 -24.28 -37.48 6.10
C ASN A 476 -24.05 -36.62 7.33
N GLY A 477 -22.83 -36.13 7.47
CA GLY A 477 -22.48 -35.25 8.57
C GLY A 477 -22.20 -35.94 9.88
N GLU A 478 -22.08 -37.28 9.88
CA GLU A 478 -21.73 -37.97 11.12
C GLU A 478 -20.32 -37.63 11.57
N GLU A 479 -19.37 -37.57 10.64
CA GLU A 479 -17.97 -37.33 10.96
C GLU A 479 -17.67 -35.86 10.64
N LEU A 480 -17.75 -35.02 11.68
CA LEU A 480 -17.60 -33.56 11.67
C LEU A 480 -18.83 -32.83 11.11
N ILE B 4 -8.41 47.70 -60.67
CA ILE B 4 -7.66 47.72 -59.41
C ILE B 4 -8.10 46.59 -58.48
N HIS B 5 -7.22 45.62 -58.27
CA HIS B 5 -7.52 44.53 -57.36
C HIS B 5 -7.62 45.05 -55.93
N GLN B 6 -8.55 44.47 -55.17
CA GLN B 6 -8.66 44.80 -53.76
C GLN B 6 -7.37 44.47 -53.02
N ARG B 7 -6.85 45.47 -52.32
CA ARG B 7 -5.68 45.29 -51.46
C ARG B 7 -6.13 44.83 -50.09
N LEU B 8 -5.56 43.71 -49.61
CA LEU B 8 -5.85 43.24 -48.26
C LEU B 8 -4.76 43.75 -47.33
N ARG B 9 -5.17 44.22 -46.16
CA ARG B 9 -4.20 44.65 -45.18
C ARG B 9 -3.33 43.48 -44.73
N PRO B 10 -2.07 43.74 -44.38
CA PRO B 10 -1.25 42.67 -43.80
C PRO B 10 -1.76 42.23 -42.44
N PHE B 11 -1.33 41.04 -42.03
CA PHE B 11 -1.59 40.59 -40.68
C PHE B 11 -1.04 41.61 -39.69
N PRO B 12 -1.77 41.92 -38.61
CA PRO B 12 -1.28 42.93 -37.67
C PRO B 12 0.05 42.53 -37.08
N ASP B 13 0.84 43.53 -36.67
CA ASP B 13 2.25 43.30 -36.33
C ASP B 13 2.42 42.25 -35.24
N HIS B 14 1.63 42.33 -34.17
CA HIS B 14 1.79 41.44 -33.02
C HIS B 14 0.89 40.20 -33.10
N PHE B 15 0.49 39.79 -34.31
CA PHE B 15 -0.43 38.66 -34.47
C PHE B 15 0.14 37.39 -33.86
N LEU B 16 -0.65 36.71 -33.04
CA LEU B 16 -0.16 35.53 -32.31
C LEU B 16 -0.25 34.31 -33.22
N TRP B 17 0.84 34.05 -33.95
CA TRP B 17 1.00 32.84 -34.74
C TRP B 17 1.27 31.67 -33.79
N GLY B 18 0.35 30.71 -33.72
CA GLY B 18 0.37 29.74 -32.65
C GLY B 18 0.15 28.31 -33.12
N SER B 19 0.20 27.40 -32.16
CA SER B 19 -0.16 26.01 -32.32
C SER B 19 -0.60 25.54 -30.94
N ALA B 20 -1.27 24.39 -30.89
CA ALA B 20 -1.99 24.03 -29.68
C ALA B 20 -1.91 22.54 -29.41
N SER B 21 -2.19 22.18 -28.16
CA SER B 21 -2.25 20.80 -27.72
C SER B 21 -3.21 20.75 -26.53
N ALA B 22 -3.37 19.55 -25.95
CA ALA B 22 -4.11 19.38 -24.69
C ALA B 22 -3.40 18.33 -23.85
N ALA B 23 -3.52 18.44 -22.51
CA ALA B 23 -2.69 17.64 -21.61
C ALA B 23 -2.86 16.14 -21.81
N TYR B 24 -4.10 15.64 -21.76
CA TYR B 24 -4.30 14.19 -21.84
C TYR B 24 -3.78 13.64 -23.16
N GLN B 25 -3.86 14.43 -24.23
CA GLN B 25 -3.50 13.93 -25.55
C GLN B 25 -2.00 13.85 -25.77
N ILE B 26 -1.18 14.54 -24.95
CA ILE B 26 0.27 14.51 -25.17
C ILE B 26 1.08 14.01 -23.97
N GLU B 27 0.62 14.26 -22.73
CA GLU B 27 1.58 14.25 -21.61
C GLU B 27 2.08 12.86 -21.26
N GLY B 28 1.23 11.84 -21.26
CA GLY B 28 1.62 10.60 -20.62
C GLY B 28 1.79 10.80 -19.12
N ALA B 29 2.69 10.00 -18.52
CA ALA B 29 2.97 10.08 -17.08
C ALA B 29 1.67 10.13 -16.29
N TRP B 30 0.74 9.23 -16.63
CA TRP B 30 -0.62 9.32 -16.12
C TRP B 30 -0.70 9.04 -14.61
N ASN B 31 0.28 8.36 -14.04
CA ASN B 31 0.23 8.01 -12.63
C ASN B 31 1.51 8.42 -11.90
N GLU B 32 2.18 9.45 -12.40
CA GLU B 32 3.48 9.86 -11.88
C GLU B 32 3.35 11.10 -11.00
N ASP B 33 4.28 11.23 -10.04
CA ASP B 33 4.40 12.45 -9.23
C ASP B 33 3.10 12.80 -8.49
N GLY B 34 2.39 11.77 -8.02
CA GLY B 34 1.17 11.97 -7.25
C GLY B 34 -0.06 12.36 -8.05
N LYS B 35 0.02 12.40 -9.38
CA LYS B 35 -1.14 12.79 -10.18
C LYS B 35 -2.34 11.88 -9.89
N GLY B 36 -3.52 12.49 -9.73
CA GLY B 36 -4.73 11.71 -9.57
C GLY B 36 -5.35 11.30 -10.90
N LEU B 37 -6.27 10.32 -10.83
CA LEU B 37 -6.95 9.84 -12.02
C LEU B 37 -7.88 10.92 -12.57
N SER B 38 -7.91 11.08 -13.89
CA SER B 38 -8.95 11.85 -14.54
C SER B 38 -10.04 10.92 -15.08
N VAL B 39 -11.14 11.52 -15.54
CA VAL B 39 -12.21 10.68 -16.06
C VAL B 39 -11.76 10.01 -17.35
N TRP B 40 -10.76 10.57 -18.03
CA TRP B 40 -10.26 9.92 -19.25
C TRP B 40 -9.27 8.79 -18.95
N ASP B 41 -8.47 8.88 -17.87
CA ASP B 41 -7.70 7.71 -17.44
C ASP B 41 -8.61 6.50 -17.23
N VAL B 42 -9.84 6.75 -16.77
CA VAL B 42 -10.82 5.68 -16.57
C VAL B 42 -11.49 5.32 -17.88
N PHE B 43 -12.04 6.32 -18.58
CA PHE B 43 -12.87 6.06 -19.76
C PHE B 43 -12.12 5.29 -20.85
N THR B 44 -10.83 5.62 -21.07
CA THR B 44 -10.08 4.96 -22.15
C THR B 44 -9.81 3.48 -21.85
N LYS B 45 -10.02 3.03 -20.63
CA LYS B 45 -9.88 1.62 -20.28
C LYS B 45 -11.18 0.85 -20.42
N ILE B 46 -12.30 1.53 -20.64
CA ILE B 46 -13.56 0.81 -20.85
C ILE B 46 -13.51 0.12 -22.21
N PRO B 47 -13.76 -1.18 -22.30
CA PRO B 47 -13.70 -1.87 -23.60
C PRO B 47 -14.58 -1.22 -24.65
N GLY B 48 -14.00 -1.01 -25.84
CA GLY B 48 -14.73 -0.49 -26.98
C GLY B 48 -14.87 1.02 -27.08
N LYS B 49 -14.40 1.78 -26.10
CA LYS B 49 -14.59 3.24 -26.17
C LYS B 49 -13.58 3.94 -27.07
N THR B 50 -12.36 3.42 -27.21
CA THR B 50 -11.33 4.10 -27.96
C THR B 50 -10.88 3.24 -29.14
N PHE B 51 -10.34 3.92 -30.15
CA PHE B 51 -9.90 3.22 -31.35
C PHE B 51 -8.78 2.25 -31.03
N LYS B 52 -9.03 0.97 -31.27
CA LYS B 52 -8.07 -0.12 -31.01
C LYS B 52 -7.54 -0.12 -29.58
N GLY B 53 -8.35 0.34 -28.62
CA GLY B 53 -7.91 0.26 -27.24
C GLY B 53 -6.83 1.24 -26.86
N SER B 54 -6.57 2.23 -27.70
CA SER B 54 -5.57 3.25 -27.40
C SER B 54 -5.96 4.07 -26.18
N ASN B 55 -4.95 4.53 -25.44
CA ASN B 55 -5.19 5.40 -24.29
C ASN B 55 -4.02 6.38 -24.17
N GLY B 56 -4.11 7.25 -23.18
CA GLY B 56 -3.07 8.24 -22.95
C GLY B 56 -2.14 7.94 -21.79
N ASP B 57 -1.96 6.67 -21.42
CA ASP B 57 -1.05 6.36 -20.31
C ASP B 57 0.36 6.90 -20.59
N ILE B 58 0.80 6.74 -21.84
CA ILE B 58 2.08 7.26 -22.29
C ILE B 58 1.90 8.40 -23.29
N ALA B 59 0.86 8.32 -24.13
CA ALA B 59 0.57 9.32 -25.17
C ALA B 59 1.82 9.59 -25.99
N VAL B 60 2.32 10.82 -26.03
CA VAL B 60 3.61 11.04 -26.68
C VAL B 60 4.69 11.45 -25.66
N ASP B 61 4.45 11.16 -24.38
CA ASP B 61 5.45 11.32 -23.32
C ASP B 61 5.95 12.76 -23.21
N HIS B 62 5.06 13.73 -23.47
CA HIS B 62 5.48 15.13 -23.42
C HIS B 62 5.87 15.56 -22.02
N TYR B 63 5.29 14.92 -20.99
CA TYR B 63 5.68 15.26 -19.61
C TYR B 63 7.19 15.13 -19.40
N HIS B 64 7.82 14.11 -19.99
CA HIS B 64 9.26 13.98 -19.85
C HIS B 64 10.03 14.64 -20.98
N ARG B 65 9.42 14.81 -22.16
CA ARG B 65 10.15 15.27 -23.33
C ARG B 65 9.80 16.71 -23.70
N PHE B 66 9.24 17.48 -22.76
CA PHE B 66 8.73 18.81 -23.11
C PHE B 66 9.84 19.74 -23.57
N LYS B 67 11.07 19.58 -23.06
CA LYS B 67 12.12 20.49 -23.53
C LYS B 67 12.45 20.24 -24.99
N GLU B 68 12.45 18.98 -25.43
CA GLU B 68 12.61 18.70 -26.85
C GLU B 68 11.50 19.33 -27.68
N ASP B 69 10.26 19.22 -27.22
CA ASP B 69 9.16 19.75 -28.01
C ASP B 69 9.20 21.27 -28.07
N VAL B 70 9.54 21.92 -26.95
CA VAL B 70 9.66 23.38 -26.98
C VAL B 70 10.81 23.81 -27.89
N ALA B 71 11.91 23.03 -27.92
CA ALA B 71 12.99 23.40 -28.83
C ALA B 71 12.53 23.38 -30.28
N LEU B 72 11.63 22.45 -30.63
CA LEU B 72 11.04 22.45 -31.96
C LEU B 72 10.15 23.66 -32.17
N MET B 73 9.39 24.07 -31.14
CA MET B 73 8.57 25.26 -31.32
C MET B 73 9.43 26.47 -31.59
N ALA B 74 10.58 26.56 -30.92
CA ALA B 74 11.47 27.70 -31.12
C ALA B 74 12.10 27.66 -32.49
N GLU B 75 12.44 26.47 -32.98
CA GLU B 75 12.95 26.35 -34.34
C GLU B 75 11.90 26.78 -35.34
N MET B 76 10.63 26.51 -35.07
CA MET B 76 9.60 26.94 -36.00
C MET B 76 9.35 28.45 -35.86
N GLY B 77 9.72 29.04 -34.73
CA GLY B 77 9.46 30.45 -34.50
C GLY B 77 8.05 30.76 -34.05
N LEU B 78 7.39 29.81 -33.39
CA LEU B 78 6.06 30.04 -32.83
C LEU B 78 6.04 31.30 -31.99
N LYS B 79 5.00 32.12 -32.20
CA LYS B 79 4.79 33.29 -31.37
C LYS B 79 3.96 32.96 -30.13
N ALA B 80 3.20 31.87 -30.17
CA ALA B 80 2.33 31.49 -29.06
C ALA B 80 2.15 29.98 -29.06
N TYR B 81 2.00 29.41 -27.86
CA TYR B 81 1.79 27.98 -27.72
C TYR B 81 0.65 27.77 -26.74
N ARG B 82 -0.41 27.12 -27.22
CA ARG B 82 -1.59 26.85 -26.41
C ARG B 82 -1.52 25.43 -25.86
N PHE B 83 -1.62 25.31 -24.54
CA PHE B 83 -1.56 24.00 -23.86
C PHE B 83 -2.60 24.01 -22.76
N SER B 84 -2.94 22.84 -22.24
CA SER B 84 -3.84 22.79 -21.08
C SER B 84 -3.10 22.25 -19.86
N VAL B 85 -3.63 22.64 -18.70
CA VAL B 85 -3.16 22.16 -17.41
C VAL B 85 -4.07 21.03 -16.98
N SER B 86 -3.48 19.91 -16.59
CA SER B 86 -4.25 18.77 -16.08
C SER B 86 -4.65 19.07 -14.64
N TRP B 87 -5.93 19.40 -14.44
CA TRP B 87 -6.46 19.59 -13.09
C TRP B 87 -6.05 18.51 -12.09
N PRO B 88 -6.13 17.20 -12.38
CA PRO B 88 -5.72 16.21 -11.38
C PRO B 88 -4.21 16.13 -11.13
N ARG B 89 -3.35 16.73 -11.96
CA ARG B 89 -1.95 16.88 -11.57
C ARG B 89 -1.78 17.91 -10.46
N ILE B 90 -2.63 18.93 -10.45
CA ILE B 90 -2.58 20.00 -9.46
C ILE B 90 -3.35 19.61 -8.21
N PHE B 91 -4.52 19.00 -8.36
CA PHE B 91 -5.35 18.56 -7.25
C PHE B 91 -5.74 17.12 -7.53
N PRO B 92 -4.95 16.16 -7.05
CA PRO B 92 -5.25 14.74 -7.35
C PRO B 92 -6.64 14.31 -6.92
N GLN B 93 -7.14 14.84 -5.80
CA GLN B 93 -8.50 14.60 -5.36
C GLN B 93 -9.47 15.67 -5.87
N GLY B 94 -9.01 16.56 -6.75
CA GLY B 94 -9.84 17.60 -7.31
C GLY B 94 -9.97 18.84 -6.44
N ARG B 95 -9.77 18.69 -5.13
CA ARG B 95 -9.86 19.81 -4.20
C ARG B 95 -8.97 19.47 -3.02
N GLY B 96 -8.70 20.47 -2.19
CA GLY B 96 -7.94 20.22 -0.98
C GLY B 96 -6.47 20.54 -1.14
N GLU B 97 -5.61 19.54 -1.02
CA GLU B 97 -4.17 19.76 -0.98
C GLU B 97 -3.64 19.80 -2.41
N ALA B 98 -3.00 20.92 -2.77
CA ALA B 98 -2.38 21.06 -4.08
C ALA B 98 -1.12 20.19 -4.16
N ASN B 99 -0.81 19.74 -5.36
CA ASN B 99 0.34 18.87 -5.61
C ASN B 99 1.48 19.72 -6.18
N GLU B 100 2.56 19.89 -5.39
CA GLU B 100 3.61 20.80 -5.82
C GLU B 100 4.34 20.30 -7.05
N SER B 101 4.52 18.98 -7.21
CA SER B 101 5.15 18.47 -8.42
C SER B 101 4.36 18.86 -9.67
N GLY B 102 3.03 18.81 -9.59
CA GLY B 102 2.24 19.26 -10.73
C GLY B 102 2.45 20.72 -11.04
N LEU B 103 2.43 21.57 -10.01
CA LEU B 103 2.64 23.00 -10.24
C LEU B 103 4.03 23.27 -10.80
N ARG B 104 5.03 22.49 -10.36
CA ARG B 104 6.41 22.67 -10.83
C ARG B 104 6.56 22.28 -12.29
N PHE B 105 5.83 21.26 -12.75
CA PHE B 105 5.91 20.89 -14.16
C PHE B 105 5.48 22.05 -15.05
N TYR B 106 4.29 22.62 -14.79
CA TYR B 106 3.84 23.69 -15.67
C TYR B 106 4.63 24.97 -15.43
N ASP B 107 5.15 25.15 -14.21
CA ASP B 107 6.10 26.23 -13.98
C ASP B 107 7.31 26.09 -14.89
N ASP B 108 7.91 24.88 -14.94
CA ASP B 108 9.04 24.63 -15.84
C ASP B 108 8.67 24.83 -17.30
N LEU B 109 7.49 24.33 -17.70
CA LEU B 109 7.02 24.50 -19.08
C LEU B 109 6.89 25.97 -19.46
N ILE B 110 6.19 26.74 -18.61
CA ILE B 110 6.01 28.17 -18.86
C ILE B 110 7.35 28.88 -18.98
N ASN B 111 8.30 28.56 -18.09
CA ASN B 111 9.60 29.22 -18.15
C ASN B 111 10.38 28.82 -19.41
N GLU B 112 10.26 27.57 -19.85
CA GLU B 112 10.90 27.14 -21.10
C GLU B 112 10.35 27.93 -22.29
N LEU B 113 9.02 28.09 -22.35
CA LEU B 113 8.39 28.88 -23.41
C LEU B 113 8.90 30.32 -23.39
N LEU B 114 8.91 30.93 -22.20
CA LEU B 114 9.34 32.32 -22.11
C LEU B 114 10.82 32.47 -22.46
N ALA B 115 11.64 31.45 -22.17
CA ALA B 115 13.05 31.55 -22.52
C ALA B 115 13.26 31.64 -24.03
N HIS B 116 12.28 31.22 -24.82
CA HIS B 116 12.33 31.27 -26.28
C HIS B 116 11.36 32.30 -26.84
N ASP B 117 10.90 33.25 -26.01
CA ASP B 117 9.99 34.31 -26.43
C ASP B 117 8.70 33.76 -27.04
N ILE B 118 8.22 32.63 -26.55
CA ILE B 118 6.93 32.10 -26.96
C ILE B 118 5.89 32.51 -25.93
N GLU B 119 4.77 33.06 -26.39
CA GLU B 119 3.68 33.46 -25.50
C GLU B 119 2.88 32.24 -25.06
N PRO B 120 2.78 31.97 -23.76
CA PRO B 120 1.95 30.84 -23.32
C PRO B 120 0.47 31.19 -23.39
N VAL B 121 -0.33 30.23 -23.83
CA VAL B 121 -1.78 30.34 -23.83
C VAL B 121 -2.29 29.15 -23.05
N LEU B 122 -2.80 29.39 -21.85
CA LEU B 122 -3.08 28.34 -20.86
C LEU B 122 -4.57 28.03 -20.83
N THR B 123 -4.94 26.82 -21.26
CA THR B 123 -6.31 26.33 -21.15
C THR B 123 -6.53 25.73 -19.77
N LEU B 124 -7.50 26.28 -19.03
CA LEU B 124 -7.76 25.81 -17.67
C LEU B 124 -8.43 24.45 -17.65
N TYR B 125 -9.40 24.21 -18.52
CA TYR B 125 -10.14 22.96 -18.51
C TYR B 125 -10.22 22.38 -19.90
N HIS B 126 -9.53 21.28 -20.14
CA HIS B 126 -9.64 20.60 -21.43
C HIS B 126 -10.06 19.14 -21.21
N TRP B 127 -11.19 18.95 -20.54
CA TRP B 127 -11.98 17.71 -20.45
C TRP B 127 -11.50 16.72 -19.40
N ASP B 128 -10.39 16.97 -18.70
CA ASP B 128 -9.85 15.93 -17.80
C ASP B 128 -10.26 16.19 -16.35
N LEU B 129 -11.58 16.20 -16.11
CA LEU B 129 -12.12 16.27 -14.76
C LEU B 129 -11.45 15.23 -13.85
N PRO B 130 -11.03 15.61 -12.64
CA PRO B 130 -10.56 14.62 -11.68
C PRO B 130 -11.64 13.58 -11.39
N GLN B 131 -11.29 12.30 -11.55
CA GLN B 131 -12.25 11.23 -11.26
C GLN B 131 -12.77 11.32 -9.83
N ALA B 132 -11.95 11.83 -8.91
CA ALA B 132 -12.37 11.95 -7.52
C ALA B 132 -13.61 12.81 -7.37
N LEU B 133 -13.75 13.85 -8.21
CA LEU B 133 -14.93 14.72 -8.14
C LEU B 133 -16.16 14.07 -8.76
N MET B 134 -15.97 13.26 -9.81
CA MET B 134 -17.07 12.42 -10.27
C MET B 134 -17.51 11.45 -9.18
N ASP B 135 -16.56 10.82 -8.49
CA ASP B 135 -16.92 9.91 -7.39
C ASP B 135 -17.60 10.64 -6.25
N GLU B 136 -17.08 11.82 -5.88
CA GLU B 136 -17.61 12.50 -4.70
C GLU B 136 -19.01 13.05 -4.93
N TYR B 137 -19.25 13.66 -6.09
CA TYR B 137 -20.54 14.31 -6.24
C TYR B 137 -21.06 14.38 -7.67
N GLY B 138 -20.51 13.60 -8.59
CA GLY B 138 -21.01 13.62 -9.96
C GLY B 138 -20.46 14.73 -10.83
N GLY B 139 -19.31 15.30 -10.49
CA GLY B 139 -18.69 16.25 -11.42
C GLY B 139 -19.59 17.44 -11.71
N PHE B 140 -19.77 17.73 -13.01
CA PHE B 140 -20.51 18.92 -13.43
C PHE B 140 -22.01 18.83 -13.21
N GLU B 141 -22.50 17.73 -12.64
CA GLU B 141 -23.90 17.67 -12.27
C GLU B 141 -24.14 18.18 -10.85
N SER B 142 -23.09 18.66 -10.16
CA SER B 142 -23.25 19.25 -8.85
C SER B 142 -22.71 20.67 -8.85
N ARG B 143 -23.45 21.57 -8.18
CA ARG B 143 -23.00 22.96 -8.05
C ARG B 143 -21.75 23.08 -7.19
N ARG B 144 -21.40 22.04 -6.44
CA ARG B 144 -20.13 22.06 -5.70
C ARG B 144 -18.94 22.28 -6.62
N ILE B 145 -19.06 21.92 -7.90
CA ILE B 145 -17.94 22.10 -8.80
C ILE B 145 -17.63 23.58 -9.08
N ILE B 146 -18.60 24.47 -8.89
CA ILE B 146 -18.32 25.89 -9.09
C ILE B 146 -17.23 26.35 -8.14
N GLU B 147 -17.37 26.03 -6.85
CA GLU B 147 -16.37 26.41 -5.86
C GLU B 147 -15.05 25.67 -6.07
N ASP B 148 -15.12 24.38 -6.40
CA ASP B 148 -13.90 23.59 -6.58
C ASP B 148 -13.15 23.99 -7.83
N PHE B 149 -13.85 24.19 -8.96
CA PHE B 149 -13.17 24.66 -10.16
C PHE B 149 -12.55 26.05 -9.95
N ASN B 150 -13.27 26.95 -9.26
CA ASN B 150 -12.73 28.27 -8.96
C ASN B 150 -11.45 28.19 -8.13
N ALA B 151 -11.46 27.36 -7.09
CA ALA B 151 -10.28 27.23 -6.23
C ALA B 151 -9.07 26.75 -7.02
N TYR B 152 -9.28 25.79 -7.93
CA TYR B 152 -8.20 25.33 -8.81
C TYR B 152 -7.70 26.46 -9.70
N CYS B 153 -8.61 27.16 -10.38
CA CYS B 153 -8.20 28.28 -11.24
C CYS B 153 -7.41 29.33 -10.46
N VAL B 154 -7.89 29.70 -9.29
CA VAL B 154 -7.22 30.76 -8.54
C VAL B 154 -5.81 30.32 -8.12
N THR B 155 -5.62 29.02 -7.83
CA THR B 155 -4.27 28.52 -7.56
C THR B 155 -3.34 28.83 -8.73
N LEU B 156 -3.82 28.62 -9.96
CA LEU B 156 -3.00 28.85 -11.14
C LEU B 156 -2.86 30.34 -11.42
N TYR B 157 -3.93 31.11 -11.24
CA TYR B 157 -3.84 32.55 -11.46
C TYR B 157 -2.72 33.14 -10.61
N LYS B 158 -2.65 32.73 -9.35
CA LYS B 158 -1.63 33.26 -8.44
C LYS B 158 -0.23 32.87 -8.89
N ARG B 159 -0.02 31.59 -9.16
CA ARG B 159 1.33 31.07 -9.42
C ARG B 159 1.86 31.57 -10.76
N TYR B 160 1.00 31.60 -11.79
CA TYR B 160 1.43 31.85 -13.16
C TYR B 160 0.96 33.17 -13.76
N GLY B 161 0.01 33.87 -13.12
CA GLY B 161 -0.61 35.02 -13.76
C GLY B 161 0.35 36.16 -14.06
N GLY B 162 1.42 36.26 -13.30
CA GLY B 162 2.42 37.28 -13.59
C GLY B 162 3.13 37.05 -14.90
N ARG B 163 3.19 35.80 -15.36
CA ARG B 163 3.88 35.42 -16.58
C ARG B 163 2.96 35.08 -17.74
N VAL B 164 1.75 34.56 -17.48
CA VAL B 164 0.82 34.15 -18.53
C VAL B 164 -0.26 35.21 -18.69
N LYS B 165 -0.34 35.81 -19.88
CA LYS B 165 -1.33 36.85 -20.15
C LYS B 165 -2.62 36.33 -20.79
N TYR B 166 -2.55 35.25 -21.57
CA TYR B 166 -3.70 34.71 -22.29
C TYR B 166 -4.14 33.38 -21.70
N TRP B 167 -5.43 33.29 -21.38
CA TRP B 167 -5.99 32.13 -20.71
C TRP B 167 -7.27 31.72 -21.43
N VAL B 168 -7.50 30.42 -21.53
CA VAL B 168 -8.77 29.88 -22.01
C VAL B 168 -9.44 29.21 -20.83
N SER B 169 -10.73 29.47 -20.63
CA SER B 169 -11.40 28.89 -19.48
C SER B 169 -11.83 27.46 -19.78
N LEU B 170 -12.99 27.27 -20.38
CA LEU B 170 -13.46 25.94 -20.75
C LEU B 170 -13.25 25.72 -22.24
N ASN B 171 -12.67 24.56 -22.60
CA ASN B 171 -12.49 24.20 -23.99
C ASN B 171 -13.68 23.36 -24.48
N GLU B 172 -14.36 23.85 -25.52
CA GLU B 172 -15.45 23.13 -26.20
C GLU B 172 -16.45 22.52 -25.22
N GLN B 173 -16.95 23.36 -24.32
CA GLN B 173 -18.03 22.93 -23.45
C GLN B 173 -19.17 22.28 -24.24
N ASN B 174 -19.55 22.88 -25.38
CA ASN B 174 -20.66 22.33 -26.16
C ASN B 174 -20.33 20.95 -26.69
N TYR B 175 -19.15 20.77 -27.29
CA TYR B 175 -18.84 19.49 -27.92
C TYR B 175 -18.62 18.40 -26.87
N ASN B 176 -17.84 18.72 -25.84
CA ASN B 176 -17.53 17.77 -24.77
C ASN B 176 -18.80 17.34 -24.06
N PHE B 177 -19.66 18.30 -23.68
CA PHE B 177 -20.84 17.94 -22.91
C PHE B 177 -21.87 17.25 -23.79
N ASN B 178 -21.92 17.57 -25.08
CA ASN B 178 -22.80 16.82 -25.96
C ASN B 178 -22.39 15.35 -25.99
N HIS B 179 -21.10 15.10 -26.17
CA HIS B 179 -20.68 13.71 -26.18
C HIS B 179 -20.78 13.06 -24.79
N GLY B 180 -20.63 13.83 -23.73
CA GLY B 180 -20.71 13.26 -22.39
C GLY B 180 -22.12 12.92 -21.94
N PHE B 181 -23.11 13.69 -22.38
CA PHE B 181 -24.47 13.58 -21.87
C PHE B 181 -25.54 13.31 -22.93
N ILE B 182 -25.21 13.37 -24.22
CA ILE B 182 -26.18 13.08 -25.27
C ILE B 182 -25.82 11.80 -26.03
N THR B 183 -24.59 11.71 -26.55
CA THR B 183 -24.23 10.54 -27.35
C THR B 183 -23.55 9.45 -26.53
N ALA B 184 -23.14 9.77 -25.31
CA ALA B 184 -22.38 8.89 -24.43
C ALA B 184 -20.99 8.54 -24.99
N MET B 185 -20.47 9.31 -25.95
CA MET B 185 -19.15 9.00 -26.50
CA MET B 185 -19.15 9.02 -26.50
C MET B 185 -18.01 9.54 -25.63
N HIS B 186 -18.29 10.43 -24.70
CA HIS B 186 -17.34 10.97 -23.74
C HIS B 186 -17.84 10.59 -22.36
N PRO B 187 -16.99 10.60 -21.34
CA PRO B 187 -17.49 10.47 -19.98
C PRO B 187 -18.40 11.65 -19.67
N PRO B 188 -19.41 11.46 -18.81
CA PRO B 188 -19.74 10.26 -18.04
C PRO B 188 -20.51 9.17 -18.81
N GLY B 189 -20.63 9.27 -20.13
CA GLY B 189 -21.28 8.20 -20.87
C GLY B 189 -22.78 8.15 -20.71
N VAL B 190 -23.43 9.30 -20.71
CA VAL B 190 -24.86 9.43 -20.43
C VAL B 190 -25.59 9.82 -21.71
N LYS B 191 -26.85 9.40 -21.81
CA LYS B 191 -27.74 9.77 -22.91
C LYS B 191 -29.02 10.32 -22.26
N ASP B 192 -29.08 11.62 -22.02
CA ASP B 192 -30.18 12.21 -21.26
C ASP B 192 -30.18 13.71 -21.50
N ARG B 193 -31.22 14.22 -22.18
CA ARG B 193 -31.16 15.63 -22.58
C ARG B 193 -31.33 16.56 -21.37
N LYS B 194 -32.08 16.15 -20.35
CA LYS B 194 -32.21 17.00 -19.16
C LYS B 194 -30.89 17.13 -18.44
N ARG B 195 -30.20 16.02 -18.21
CA ARG B 195 -28.90 16.09 -17.55
C ARG B 195 -27.89 16.89 -18.37
N PHE B 196 -27.97 16.78 -19.70
CA PHE B 196 -27.13 17.58 -20.58
C PHE B 196 -27.29 19.06 -20.29
N TYR B 197 -28.54 19.56 -20.28
CA TYR B 197 -28.73 21.00 -20.10
C TYR B 197 -28.45 21.43 -18.66
N GLU B 198 -28.71 20.58 -17.67
CA GLU B 198 -28.35 20.91 -16.29
C GLU B 198 -26.84 20.96 -16.09
N ALA B 199 -26.11 19.99 -16.65
CA ALA B 199 -24.65 20.01 -16.49
C ALA B 199 -24.04 21.19 -17.23
N ASN B 200 -24.58 21.51 -18.41
CA ASN B 200 -24.12 22.71 -19.11
C ASN B 200 -24.36 23.95 -18.30
N HIS B 201 -25.53 24.07 -17.67
CA HIS B 201 -25.82 25.26 -16.87
C HIS B 201 -24.79 25.43 -15.75
N ILE B 202 -24.50 24.34 -15.03
CA ILE B 202 -23.48 24.39 -13.98
C ILE B 202 -22.12 24.76 -14.55
N ALA B 203 -21.76 24.23 -15.72
CA ALA B 203 -20.50 24.62 -16.33
C ALA B 203 -20.47 26.11 -16.66
N PHE B 204 -21.60 26.67 -17.14
CA PHE B 204 -21.66 28.13 -17.37
C PHE B 204 -21.38 28.90 -16.08
N LEU B 205 -21.97 28.44 -14.97
CA LEU B 205 -21.76 29.08 -13.68
C LEU B 205 -20.29 28.99 -13.27
N ALA B 206 -19.68 27.83 -13.48
CA ALA B 206 -18.26 27.67 -13.14
C ALA B 206 -17.39 28.53 -14.04
N ASN B 207 -17.73 28.60 -15.32
CA ASN B 207 -17.02 29.46 -16.25
C ASN B 207 -17.08 30.92 -15.80
N ALA B 208 -18.28 31.40 -15.47
CA ALA B 208 -18.43 32.80 -15.07
C ALA B 208 -17.72 33.09 -13.76
N LYS B 209 -17.78 32.14 -12.81
CA LYS B 209 -17.07 32.31 -11.54
C LYS B 209 -15.57 32.40 -11.76
N ALA B 210 -15.01 31.49 -12.58
CA ALA B 210 -13.58 31.51 -12.82
C ALA B 210 -13.15 32.79 -13.52
N ILE B 211 -13.97 33.32 -14.42
CA ILE B 211 -13.62 34.55 -15.12
C ILE B 211 -13.75 35.75 -14.19
N ASP B 212 -14.79 35.77 -13.36
CA ASP B 212 -14.91 36.85 -12.37
C ASP B 212 -13.69 36.88 -11.45
N SER B 213 -13.22 35.70 -10.98
CA SER B 213 -12.00 35.67 -10.16
C SER B 213 -10.79 36.16 -10.95
N PHE B 214 -10.73 35.82 -12.24
CA PHE B 214 -9.62 36.27 -13.09
C PHE B 214 -9.54 37.79 -13.16
N ARG B 215 -10.69 38.47 -13.14
CA ARG B 215 -10.68 39.93 -13.14
C ARG B 215 -9.95 40.48 -11.93
N ARG B 216 -10.01 39.79 -10.79
CA ARG B 216 -9.35 40.29 -9.59
C ARG B 216 -7.91 39.83 -9.49
N TYR B 217 -7.60 38.59 -9.86
CA TYR B 217 -6.23 38.09 -9.68
C TYR B 217 -5.30 38.39 -10.84
N VAL B 218 -5.81 38.49 -12.07
CA VAL B 218 -5.00 38.76 -13.25
C VAL B 218 -5.61 39.95 -13.99
N PRO B 219 -5.66 41.14 -13.39
CA PRO B 219 -6.37 42.25 -14.03
C PRO B 219 -5.80 42.67 -15.38
N ASP B 220 -4.52 42.39 -15.67
CA ASP B 220 -3.93 42.73 -16.96
C ASP B 220 -3.90 41.56 -17.94
N GLY B 221 -4.55 40.45 -17.64
CA GLY B 221 -4.59 39.32 -18.54
C GLY B 221 -5.84 39.34 -19.41
N LYS B 222 -5.94 38.35 -20.30
CA LYS B 222 -7.06 38.20 -21.22
C LYS B 222 -7.57 36.77 -21.12
N ILE B 223 -8.89 36.60 -20.97
CA ILE B 223 -9.46 35.26 -20.83
C ILE B 223 -10.73 35.13 -21.65
N GLY B 224 -10.97 33.92 -22.14
CA GLY B 224 -12.22 33.61 -22.79
C GLY B 224 -12.38 32.12 -22.97
N PRO B 225 -13.60 31.67 -23.22
CA PRO B 225 -13.84 30.25 -23.50
C PRO B 225 -13.42 29.95 -24.94
N SER B 226 -13.19 28.65 -25.21
CA SER B 226 -12.91 28.19 -26.56
C SER B 226 -14.10 27.35 -27.03
N PHE B 227 -14.86 27.89 -27.98
CA PHE B 227 -16.11 27.28 -28.41
C PHE B 227 -15.89 26.40 -29.65
N ALA B 228 -16.49 25.20 -29.66
CA ALA B 228 -16.45 24.35 -30.85
C ALA B 228 -17.48 24.87 -31.84
N TYR B 229 -17.02 25.61 -32.83
CA TYR B 229 -17.85 26.48 -33.67
C TYR B 229 -17.98 25.88 -35.06
N SER B 230 -19.17 25.38 -35.37
CA SER B 230 -19.54 25.00 -36.73
C SER B 230 -20.65 25.94 -37.16
N PRO B 231 -20.37 26.98 -37.94
CA PRO B 231 -21.44 27.83 -38.47
C PRO B 231 -22.46 26.99 -39.24
N ALA B 232 -23.74 27.30 -39.06
CA ALA B 232 -24.82 26.59 -39.72
C ALA B 232 -25.13 27.22 -41.07
N TYR B 233 -25.40 26.38 -42.07
CA TYR B 233 -25.88 26.76 -43.39
C TYR B 233 -27.25 26.13 -43.60
N PRO B 234 -28.17 26.80 -44.31
CA PRO B 234 -29.32 26.09 -44.84
C PRO B 234 -28.96 25.37 -46.14
N LEU B 235 -29.65 24.26 -46.38
CA LEU B 235 -29.44 23.51 -47.62
C LEU B 235 -29.93 24.27 -48.85
N SER B 236 -30.97 25.07 -48.71
CA SER B 236 -31.59 25.72 -49.86
C SER B 236 -32.35 26.95 -49.37
N SER B 237 -32.94 27.67 -50.32
CA SER B 237 -33.76 28.83 -50.04
C SER B 237 -35.23 28.47 -49.80
N ARG B 238 -35.53 27.19 -49.67
CA ARG B 238 -36.86 26.78 -49.25
C ARG B 238 -37.10 27.28 -47.84
N PRO B 239 -38.22 27.99 -47.56
CA PRO B 239 -38.40 28.57 -46.22
C PRO B 239 -38.29 27.56 -45.08
N ASP B 240 -38.76 26.32 -45.28
CA ASP B 240 -38.60 25.32 -44.23
C ASP B 240 -37.13 24.97 -43.97
N ASP B 241 -36.28 24.99 -45.00
CA ASP B 241 -34.85 24.77 -44.77
C ASP B 241 -34.21 25.97 -44.09
N ILE B 242 -34.64 27.17 -44.47
CA ILE B 242 -34.15 28.36 -43.76
C ILE B 242 -34.48 28.26 -42.29
N LEU B 243 -35.72 27.88 -41.97
CA LEU B 243 -36.13 27.79 -40.58
C LEU B 243 -35.33 26.72 -39.85
N ALA B 244 -35.01 25.61 -40.53
CA ALA B 244 -34.15 24.60 -39.91
C ALA B 244 -32.79 25.19 -39.59
N PHE B 245 -32.25 26.02 -40.48
CA PHE B 245 -30.95 26.65 -40.24
C PHE B 245 -31.04 27.64 -39.08
N GLU B 246 -32.13 28.39 -39.00
CA GLU B 246 -32.33 29.32 -37.88
C GLU B 246 -32.32 28.56 -36.56
N ASN B 247 -33.06 27.44 -36.49
CA ASN B 247 -33.07 26.63 -35.27
C ASN B 247 -31.68 26.07 -34.97
N ALA B 248 -31.01 25.51 -35.98
CA ALA B 248 -29.64 25.02 -35.79
C ALA B 248 -28.75 26.11 -35.20
N GLU B 249 -28.80 27.31 -35.77
CA GLU B 249 -27.94 28.38 -35.27
C GLU B 249 -28.28 28.73 -33.84
N GLU B 250 -29.57 28.80 -33.50
CA GLU B 250 -29.97 29.17 -32.14
C GLU B 250 -29.60 28.07 -31.13
N PHE B 251 -29.89 26.81 -31.46
CA PHE B 251 -29.68 25.71 -30.51
C PHE B 251 -28.24 25.23 -30.46
N THR B 252 -27.50 25.26 -31.58
CA THR B 252 -26.15 24.73 -31.53
C THR B 252 -25.10 25.80 -31.28
N ASN B 253 -25.37 27.06 -31.63
CA ASN B 253 -24.38 28.13 -31.47
C ASN B 253 -24.79 29.18 -30.44
N TYR B 254 -25.93 29.85 -30.62
CA TYR B 254 -26.27 30.95 -29.71
C TYR B 254 -26.50 30.48 -28.28
N TRP B 255 -26.98 29.26 -28.07
CA TRP B 255 -27.15 28.75 -26.71
C TRP B 255 -25.88 28.99 -25.88
N TRP B 256 -24.71 28.65 -26.44
CA TRP B 256 -23.46 28.92 -25.74
C TRP B 256 -22.98 30.35 -25.93
N LEU B 257 -23.00 30.86 -27.17
CA LEU B 257 -22.37 32.17 -27.41
C LEU B 257 -23.15 33.30 -26.73
N ASP B 258 -24.48 33.22 -26.70
CA ASP B 258 -25.23 34.24 -25.95
C ASP B 258 -24.87 34.21 -24.47
N MET B 259 -24.81 33.01 -23.88
CA MET B 259 -24.49 32.94 -22.45
C MET B 259 -23.08 33.42 -22.17
N TYR B 260 -22.11 32.97 -22.96
CA TYR B 260 -20.74 33.44 -22.78
C TYR B 260 -20.63 34.96 -22.91
N CYS B 261 -21.30 35.55 -23.90
CA CYS B 261 -21.07 36.95 -24.22
C CYS B 261 -22.09 37.91 -23.62
N ARG B 262 -23.34 37.51 -23.50
CA ARG B 262 -24.38 38.36 -22.93
C ARG B 262 -24.76 37.96 -21.53
N GLY B 263 -24.40 36.75 -21.10
CA GLY B 263 -24.80 36.25 -19.80
C GLY B 263 -26.23 35.79 -19.72
N THR B 264 -26.91 35.61 -20.85
CA THR B 264 -28.30 35.16 -20.88
C THR B 264 -28.45 34.06 -21.94
N TYR B 265 -29.44 33.18 -21.72
CA TYR B 265 -29.79 32.18 -22.74
C TYR B 265 -30.62 32.81 -23.85
N PRO B 266 -30.48 32.34 -25.10
CA PRO B 266 -31.42 32.77 -26.15
C PRO B 266 -32.84 32.37 -25.80
N ASP B 267 -33.78 33.33 -25.95
CA ASP B 267 -35.16 33.11 -25.49
C ASP B 267 -35.85 32.00 -26.26
N ILE B 268 -35.62 31.92 -27.58
CA ILE B 268 -36.34 30.93 -28.38
C ILE B 268 -36.02 29.52 -27.95
N PRO B 269 -34.75 29.09 -27.90
CA PRO B 269 -34.47 27.75 -27.36
C PRO B 269 -34.94 27.56 -25.93
N LEU B 270 -34.77 28.57 -25.06
CA LEU B 270 -35.14 28.39 -23.65
C LEU B 270 -36.63 28.07 -23.53
N LYS B 271 -37.47 28.83 -24.24
CA LYS B 271 -38.90 28.58 -24.17
C LYS B 271 -39.24 27.18 -24.66
N TYR B 272 -38.58 26.74 -25.74
CA TYR B 272 -38.83 25.40 -26.27
C TYR B 272 -38.41 24.33 -25.25
N LEU B 273 -37.22 24.48 -24.66
CA LEU B 273 -36.73 23.46 -23.73
C LEU B 273 -37.61 23.37 -22.49
N LYS B 274 -38.15 24.52 -22.04
CA LYS B 274 -39.07 24.52 -20.91
C LYS B 274 -40.31 23.70 -21.21
N GLU B 275 -40.82 23.80 -22.43
CA GLU B 275 -42.01 23.04 -22.77
C GLU B 275 -41.72 21.55 -22.82
N LYS B 276 -40.50 21.18 -23.22
CA LYS B 276 -40.12 19.78 -23.31
C LYS B 276 -39.70 19.20 -21.97
N GLY B 277 -39.57 20.01 -20.93
CA GLY B 277 -39.05 19.53 -19.67
C GLY B 277 -37.55 19.36 -19.63
N TRP B 278 -36.82 19.99 -20.55
CA TRP B 278 -35.37 19.86 -20.64
C TRP B 278 -34.59 21.10 -20.19
N ALA B 279 -35.26 22.18 -19.83
CA ALA B 279 -34.55 23.43 -19.55
C ALA B 279 -33.74 23.34 -18.26
N PRO B 280 -32.65 24.08 -18.16
CA PRO B 280 -31.88 24.10 -16.92
C PRO B 280 -32.66 24.80 -15.83
N THR B 281 -32.41 24.38 -14.59
CA THR B 281 -33.05 25.03 -13.45
C THR B 281 -32.25 26.27 -13.06
N ILE B 282 -32.89 27.43 -13.15
CA ILE B 282 -32.24 28.70 -12.81
C ILE B 282 -32.53 28.98 -11.35
N GLU B 283 -31.48 28.99 -10.52
CA GLU B 283 -31.62 29.25 -9.11
C GLU B 283 -31.29 30.71 -8.80
N ASP B 284 -31.69 31.15 -7.60
CA ASP B 284 -31.40 32.50 -7.16
C ASP B 284 -29.90 32.78 -7.21
N GLY B 285 -29.54 33.95 -7.73
CA GLY B 285 -28.15 34.33 -7.86
C GLY B 285 -27.47 33.83 -9.12
N ASP B 286 -28.13 32.95 -9.89
CA ASP B 286 -27.49 32.44 -11.09
C ASP B 286 -27.25 33.54 -12.12
N MET B 287 -28.30 34.30 -12.49
CA MET B 287 -28.08 35.29 -13.53
C MET B 287 -27.16 36.42 -13.09
N GLU B 288 -27.13 36.73 -11.78
CA GLU B 288 -26.17 37.70 -11.27
C GLU B 288 -24.74 37.22 -11.48
N LEU B 289 -24.47 35.94 -11.20
CA LEU B 289 -23.14 35.41 -11.43
C LEU B 289 -22.82 35.36 -12.92
N LEU B 290 -23.77 34.89 -13.73
CA LEU B 290 -23.53 34.73 -15.15
C LEU B 290 -23.20 36.06 -15.81
N ALA B 291 -23.75 37.16 -15.27
CA ALA B 291 -23.46 38.48 -15.80
C ALA B 291 -22.01 38.90 -15.60
N LYS B 292 -21.27 38.25 -14.71
CA LYS B 292 -19.88 38.61 -14.41
C LYS B 292 -18.87 37.89 -15.29
N GLY B 293 -19.32 37.01 -16.17
CA GLY B 293 -18.47 36.16 -16.97
C GLY B 293 -18.09 36.66 -18.35
N LYS B 294 -18.32 37.94 -18.65
CA LYS B 294 -18.04 38.40 -20.00
C LYS B 294 -16.55 38.32 -20.30
N PRO B 295 -16.16 37.74 -21.43
CA PRO B 295 -14.76 37.44 -21.71
C PRO B 295 -14.08 38.56 -22.51
N ASP B 296 -12.74 38.49 -22.52
CA ASP B 296 -11.95 39.44 -23.31
C ASP B 296 -11.97 39.10 -24.79
N PHE B 297 -12.12 37.82 -25.11
CA PHE B 297 -12.17 37.38 -26.49
C PHE B 297 -13.01 36.11 -26.50
N VAL B 298 -13.47 35.74 -27.68
CA VAL B 298 -14.13 34.46 -27.89
C VAL B 298 -13.13 33.57 -28.59
N GLY B 299 -12.76 32.47 -27.95
CA GLY B 299 -11.88 31.49 -28.58
C GLY B 299 -12.72 30.66 -29.53
N VAL B 300 -12.24 30.50 -30.75
CA VAL B 300 -12.96 29.76 -31.79
C VAL B 300 -12.13 28.55 -32.18
N ASN B 301 -12.68 27.35 -31.96
CA ASN B 301 -12.11 26.12 -32.50
C ASN B 301 -12.91 25.79 -33.76
N TYR B 302 -12.28 25.94 -34.92
CA TYR B 302 -12.98 25.82 -36.20
C TYR B 302 -12.38 24.69 -37.03
N TYR B 303 -13.25 23.77 -37.48
CA TYR B 303 -12.89 22.71 -38.40
C TYR B 303 -13.80 22.65 -39.62
N GLN B 304 -15.09 22.95 -39.47
CA GLN B 304 -16.04 22.79 -40.58
C GLN B 304 -17.31 23.59 -40.32
N THR B 305 -18.07 23.81 -41.39
CA THR B 305 -19.47 24.23 -41.29
C THR B 305 -20.34 23.00 -41.37
N ILE B 306 -21.62 23.18 -41.02
CA ILE B 306 -22.63 22.13 -41.10
C ILE B 306 -23.86 22.69 -41.80
N THR B 307 -24.41 21.91 -42.73
CA THR B 307 -25.59 22.29 -43.49
C THR B 307 -26.79 21.54 -42.93
N TYR B 308 -27.92 22.23 -42.84
CA TYR B 308 -29.13 21.72 -42.19
C TYR B 308 -30.31 21.83 -43.13
N GLU B 309 -31.29 20.95 -42.96
CA GLU B 309 -32.54 21.01 -43.70
C GLU B 309 -33.69 20.67 -42.75
N MET B 310 -34.91 20.84 -43.26
CA MET B 310 -36.09 20.56 -42.46
CA MET B 310 -36.12 20.53 -42.50
C MET B 310 -36.11 19.09 -42.02
N ASN B 311 -36.63 18.86 -40.82
CA ASN B 311 -36.68 17.54 -40.18
C ASN B 311 -38.04 17.29 -39.55
N PRO B 312 -38.83 16.35 -40.06
CA PRO B 312 -40.17 16.12 -39.48
C PRO B 312 -40.06 15.51 -38.09
N LEU B 313 -41.20 15.48 -37.39
CA LEU B 313 -41.21 14.96 -36.02
C LEU B 313 -40.89 13.47 -35.95
N ASP B 314 -41.05 12.74 -37.06
CA ASP B 314 -40.64 11.34 -37.11
C ASP B 314 -39.34 11.17 -37.88
N GLY B 315 -38.56 12.23 -38.01
CA GLY B 315 -37.35 12.22 -38.79
C GLY B 315 -36.14 11.77 -38.01
N VAL B 316 -34.98 12.29 -38.41
CA VAL B 316 -33.69 11.79 -37.98
C VAL B 316 -33.37 12.31 -36.58
N SER B 317 -32.83 11.41 -35.74
CA SER B 317 -32.36 11.80 -34.41
C SER B 317 -30.89 11.44 -34.24
N GLU B 318 -30.60 10.21 -33.82
CA GLU B 318 -29.23 9.79 -33.56
C GLU B 318 -28.58 9.29 -34.86
N GLY B 319 -27.25 9.37 -34.91
CA GLY B 319 -26.51 8.87 -36.05
C GLY B 319 -25.08 8.56 -35.67
N LYS B 320 -24.47 7.61 -36.38
CA LYS B 320 -23.13 7.14 -36.05
C LYS B 320 -22.05 8.05 -36.66
N MET B 321 -21.04 8.35 -35.85
CA MET B 321 -19.91 9.16 -36.27
C MET B 321 -18.81 8.31 -36.89
N ASN B 322 -18.14 8.89 -37.89
CA ASN B 322 -16.97 8.29 -38.53
C ASN B 322 -15.76 8.34 -37.59
N THR B 323 -15.37 7.18 -37.03
CA THR B 323 -14.14 7.10 -36.23
C THR B 323 -13.09 6.19 -36.86
N THR B 324 -13.26 5.84 -38.14
CA THR B 324 -12.35 4.93 -38.82
C THR B 324 -11.53 5.56 -39.93
N GLY B 325 -11.87 6.76 -40.40
CA GLY B 325 -11.21 7.31 -41.56
C GLY B 325 -11.66 6.75 -42.88
N GLN B 326 -12.86 6.18 -42.96
CA GLN B 326 -13.44 5.74 -44.22
C GLN B 326 -14.45 6.79 -44.69
N LYS B 327 -14.11 7.50 -45.76
CA LYS B 327 -14.92 8.63 -46.21
C LYS B 327 -16.33 8.18 -46.58
N GLY B 328 -17.31 8.98 -46.19
CA GLY B 328 -18.69 8.71 -46.50
C GLY B 328 -19.44 7.85 -45.50
N SER B 329 -18.80 7.45 -44.40
CA SER B 329 -19.45 6.63 -43.39
C SER B 329 -20.19 7.46 -42.32
N ASN B 330 -20.01 8.78 -42.29
CA ASN B 330 -20.73 9.59 -41.32
C ASN B 330 -22.23 9.50 -41.57
N GLN B 331 -23.02 9.44 -40.49
CA GLN B 331 -24.47 9.43 -40.59
C GLN B 331 -25.06 10.76 -40.14
N GLU B 332 -26.18 11.14 -40.73
CA GLU B 332 -26.78 12.41 -40.34
C GLU B 332 -27.45 12.31 -38.96
N THR B 333 -27.54 13.45 -38.30
CA THR B 333 -28.16 13.56 -36.99
C THR B 333 -29.15 14.70 -37.05
N GLY B 334 -29.95 14.84 -36.01
CA GLY B 334 -30.92 15.92 -36.00
C GLY B 334 -31.70 15.96 -34.70
N MET B 335 -32.55 16.97 -34.62
CA MET B 335 -33.57 17.07 -33.58
C MET B 335 -34.92 17.08 -34.27
N PRO B 336 -35.73 16.03 -34.11
CA PRO B 336 -36.98 15.93 -34.87
C PRO B 336 -37.86 17.17 -34.69
N GLY B 337 -38.45 17.61 -35.79
CA GLY B 337 -39.24 18.83 -35.79
C GLY B 337 -38.45 20.11 -35.88
N LEU B 338 -37.13 20.08 -35.64
CA LEU B 338 -36.30 21.29 -35.64
C LEU B 338 -35.34 21.36 -36.82
N TYR B 339 -34.48 20.36 -36.99
CA TYR B 339 -33.50 20.36 -38.06
C TYR B 339 -32.83 19.01 -38.11
N LYS B 340 -32.18 18.73 -39.24
CA LYS B 340 -31.26 17.61 -39.38
C LYS B 340 -30.11 18.05 -40.26
N THR B 341 -28.95 17.42 -40.05
CA THR B 341 -27.77 17.69 -40.88
C THR B 341 -27.94 17.07 -42.25
N LYS B 342 -27.15 17.58 -43.19
CA LYS B 342 -27.09 17.05 -44.54
C LYS B 342 -25.70 17.33 -45.06
N ARG B 343 -25.02 16.29 -45.53
CA ARG B 343 -23.70 16.46 -46.14
C ARG B 343 -23.78 17.55 -47.20
N ASN B 344 -22.89 18.54 -47.12
CA ASN B 344 -22.93 19.65 -48.08
C ASN B 344 -22.52 19.19 -49.48
N PRO B 345 -23.42 19.23 -50.47
CA PRO B 345 -23.03 18.80 -51.82
C PRO B 345 -21.92 19.62 -52.44
N HIS B 346 -21.56 20.79 -51.89
CA HIS B 346 -20.59 21.66 -52.54
C HIS B 346 -19.23 21.66 -51.86
N LEU B 347 -19.00 20.79 -50.87
CA LEU B 347 -17.77 20.80 -50.09
C LEU B 347 -17.09 19.44 -50.19
N GLU B 348 -15.76 19.45 -50.30
CA GLU B 348 -14.98 18.23 -50.08
C GLU B 348 -14.94 17.93 -48.59
N THR B 349 -14.50 16.73 -48.23
CA THR B 349 -14.32 16.40 -46.82
C THR B 349 -13.01 15.64 -46.63
N SER B 350 -12.58 15.53 -45.37
CA SER B 350 -11.49 14.65 -45.02
C SER B 350 -11.98 13.20 -45.05
N ASN B 351 -11.04 12.26 -44.84
CA ASN B 351 -11.42 10.86 -44.73
C ASN B 351 -12.28 10.57 -43.50
N TRP B 352 -12.29 11.46 -42.51
CA TRP B 352 -13.17 11.32 -41.36
C TRP B 352 -14.45 12.12 -41.54
N ASP B 353 -14.72 12.61 -42.74
CA ASP B 353 -15.96 13.31 -43.10
C ASP B 353 -16.08 14.67 -42.45
N TRP B 354 -14.97 15.31 -42.10
CA TRP B 354 -14.99 16.70 -41.65
C TRP B 354 -14.92 17.59 -42.88
N ALA B 355 -15.91 18.46 -43.05
CA ALA B 355 -16.02 19.23 -44.29
C ALA B 355 -14.93 20.30 -44.36
N ILE B 356 -14.37 20.48 -45.54
CA ILE B 356 -13.31 21.45 -45.78
C ILE B 356 -13.97 22.70 -46.33
N ASP B 357 -14.03 23.74 -45.52
CA ASP B 357 -14.74 24.96 -45.87
C ASP B 357 -13.96 26.18 -45.36
N PRO B 358 -12.95 26.62 -46.11
CA PRO B 358 -12.17 27.78 -45.63
C PRO B 358 -12.99 29.05 -45.61
N ILE B 359 -13.86 29.27 -46.59
CA ILE B 359 -14.71 30.48 -46.57
C ILE B 359 -15.62 30.47 -45.34
N GLY B 360 -16.10 29.28 -44.96
CA GLY B 360 -16.86 29.14 -43.72
C GLY B 360 -16.18 29.72 -42.49
N LEU B 361 -14.84 29.69 -42.45
CA LEU B 361 -14.13 30.36 -41.36
C LEU B 361 -14.33 31.88 -41.43
N ARG B 362 -14.18 32.46 -42.61
CA ARG B 362 -14.43 33.90 -42.75
C ARG B 362 -15.87 34.24 -42.34
N ILE B 363 -16.82 33.43 -42.81
CA ILE B 363 -18.24 33.62 -42.45
C ILE B 363 -18.41 33.59 -40.93
N GLY B 364 -17.85 32.56 -40.28
CA GLY B 364 -18.05 32.40 -38.84
C GLY B 364 -17.44 33.53 -38.02
N LEU B 365 -16.19 33.89 -38.33
CA LEU B 365 -15.56 35.03 -37.66
C LEU B 365 -16.47 36.28 -37.77
N ARG B 366 -16.99 36.53 -38.97
CA ARG B 366 -17.85 37.71 -39.19
C ARG B 366 -19.13 37.64 -38.37
N ARG B 367 -19.77 36.46 -38.33
CA ARG B 367 -21.01 36.30 -37.57
C ARG B 367 -20.83 36.63 -36.10
N ILE B 368 -19.77 36.08 -35.47
CA ILE B 368 -19.54 36.35 -34.05
C ILE B 368 -19.17 37.81 -33.82
N SER B 369 -18.30 38.35 -34.67
CA SER B 369 -17.91 39.75 -34.52
C SER B 369 -19.12 40.69 -34.68
N SER B 370 -19.98 40.40 -35.66
CA SER B 370 -21.14 41.24 -35.91
C SER B 370 -22.16 41.13 -34.77
N ARG B 371 -22.41 39.92 -34.29
CA ARG B 371 -23.46 39.74 -33.29
C ARG B 371 -23.02 40.20 -31.90
N TYR B 372 -21.77 39.95 -31.51
CA TYR B 372 -21.33 40.25 -30.14
C TYR B 372 -20.27 41.34 -30.02
N GLY B 373 -19.53 41.66 -31.08
CA GLY B 373 -18.64 42.79 -31.01
C GLY B 373 -17.39 42.58 -30.18
N LEU B 374 -16.94 41.36 -30.01
CA LEU B 374 -15.77 41.05 -29.19
C LEU B 374 -14.61 40.58 -30.07
N PRO B 375 -13.37 40.75 -29.58
CA PRO B 375 -12.22 40.17 -30.30
C PRO B 375 -12.36 38.66 -30.39
N LEU B 376 -11.73 38.08 -31.41
CA LEU B 376 -11.75 36.65 -31.66
C LEU B 376 -10.33 36.12 -31.62
N PHE B 377 -10.19 34.89 -31.15
CA PHE B 377 -8.90 34.19 -31.11
C PHE B 377 -9.18 32.79 -31.66
N ILE B 378 -8.62 32.46 -32.82
CA ILE B 378 -8.73 31.08 -33.30
C ILE B 378 -7.79 30.21 -32.46
N THR B 379 -8.38 29.39 -31.60
CA THR B 379 -7.60 28.58 -30.67
C THR B 379 -7.39 27.16 -31.15
N GLU B 380 -8.05 26.74 -32.23
CA GLU B 380 -7.80 25.48 -32.91
C GLU B 380 -8.26 25.60 -34.35
N ASN B 381 -7.45 25.08 -35.29
CA ASN B 381 -7.84 24.84 -36.68
C ASN B 381 -6.79 23.92 -37.29
N GLY B 382 -7.22 22.86 -37.98
CA GLY B 382 -6.25 21.90 -38.52
C GLY B 382 -6.97 20.78 -39.26
N LEU B 383 -6.16 19.91 -39.87
CA LEU B 383 -6.66 18.80 -40.67
C LEU B 383 -6.12 17.47 -40.12
N GLY B 384 -7.02 16.61 -39.68
CA GLY B 384 -6.63 15.30 -39.23
C GLY B 384 -6.65 14.29 -40.35
N GLU B 385 -5.53 13.61 -40.58
CA GLU B 385 -5.41 12.75 -41.75
C GLU B 385 -4.34 11.69 -41.50
N PHE B 386 -4.37 10.66 -42.34
CA PHE B 386 -3.29 9.66 -42.38
C PHE B 386 -2.01 10.31 -42.89
N ASP B 387 -0.88 10.05 -42.20
CA ASP B 387 0.43 10.46 -42.65
C ASP B 387 1.31 9.23 -42.87
N LYS B 388 2.13 9.27 -43.90
CA LYS B 388 3.11 8.23 -44.17
C LYS B 388 4.51 8.82 -44.14
N VAL B 389 5.46 8.07 -43.59
CA VAL B 389 6.86 8.44 -43.64
C VAL B 389 7.43 7.92 -44.95
N GLU B 390 8.01 8.82 -45.75
CA GLU B 390 8.58 8.43 -47.03
C GLU B 390 9.92 7.72 -46.82
N ASN B 391 10.40 7.07 -47.89
CA ASN B 391 11.65 6.30 -47.79
C ASN B 391 12.83 7.18 -47.38
N ASP B 392 12.84 8.45 -47.79
CA ASP B 392 13.92 9.36 -47.39
C ASP B 392 13.71 9.93 -45.99
N GLY B 393 12.68 9.51 -45.27
CA GLY B 393 12.47 9.94 -43.90
C GLY B 393 11.61 11.17 -43.71
N THR B 394 11.09 11.76 -44.79
CA THR B 394 10.25 12.95 -44.70
C THR B 394 8.77 12.58 -44.72
N ILE B 395 7.93 13.54 -44.35
CA ILE B 395 6.48 13.40 -44.42
C ILE B 395 5.97 14.50 -45.34
N HIS B 396 5.42 14.10 -46.49
CA HIS B 396 4.97 15.04 -47.52
C HIS B 396 3.48 15.29 -47.32
N ASP B 397 3.14 16.10 -46.31
CA ASP B 397 1.73 16.34 -45.99
C ASP B 397 1.18 17.57 -46.69
N ASP B 398 1.18 17.51 -48.02
CA ASP B 398 0.73 18.63 -48.83
C ASP B 398 -0.77 18.88 -48.67
N TYR B 399 -1.53 17.83 -48.35
CA TYR B 399 -2.96 17.98 -48.02
C TYR B 399 -3.16 18.87 -46.80
N ARG B 400 -2.25 18.75 -45.81
CA ARG B 400 -2.35 19.59 -44.62
C ARG B 400 -1.95 21.02 -44.92
N ILE B 401 -0.89 21.21 -45.71
CA ILE B 401 -0.49 22.55 -46.12
C ILE B 401 -1.62 23.23 -46.89
N ALA B 402 -2.23 22.51 -47.83
CA ALA B 402 -3.30 23.10 -48.62
C ALA B 402 -4.44 23.56 -47.73
N TYR B 403 -4.83 22.72 -46.76
CA TYR B 403 -5.90 23.09 -45.83
C TYR B 403 -5.54 24.32 -45.02
N LEU B 404 -4.37 24.31 -44.39
CA LEU B 404 -3.97 25.44 -43.54
C LEU B 404 -3.81 26.71 -44.36
N ARG B 405 -3.23 26.61 -45.56
CA ARG B 405 -3.10 27.77 -46.45
C ARG B 405 -4.46 28.40 -46.73
N ALA B 406 -5.45 27.59 -47.11
CA ALA B 406 -6.75 28.14 -47.50
C ALA B 406 -7.44 28.82 -46.33
N HIS B 407 -7.29 28.26 -45.13
CA HIS B 407 -7.92 28.87 -43.95
C HIS B 407 -7.20 30.16 -43.56
N LEU B 408 -5.88 30.22 -43.71
CA LEU B 408 -5.19 31.46 -43.38
C LEU B 408 -5.50 32.56 -44.39
N GLU B 409 -5.71 32.20 -45.67
CA GLU B 409 -6.13 33.19 -46.64
C GLU B 409 -7.46 33.82 -46.23
N GLN B 410 -8.40 33.01 -45.74
CA GLN B 410 -9.68 33.52 -45.31
C GLN B 410 -9.58 34.30 -44.00
N CYS B 411 -8.60 33.97 -43.16
CA CYS B 411 -8.31 34.81 -42.00
C CYS B 411 -7.88 36.20 -42.43
N ARG B 412 -7.00 36.29 -43.43
CA ARG B 412 -6.61 37.62 -43.90
C ARG B 412 -7.80 38.37 -44.47
N GLN B 413 -8.71 37.67 -45.14
CA GLN B 413 -9.93 38.32 -45.64
C GLN B 413 -10.79 38.82 -44.49
N ALA B 414 -10.96 38.00 -43.45
CA ALA B 414 -11.79 38.40 -42.31
C ALA B 414 -11.16 39.57 -41.56
N LEU B 415 -9.84 39.55 -41.42
CA LEU B 415 -9.13 40.70 -40.86
C LEU B 415 -9.38 41.94 -41.70
N ASN B 416 -9.31 41.80 -43.03
CA ASN B 416 -9.53 42.95 -43.88
C ASN B 416 -10.97 43.44 -43.82
N ASP B 417 -11.90 42.52 -43.58
CA ASP B 417 -13.31 42.85 -43.41
C ASP B 417 -13.55 43.69 -42.18
N GLY B 418 -12.66 43.58 -41.18
CA GLY B 418 -12.76 44.33 -39.94
C GLY B 418 -12.91 43.46 -38.70
N VAL B 419 -12.80 42.14 -38.83
CA VAL B 419 -12.84 41.30 -37.65
C VAL B 419 -11.56 41.52 -36.84
N ASP B 420 -11.71 41.70 -35.52
CA ASP B 420 -10.58 41.85 -34.62
C ASP B 420 -10.08 40.47 -34.22
N LEU B 421 -9.34 39.84 -35.14
CA LEU B 421 -8.73 38.54 -34.93
C LEU B 421 -7.33 38.73 -34.35
N ILE B 422 -7.09 38.22 -33.14
CA ILE B 422 -5.83 38.48 -32.44
C ILE B 422 -4.79 37.40 -32.65
N GLY B 423 -5.16 36.23 -33.15
CA GLY B 423 -4.18 35.19 -33.34
C GLY B 423 -4.85 33.95 -33.92
N TYR B 424 -3.99 32.97 -34.22
CA TYR B 424 -4.39 31.74 -34.89
C TYR B 424 -3.51 30.61 -34.37
N CYS B 425 -4.14 29.59 -33.79
CA CYS B 425 -3.44 28.42 -33.25
C CYS B 425 -3.84 27.20 -34.08
N SER B 426 -2.88 26.63 -34.81
CA SER B 426 -3.16 25.40 -35.52
C SER B 426 -3.34 24.25 -34.52
N TRP B 427 -4.13 23.26 -34.92
CA TRP B 427 -4.21 21.99 -34.21
C TRP B 427 -3.61 20.96 -35.15
N SER B 428 -2.50 20.31 -34.76
CA SER B 428 -1.84 20.43 -33.45
C SER B 428 -0.35 20.63 -33.64
N PHE B 429 0.42 20.90 -32.58
CA PHE B 429 1.85 21.12 -32.82
C PHE B 429 2.55 19.81 -33.12
N THR B 430 2.49 18.84 -32.20
CA THR B 430 2.92 17.49 -32.52
C THR B 430 1.70 16.61 -32.75
N ASP B 431 1.94 15.48 -33.43
CA ASP B 431 0.96 14.42 -33.41
C ASP B 431 0.62 14.08 -31.97
N LEU B 432 -0.61 13.67 -31.74
CA LEU B 432 -1.05 13.38 -30.38
C LEU B 432 -2.20 12.38 -30.43
N LEU B 433 -2.66 11.95 -29.25
CA LEU B 433 -3.74 10.97 -29.17
C LEU B 433 -5.05 11.68 -29.48
N SER B 434 -5.73 11.26 -30.55
CA SER B 434 -7.09 11.74 -30.76
C SER B 434 -8.01 10.94 -29.84
N TRP B 435 -8.87 11.65 -29.10
CA TRP B 435 -9.66 11.03 -28.04
C TRP B 435 -10.32 9.74 -28.49
N LEU B 436 -11.04 9.78 -29.60
CA LEU B 436 -11.81 8.64 -30.06
C LEU B 436 -11.27 8.00 -31.33
N ASN B 437 -10.27 8.61 -31.96
CA ASN B 437 -9.78 8.17 -33.26
C ASN B 437 -8.36 7.60 -33.19
N GLY B 438 -7.79 7.45 -32.00
CA GLY B 438 -6.46 6.85 -31.86
C GLY B 438 -5.34 7.78 -32.31
N TYR B 439 -4.20 7.16 -32.66
CA TYR B 439 -3.05 7.93 -33.15
C TYR B 439 -3.02 8.09 -34.66
N GLN B 440 -3.75 7.24 -35.40
CA GLN B 440 -3.65 7.27 -36.85
C GLN B 440 -4.22 8.55 -37.46
N LYS B 441 -5.15 9.21 -36.77
CA LYS B 441 -5.66 10.51 -37.21
C LYS B 441 -4.69 11.58 -36.73
N ARG B 442 -3.75 11.97 -37.58
CA ARG B 442 -2.68 12.87 -37.19
C ARG B 442 -2.99 14.31 -37.60
N TYR B 443 -2.62 15.25 -36.71
CA TYR B 443 -2.84 16.68 -36.92
C TYR B 443 -1.55 17.49 -36.88
N GLY B 444 -0.41 16.88 -36.55
CA GLY B 444 0.73 17.65 -36.12
C GLY B 444 1.53 18.27 -37.25
N PHE B 445 2.28 19.32 -36.88
CA PHE B 445 3.42 19.74 -37.71
C PHE B 445 4.59 18.78 -37.54
N VAL B 446 4.68 18.15 -36.37
CA VAL B 446 5.77 17.25 -36.01
C VAL B 446 5.19 15.84 -35.93
N TYR B 447 5.69 14.93 -36.76
CA TYR B 447 5.25 13.55 -36.72
C TYR B 447 5.87 12.83 -35.52
N ILE B 448 5.07 12.01 -34.83
CA ILE B 448 5.53 11.22 -33.69
C ILE B 448 5.45 9.75 -34.05
N ASN B 449 6.58 9.05 -33.96
CA ASN B 449 6.66 7.65 -34.37
C ASN B 449 6.09 6.76 -33.28
N ARG B 450 4.80 6.46 -33.40
CA ARG B 450 4.10 5.48 -32.58
C ARG B 450 2.75 5.20 -33.23
N ASP B 451 2.13 4.09 -32.84
CA ASP B 451 0.74 3.83 -33.24
C ASP B 451 -0.04 3.37 -32.01
N GLU B 452 -1.21 2.78 -32.24
CA GLU B 452 -2.11 2.52 -31.11
C GLU B 452 -1.52 1.49 -30.15
N GLU B 453 -0.87 0.46 -30.68
CA GLU B 453 -0.37 -0.62 -29.86
C GLU B 453 1.13 -0.58 -29.62
N ASN B 454 1.89 0.17 -30.43
CA ASN B 454 3.35 0.21 -30.36
C ASN B 454 3.82 1.63 -30.03
N VAL B 455 4.41 1.79 -28.85
CA VAL B 455 4.97 3.08 -28.46
C VAL B 455 6.24 3.37 -29.27
N LYS B 456 6.91 2.32 -29.75
CA LYS B 456 8.16 2.43 -30.51
C LYS B 456 9.19 3.31 -29.81
N ASP B 457 9.69 4.35 -30.47
CA ASP B 457 10.71 5.21 -29.89
C ASP B 457 10.22 6.65 -29.71
N LEU B 458 8.99 6.96 -30.12
CA LEU B 458 8.40 8.29 -29.91
C LEU B 458 9.20 9.39 -30.61
N LYS B 459 9.91 9.04 -31.68
CA LYS B 459 10.73 10.02 -32.39
C LYS B 459 9.89 11.15 -32.96
N ARG B 460 10.41 12.37 -32.82
CA ARG B 460 9.82 13.56 -33.43
C ARG B 460 10.43 13.74 -34.81
N ILE B 461 9.59 13.88 -35.84
CA ILE B 461 10.07 14.14 -37.19
C ILE B 461 9.27 15.31 -37.78
N LYS B 462 9.98 16.34 -38.26
CA LYS B 462 9.33 17.51 -38.84
C LYS B 462 8.69 17.15 -40.18
N LYS B 463 7.37 17.36 -40.29
CA LYS B 463 6.71 17.18 -41.58
C LYS B 463 7.03 18.37 -42.49
N ASP B 464 6.72 18.21 -43.78
CA ASP B 464 6.84 19.33 -44.71
C ASP B 464 6.00 20.53 -44.25
N SER B 465 4.88 20.29 -43.57
CA SER B 465 4.06 21.42 -43.09
C SER B 465 4.77 22.21 -42.00
N PHE B 466 5.70 21.59 -41.27
CA PHE B 466 6.49 22.32 -40.29
C PHE B 466 7.26 23.46 -40.94
N TYR B 467 7.96 23.17 -42.04
CA TYR B 467 8.75 24.20 -42.70
C TYR B 467 7.86 25.23 -43.39
N TRP B 468 6.72 24.81 -43.91
CA TRP B 468 5.80 25.77 -44.52
C TRP B 468 5.33 26.79 -43.48
N TYR B 469 4.88 26.31 -42.33
CA TYR B 469 4.37 27.24 -41.31
C TYR B 469 5.48 28.10 -40.75
N GLN B 470 6.68 27.52 -40.57
CA GLN B 470 7.85 28.31 -40.20
C GLN B 470 8.01 29.51 -41.14
N ASN B 471 7.86 29.27 -42.44
CA ASN B 471 7.97 30.36 -43.40
C ASN B 471 6.80 31.33 -43.29
N VAL B 472 5.60 30.81 -43.02
CA VAL B 472 4.44 31.68 -42.84
C VAL B 472 4.71 32.66 -41.72
N ILE B 473 5.20 32.18 -40.58
CA ILE B 473 5.49 33.06 -39.45
C ILE B 473 6.60 34.03 -39.79
N GLN B 474 7.65 33.56 -40.48
CA GLN B 474 8.79 34.42 -40.76
C GLN B 474 8.39 35.58 -41.68
N THR B 475 7.40 35.37 -42.54
CA THR B 475 6.90 36.41 -43.43
C THR B 475 5.62 37.05 -42.93
N ASN B 476 5.26 36.84 -41.66
CA ASN B 476 4.01 37.35 -41.09
C ASN B 476 2.82 37.10 -42.01
N GLY B 477 2.79 35.93 -42.63
CA GLY B 477 1.67 35.52 -43.45
C GLY B 477 1.62 36.15 -44.83
N GLU B 478 2.65 36.89 -45.22
CA GLU B 478 2.66 37.49 -46.56
C GLU B 478 2.82 36.43 -47.65
N GLU B 479 3.50 35.32 -47.36
CA GLU B 479 3.72 34.26 -48.33
C GLU B 479 2.84 33.06 -47.99
N LEU B 480 1.91 32.75 -48.90
CA LEU B 480 0.88 31.72 -48.75
C LEU B 480 -0.17 32.12 -47.70
N LEU C 8 23.22 -31.39 3.26
CA LEU C 8 22.28 -31.92 4.24
C LEU C 8 21.90 -30.87 5.30
N ARG C 9 22.90 -30.13 5.78
CA ARG C 9 22.64 -29.03 6.68
C ARG C 9 21.73 -28.00 6.01
N PRO C 10 20.77 -27.43 6.72
CA PRO C 10 19.87 -26.46 6.09
C PRO C 10 20.57 -25.12 5.94
N PHE C 11 20.06 -24.32 5.00
CA PHE C 11 20.50 -22.94 4.89
C PHE C 11 20.33 -22.25 6.24
N PRO C 12 21.28 -21.42 6.65
CA PRO C 12 21.23 -20.82 7.99
C PRO C 12 19.97 -19.99 8.20
N ASP C 13 19.61 -19.83 9.46
CA ASP C 13 18.60 -18.85 9.83
C ASP C 13 19.09 -17.45 9.45
N HIS C 14 18.18 -16.65 8.90
CA HIS C 14 18.43 -15.29 8.42
C HIS C 14 19.41 -15.23 7.23
N PHE C 15 19.61 -16.35 6.54
CA PHE C 15 20.31 -16.33 5.25
C PHE C 15 19.68 -15.29 4.33
N LEU C 16 20.52 -14.43 3.75
CA LEU C 16 20.03 -13.32 2.92
C LEU C 16 19.74 -13.78 1.50
N TRP C 17 18.50 -14.24 1.28
CA TRP C 17 18.00 -14.56 -0.06
C TRP C 17 17.74 -13.25 -0.80
N GLY C 18 18.51 -12.98 -1.86
CA GLY C 18 18.49 -11.69 -2.52
C GLY C 18 18.40 -11.77 -4.03
N SER C 19 18.37 -10.59 -4.63
CA SER C 19 18.51 -10.37 -6.06
C SER C 19 19.10 -8.98 -6.24
N ALA C 20 19.63 -8.68 -7.42
CA ALA C 20 20.51 -7.53 -7.56
C ALA C 20 20.25 -6.77 -8.85
N SER C 21 20.75 -5.53 -8.89
CA SER C 21 20.73 -4.64 -10.06
C SER C 21 21.93 -3.70 -9.99
N ALA C 22 22.06 -2.83 -11.00
CA ALA C 22 22.99 -1.70 -10.95
C ALA C 22 22.31 -0.48 -11.59
N ALA C 23 22.72 0.72 -11.15
CA ALA C 23 21.98 1.95 -11.46
C ALA C 23 21.89 2.20 -12.96
N TYR C 24 23.04 2.27 -13.64
CA TYR C 24 22.99 2.59 -15.06
C TYR C 24 22.20 1.55 -15.85
N GLN C 25 22.18 0.30 -15.39
CA GLN C 25 21.48 -0.75 -16.13
C GLN C 25 19.95 -0.68 -15.98
N ILE C 26 19.42 0.02 -14.98
CA ILE C 26 17.95 0.02 -14.79
C ILE C 26 17.32 1.42 -14.76
N GLU C 27 18.04 2.44 -14.26
CA GLU C 27 17.34 3.65 -13.79
C GLU C 27 16.80 4.49 -14.93
N GLY C 28 17.55 4.66 -16.01
CA GLY C 28 17.20 5.69 -16.96
C GLY C 28 17.28 7.07 -16.31
N ALA C 29 16.40 7.97 -16.75
CA ALA C 29 16.37 9.34 -16.23
C ALA C 29 17.77 9.94 -16.21
N TRP C 30 18.46 9.79 -17.35
CA TRP C 30 19.90 10.01 -17.39
C TRP C 30 20.27 11.49 -17.22
N ASN C 31 19.37 12.40 -17.59
CA ASN C 31 19.65 13.82 -17.45
C ASN C 31 18.54 14.54 -16.70
N GLU C 32 17.89 13.86 -15.76
CA GLU C 32 16.75 14.42 -15.04
C GLU C 32 17.19 14.88 -13.67
N ASP C 33 16.48 15.86 -13.13
CA ASP C 33 16.59 16.25 -11.72
C ASP C 33 18.04 16.58 -11.34
N GLY C 34 18.78 17.19 -12.26
CA GLY C 34 20.12 17.65 -11.97
C GLY C 34 21.23 16.61 -12.12
N LYS C 35 20.92 15.36 -12.46
CA LYS C 35 21.96 14.34 -12.58
C LYS C 35 23.01 14.75 -13.61
N GLY C 36 24.29 14.52 -13.26
CA GLY C 36 25.37 14.75 -14.18
C GLY C 36 25.69 13.54 -15.05
N LEU C 37 26.47 13.78 -16.09
CA LEU C 37 26.87 12.71 -16.99
C LEU C 37 27.79 11.71 -16.29
N SER C 38 27.54 10.41 -16.53
CA SER C 38 28.55 9.40 -16.22
C SER C 38 29.37 9.11 -17.47
N VAL C 39 30.48 8.38 -17.28
CA VAL C 39 31.30 8.02 -18.44
C VAL C 39 30.53 7.12 -19.38
N TRP C 40 29.50 6.42 -18.90
CA TRP C 40 28.72 5.52 -19.76
C TRP C 40 27.64 6.28 -20.52
N ASP C 41 27.15 7.40 -19.98
CA ASP C 41 26.28 8.25 -20.78
C ASP C 41 26.99 8.69 -22.06
N VAL C 42 28.30 8.92 -21.97
CA VAL C 42 29.08 9.35 -23.12
C VAL C 42 29.53 8.17 -23.97
N PHE C 43 30.06 7.14 -23.31
CA PHE C 43 30.63 6.00 -24.02
C PHE C 43 29.60 5.29 -24.89
N THR C 44 28.37 5.09 -24.38
CA THR C 44 27.39 4.33 -25.15
C THR C 44 26.94 5.04 -26.41
N LYS C 45 27.25 6.33 -26.56
CA LYS C 45 26.87 7.08 -27.75
C LYS C 45 27.86 6.92 -28.89
N ILE C 46 29.10 6.52 -28.59
CA ILE C 46 30.07 6.22 -29.65
C ILE C 46 29.57 5.02 -30.46
N PRO C 47 29.48 5.13 -31.79
CA PRO C 47 29.06 3.96 -32.60
C PRO C 47 30.00 2.77 -32.43
N GLY C 48 29.39 1.58 -32.34
CA GLY C 48 30.13 0.34 -32.22
C GLY C 48 30.51 -0.09 -30.81
N LYS C 49 30.20 0.72 -29.79
CA LYS C 49 30.59 0.35 -28.43
C LYS C 49 29.58 -0.53 -27.72
N THR C 50 28.32 -0.49 -28.14
CA THR C 50 27.27 -1.30 -27.52
C THR C 50 26.50 -2.05 -28.60
N PHE C 51 25.82 -3.12 -28.17
CA PHE C 51 25.06 -3.96 -29.08
C PHE C 51 23.93 -3.16 -29.72
N LYS C 52 24.02 -2.96 -31.04
CA LYS C 52 22.99 -2.28 -31.81
C LYS C 52 22.70 -0.87 -31.29
N GLY C 53 23.69 -0.25 -30.65
CA GLY C 53 23.57 1.12 -30.20
C GLY C 53 22.71 1.33 -28.96
N SER C 54 22.38 0.25 -28.24
CA SER C 54 21.59 0.38 -27.03
C SER C 54 22.31 1.25 -26.00
N ASN C 55 21.53 1.90 -25.12
CA ASN C 55 22.11 2.72 -24.07
C ASN C 55 21.15 2.77 -22.89
N GLY C 56 21.58 3.43 -21.81
CA GLY C 56 20.81 3.50 -20.59
C GLY C 56 20.04 4.80 -20.42
N ASP C 57 19.76 5.49 -21.52
CA ASP C 57 19.02 6.75 -21.44
C ASP C 57 17.70 6.57 -20.70
N ILE C 58 16.96 5.51 -21.05
CA ILE C 58 15.73 5.14 -20.37
C ILE C 58 15.88 3.81 -19.64
N ALA C 59 16.63 2.86 -20.22
CA ALA C 59 16.87 1.54 -19.61
C ALA C 59 15.51 0.90 -19.34
N VAL C 60 15.19 0.49 -18.11
CA VAL C 60 13.82 0.05 -17.81
C VAL C 60 13.06 1.06 -16.95
N ASP C 61 13.54 2.30 -16.91
CA ASP C 61 12.86 3.43 -16.24
C ASP C 61 12.55 3.15 -14.77
N HIS C 62 13.49 2.50 -14.09
CA HIS C 62 13.30 2.18 -12.68
C HIS C 62 13.25 3.44 -11.83
N TYR C 63 13.88 4.53 -12.27
CA TYR C 63 13.82 5.80 -11.52
C TYR C 63 12.39 6.22 -11.26
N HIS C 64 11.50 6.04 -12.24
CA HIS C 64 10.10 6.42 -12.06
C HIS C 64 9.22 5.27 -11.59
N ARG C 65 9.63 4.02 -11.79
CA ARG C 65 8.79 2.87 -11.51
C ARG C 65 9.28 2.05 -10.33
N PHE C 66 10.11 2.65 -9.46
CA PHE C 66 10.73 1.84 -8.41
C PHE C 66 9.70 1.26 -7.45
N LYS C 67 8.59 1.98 -7.21
CA LYS C 67 7.60 1.44 -6.28
C LYS C 67 6.96 0.18 -6.84
N GLU C 68 6.69 0.15 -8.15
CA GLU C 68 6.19 -1.07 -8.78
C GLU C 68 7.20 -2.21 -8.66
N ASP C 69 8.48 -1.93 -8.92
CA ASP C 69 9.48 -2.97 -8.83
C ASP C 69 9.63 -3.49 -7.40
N VAL C 70 9.62 -2.60 -6.41
CA VAL C 70 9.71 -3.05 -5.02
C VAL C 70 8.49 -3.89 -4.63
N ALA C 71 7.30 -3.55 -5.15
CA ALA C 71 6.12 -4.36 -4.86
C ALA C 71 6.28 -5.79 -5.35
N LEU C 72 6.90 -5.97 -6.53
CA LEU C 72 7.17 -7.31 -7.02
C LEU C 72 8.20 -8.03 -6.14
N MET C 73 9.23 -7.31 -5.68
CA MET C 73 10.17 -7.87 -4.69
C MET C 73 9.42 -8.39 -3.46
N ALA C 74 8.48 -7.60 -2.96
CA ALA C 74 7.70 -8.02 -1.80
C ALA C 74 6.87 -9.26 -2.11
N GLU C 75 6.26 -9.31 -3.31
CA GLU C 75 5.50 -10.50 -3.67
C GLU C 75 6.39 -11.74 -3.70
N MET C 76 7.64 -11.60 -4.16
CA MET C 76 8.47 -12.80 -4.18
C MET C 76 9.03 -13.09 -2.79
N GLY C 77 9.00 -12.11 -1.90
CA GLY C 77 9.52 -12.30 -0.55
C GLY C 77 11.02 -12.22 -0.43
N LEU C 78 11.67 -11.43 -1.30
CA LEU C 78 13.11 -11.17 -1.17
C LEU C 78 13.44 -10.80 0.26
N LYS C 79 14.50 -11.40 0.79
CA LYS C 79 15.04 -10.95 2.07
C LYS C 79 16.01 -9.78 1.91
N ALA C 80 16.60 -9.62 0.73
CA ALA C 80 17.58 -8.59 0.49
C ALA C 80 17.47 -8.16 -0.96
N TYR C 81 17.75 -6.88 -1.21
CA TYR C 81 17.82 -6.35 -2.57
C TYR C 81 19.10 -5.55 -2.70
N ARG C 82 19.94 -5.93 -3.66
CA ARG C 82 21.20 -5.26 -3.90
C ARG C 82 21.06 -4.31 -5.08
N PHE C 83 21.45 -3.05 -4.88
CA PHE C 83 21.34 -2.02 -5.88
C PHE C 83 22.55 -1.12 -5.75
N SER C 84 22.83 -0.32 -6.79
CA SER C 84 23.93 0.63 -6.71
C SER C 84 23.41 2.06 -6.76
N VAL C 85 24.18 2.97 -6.17
CA VAL C 85 23.91 4.41 -6.23
C VAL C 85 24.74 5.00 -7.36
N SER C 86 24.09 5.82 -8.19
CA SER C 86 24.76 6.52 -9.28
C SER C 86 25.50 7.72 -8.72
N TRP C 87 26.82 7.63 -8.63
CA TRP C 87 27.64 8.75 -8.17
C TRP C 87 27.30 10.07 -8.86
N PRO C 88 27.21 10.17 -10.19
CA PRO C 88 26.85 11.48 -10.79
C PRO C 88 25.41 11.89 -10.54
N ARG C 89 24.55 11.02 -10.02
CA ARG C 89 23.23 11.47 -9.58
C ARG C 89 23.31 12.17 -8.23
N ILE C 90 24.32 11.84 -7.42
CA ILE C 90 24.51 12.49 -6.13
C ILE C 90 25.40 13.72 -6.27
N PHE C 91 26.48 13.62 -7.05
CA PHE C 91 27.39 14.73 -7.30
C PHE C 91 27.55 14.92 -8.80
N PRO C 92 26.78 15.83 -9.42
CA PRO C 92 26.86 16.00 -10.88
C PRO C 92 28.25 16.34 -11.39
N GLN C 93 29.04 17.08 -10.60
CA GLN C 93 30.43 17.35 -10.95
C GLN C 93 31.39 16.36 -10.30
N GLY C 94 30.87 15.31 -9.65
CA GLY C 94 31.69 14.34 -8.97
C GLY C 94 32.16 14.75 -7.60
N ARG C 95 32.22 16.05 -7.33
CA ARG C 95 32.65 16.60 -6.06
C ARG C 95 31.99 17.96 -5.90
N GLY C 96 31.98 18.46 -4.69
CA GLY C 96 31.44 19.79 -4.40
C GLY C 96 29.96 19.75 -4.07
N GLU C 97 29.15 20.35 -4.92
CA GLU C 97 27.73 20.49 -4.62
C GLU C 97 27.01 19.17 -4.83
N ALA C 98 26.32 18.72 -3.78
CA ALA C 98 25.51 17.52 -3.83
C ALA C 98 24.13 17.84 -4.42
N ASN C 99 23.48 16.82 -4.96
CA ASN C 99 22.19 16.97 -5.64
C ASN C 99 21.14 16.34 -4.74
N GLU C 100 20.33 17.19 -4.09
CA GLU C 100 19.38 16.68 -3.10
C GLU C 100 18.32 15.77 -3.72
N SER C 101 17.89 16.06 -4.96
CA SER C 101 16.92 15.19 -5.64
C SER C 101 17.47 13.77 -5.79
N GLY C 102 18.76 13.65 -6.09
CA GLY C 102 19.36 12.33 -6.20
C GLY C 102 19.38 11.60 -4.87
N LEU C 103 19.77 12.30 -3.79
CA LEU C 103 19.77 11.68 -2.47
C LEU C 103 18.38 11.28 -2.04
N ARG C 104 17.38 12.12 -2.35
CA ARG C 104 15.99 11.82 -2.00
C ARG C 104 15.48 10.58 -2.71
N PHE C 105 15.85 10.39 -3.98
CA PHE C 105 15.43 9.19 -4.70
C PHE C 105 15.85 7.93 -3.94
N TYR C 106 17.13 7.81 -3.59
CA TYR C 106 17.57 6.60 -2.89
C TYR C 106 17.01 6.52 -1.48
N ASP C 107 16.84 7.67 -0.82
CA ASP C 107 16.14 7.73 0.46
C ASP C 107 14.76 7.09 0.34
N ASP C 108 14.00 7.49 -0.68
CA ASP C 108 12.66 6.92 -0.89
C ASP C 108 12.73 5.43 -1.22
N LEU C 109 13.65 5.04 -2.10
CA LEU C 109 13.84 3.62 -2.40
C LEU C 109 14.14 2.82 -1.14
N ILE C 110 15.12 3.25 -0.36
CA ILE C 110 15.48 2.54 0.87
C ILE C 110 14.28 2.39 1.80
N ASN C 111 13.51 3.48 1.98
CA ASN C 111 12.33 3.40 2.84
C ASN C 111 11.28 2.45 2.29
N GLU C 112 11.11 2.42 0.97
CA GLU C 112 10.16 1.48 0.37
C GLU C 112 10.58 0.05 0.63
N LEU C 113 11.88 -0.24 0.51
CA LEU C 113 12.43 -1.57 0.80
C LEU C 113 12.15 -1.97 2.24
N LEU C 114 12.47 -1.08 3.20
CA LEU C 114 12.28 -1.42 4.60
C LEU C 114 10.82 -1.59 4.96
N ALA C 115 9.93 -0.83 4.30
CA ALA C 115 8.50 -0.98 4.55
C ALA C 115 8.00 -2.38 4.18
N HIS C 116 8.69 -3.07 3.29
CA HIS C 116 8.35 -4.44 2.94
C HIS C 116 9.29 -5.46 3.56
N ASP C 117 10.10 -5.03 4.53
CA ASP C 117 11.01 -5.92 5.28
C ASP C 117 12.10 -6.52 4.40
N ILE C 118 12.57 -5.74 3.43
CA ILE C 118 13.67 -6.11 2.55
C ILE C 118 14.92 -5.37 3.00
N GLU C 119 15.99 -6.12 3.31
CA GLU C 119 17.30 -5.53 3.66
C GLU C 119 17.93 -4.88 2.43
N PRO C 120 18.23 -3.59 2.46
CA PRO C 120 18.98 -2.98 1.35
C PRO C 120 20.44 -3.44 1.36
N VAL C 121 20.98 -3.71 0.17
CA VAL C 121 22.40 -3.96 -0.01
C VAL C 121 22.90 -2.92 -1.00
N LEU C 122 23.62 -1.91 -0.49
CA LEU C 122 23.94 -0.71 -1.25
C LEU C 122 25.34 -0.82 -1.84
N THR C 123 25.43 -0.85 -3.17
CA THR C 123 26.71 -0.83 -3.87
C THR C 123 27.14 0.61 -4.13
N LEU C 124 28.32 0.97 -3.59
CA LEU C 124 28.78 2.36 -3.70
C LEU C 124 29.24 2.71 -5.10
N TYR C 125 30.00 1.82 -5.76
CA TYR C 125 30.51 2.09 -7.10
C TYR C 125 30.26 0.90 -8.00
N HIS C 126 29.43 1.10 -9.03
CA HIS C 126 29.17 0.08 -10.05
C HIS C 126 29.38 0.69 -11.45
N TRP C 127 30.58 1.24 -11.69
CA TRP C 127 31.19 1.54 -13.00
C TRP C 127 30.86 2.92 -13.55
N ASP C 128 29.96 3.67 -12.93
CA ASP C 128 29.47 4.91 -13.55
C ASP C 128 30.19 6.13 -12.98
N LEU C 129 31.49 6.18 -13.22
CA LEU C 129 32.30 7.34 -12.83
C LEU C 129 31.68 8.62 -13.40
N PRO C 130 31.58 9.69 -12.61
CA PRO C 130 31.13 10.97 -13.17
C PRO C 130 32.07 11.45 -14.29
N GLN C 131 31.47 11.77 -15.44
CA GLN C 131 32.27 12.25 -16.56
C GLN C 131 33.10 13.48 -16.19
N ALA C 132 32.59 14.31 -15.28
CA ALA C 132 33.29 15.53 -14.90
C ALA C 132 34.64 15.23 -14.24
N LEU C 133 34.75 14.09 -13.56
CA LEU C 133 36.03 13.70 -12.94
C LEU C 133 37.00 13.13 -13.96
N MET C 134 36.49 12.38 -14.95
CA MET C 134 37.30 12.03 -16.11
C MET C 134 37.86 13.27 -16.76
N ASP C 135 36.99 14.26 -17.03
CA ASP C 135 37.43 15.50 -17.67
C ASP C 135 38.46 16.22 -16.79
N GLU C 136 38.22 16.26 -15.48
CA GLU C 136 39.02 17.14 -14.64
C GLU C 136 40.43 16.59 -14.44
N TYR C 137 40.54 15.29 -14.18
CA TYR C 137 41.86 14.74 -13.85
C TYR C 137 42.02 13.27 -14.22
N GLY C 138 41.18 12.73 -15.09
CA GLY C 138 41.38 11.38 -15.57
C GLY C 138 40.84 10.28 -14.69
N GLY C 139 39.91 10.59 -13.79
CA GLY C 139 39.24 9.54 -13.05
C GLY C 139 40.19 8.78 -12.14
N PHE C 140 40.18 7.44 -12.27
CA PHE C 140 40.98 6.58 -11.40
C PHE C 140 42.46 6.61 -11.75
N GLU C 141 42.87 7.37 -12.75
CA GLU C 141 44.28 7.51 -12.99
C GLU C 141 44.91 8.63 -12.16
N SER C 142 44.11 9.32 -11.35
CA SER C 142 44.61 10.36 -10.47
C SER C 142 44.32 10.01 -9.02
N ARG C 143 45.28 10.27 -8.12
CA ARG C 143 45.08 10.06 -6.70
C ARG C 143 44.05 11.02 -6.10
N ARG C 144 43.69 12.09 -6.81
CA ARG C 144 42.63 12.96 -6.32
C ARG C 144 41.33 12.19 -6.11
N ILE C 145 41.13 11.07 -6.81
CA ILE C 145 39.87 10.37 -6.69
C ILE C 145 39.72 9.69 -5.34
N ILE C 146 40.81 9.46 -4.59
CA ILE C 146 40.68 8.84 -3.28
C ILE C 146 39.87 9.75 -2.35
N GLU C 147 40.25 11.02 -2.29
CA GLU C 147 39.48 11.99 -1.50
C GLU C 147 38.06 12.17 -2.03
N ASP C 148 37.90 12.29 -3.36
CA ASP C 148 36.57 12.56 -3.91
C ASP C 148 35.63 11.37 -3.73
N PHE C 149 36.14 10.15 -3.95
CA PHE C 149 35.32 8.98 -3.71
C PHE C 149 34.96 8.87 -2.23
N ASN C 150 35.92 9.14 -1.34
CA ASN C 150 35.64 9.09 0.08
C ASN C 150 34.55 10.08 0.46
N ALA C 151 34.64 11.32 -0.03
CA ALA C 151 33.63 12.32 0.30
C ALA C 151 32.24 11.89 -0.18
N TYR C 152 32.17 11.23 -1.32
CA TYR C 152 30.90 10.71 -1.82
C TYR C 152 30.38 9.60 -0.90
N CYS C 153 31.23 8.63 -0.56
CA CYS C 153 30.82 7.55 0.34
C CYS C 153 30.35 8.07 1.69
N VAL C 154 31.08 9.01 2.27
CA VAL C 154 30.70 9.50 3.59
C VAL C 154 29.37 10.24 3.52
N THR C 155 29.08 10.91 2.41
CA THR C 155 27.74 11.52 2.25
C THR C 155 26.65 10.46 2.37
N LEU C 156 26.84 9.32 1.71
CA LEU C 156 25.85 8.25 1.79
C LEU C 156 25.84 7.59 3.17
N TYR C 157 27.01 7.39 3.77
CA TYR C 157 27.05 6.81 5.12
C TYR C 157 26.21 7.64 6.09
N LYS C 158 26.41 8.95 6.09
CA LYS C 158 25.68 9.80 7.03
C LYS C 158 24.18 9.74 6.78
N ARG C 159 23.77 9.70 5.51
CA ARG C 159 22.35 9.80 5.22
C ARG C 159 21.64 8.46 5.36
N TYR C 160 22.27 7.36 4.94
CA TYR C 160 21.59 6.07 4.91
C TYR C 160 22.11 5.06 5.92
N GLY C 161 23.23 5.34 6.61
CA GLY C 161 23.84 4.35 7.48
C GLY C 161 22.96 3.87 8.62
N GLY C 162 22.01 4.69 9.08
CA GLY C 162 21.08 4.24 10.10
C GLY C 162 20.08 3.22 9.60
N ARG C 163 19.89 3.11 8.29
CA ARG C 163 18.92 2.19 7.72
C ARG C 163 19.55 1.07 6.93
N VAL C 164 20.77 1.25 6.43
CA VAL C 164 21.40 0.26 5.56
C VAL C 164 22.55 -0.36 6.34
N LYS C 165 22.49 -1.68 6.51
CA LYS C 165 23.50 -2.43 7.24
C LYS C 165 24.55 -3.07 6.33
N TYR C 166 24.20 -3.43 5.09
CA TYR C 166 25.08 -4.16 4.18
C TYR C 166 25.47 -3.27 3.01
N TRP C 167 26.76 -3.09 2.81
CA TRP C 167 27.28 -2.22 1.78
C TRP C 167 28.30 -2.97 0.96
N VAL C 168 28.34 -2.70 -0.35
CA VAL C 168 29.40 -3.18 -1.22
C VAL C 168 30.20 -1.96 -1.67
N SER C 169 31.53 -2.06 -1.61
CA SER C 169 32.35 -0.88 -1.95
C SER C 169 32.50 -0.78 -3.46
N LEU C 170 33.48 -1.47 -4.03
CA LEU C 170 33.69 -1.44 -5.47
C LEU C 170 33.15 -2.74 -6.06
N ASN C 171 32.41 -2.64 -7.16
CA ASN C 171 31.89 -3.83 -7.84
C ASN C 171 32.80 -4.18 -9.01
N GLU C 172 33.37 -5.39 -8.98
CA GLU C 172 34.15 -5.97 -10.08
C GLU C 172 35.22 -5.01 -10.58
N GLN C 173 35.99 -4.49 -9.64
CA GLN C 173 37.11 -3.65 -10.02
C GLN C 173 37.98 -4.36 -11.05
N ASN C 174 38.17 -5.67 -10.88
CA ASN C 174 39.04 -6.42 -11.79
C ASN C 174 38.48 -6.47 -13.20
N TYR C 175 37.18 -6.79 -13.33
CA TYR C 175 36.59 -6.97 -14.67
C TYR C 175 36.42 -5.63 -15.38
N ASN C 176 35.94 -4.61 -14.66
CA ASN C 176 35.69 -3.29 -15.23
C ASN C 176 37.00 -2.61 -15.64
N PHE C 177 38.01 -2.68 -14.78
CA PHE C 177 39.29 -2.05 -15.10
C PHE C 177 40.03 -2.80 -16.19
N ASN C 178 39.83 -4.12 -16.28
CA ASN C 178 40.40 -4.85 -17.40
C ASN C 178 39.83 -4.37 -18.72
N HIS C 179 38.51 -4.21 -18.80
CA HIS C 179 37.96 -3.72 -20.06
C HIS C 179 38.24 -2.24 -20.26
N GLY C 180 38.39 -1.47 -19.19
CA GLY C 180 38.65 -0.05 -19.36
C GLY C 180 40.08 0.26 -19.78
N PHE C 181 41.05 -0.59 -19.38
CA PHE C 181 42.47 -0.30 -19.58
C PHE C 181 43.28 -1.38 -20.30
N ILE C 182 42.73 -2.57 -20.55
CA ILE C 182 43.41 -3.62 -21.30
C ILE C 182 42.78 -3.83 -22.68
N THR C 183 41.47 -4.06 -22.72
CA THR C 183 40.77 -4.38 -23.97
C THR C 183 40.12 -3.16 -24.63
N ALA C 184 39.93 -2.08 -23.89
CA ALA C 184 39.26 -0.86 -24.35
C ALA C 184 37.77 -1.10 -24.65
N MET C 185 37.16 -2.15 -24.09
CA MET C 185 35.73 -2.35 -24.28
C MET C 185 34.87 -1.54 -23.32
N HIS C 186 35.44 -1.01 -22.25
CA HIS C 186 34.79 -0.08 -21.34
C HIS C 186 35.53 1.24 -21.40
N PRO C 187 34.89 2.35 -20.98
CA PRO C 187 35.65 3.58 -20.80
C PRO C 187 36.74 3.37 -19.76
N PRO C 188 37.88 4.06 -19.91
CA PRO C 188 38.18 5.11 -20.87
C PRO C 188 38.68 4.61 -22.23
N GLY C 189 38.55 3.32 -22.53
CA GLY C 189 38.93 2.86 -23.86
C GLY C 189 40.43 2.84 -24.09
N VAL C 190 41.18 2.31 -23.12
CA VAL C 190 42.64 2.34 -23.11
C VAL C 190 43.17 0.92 -23.25
N LYS C 191 44.36 0.77 -23.85
CA LYS C 191 45.05 -0.53 -23.95
C LYS C 191 46.49 -0.33 -23.47
N ASP C 192 46.74 -0.51 -22.18
CA ASP C 192 48.04 -0.18 -21.60
C ASP C 192 48.14 -0.86 -20.24
N ARG C 193 48.99 -1.89 -20.14
CA ARG C 193 49.01 -2.69 -18.91
C ARG C 193 49.51 -1.88 -17.72
N LYS C 194 50.48 -0.99 -17.92
CA LYS C 194 50.95 -0.14 -16.84
C LYS C 194 49.82 0.74 -16.29
N ARG C 195 49.04 1.35 -17.19
CA ARG C 195 47.93 2.20 -16.75
C ARG C 195 46.87 1.38 -16.04
N PHE C 196 46.66 0.15 -16.51
CA PHE C 196 45.76 -0.80 -15.82
C PHE C 196 46.18 -0.99 -14.36
N TYR C 197 47.47 -1.29 -14.12
CA TYR C 197 47.90 -1.55 -12.75
C TYR C 197 47.95 -0.29 -11.91
N GLU C 198 48.25 0.85 -12.53
CA GLU C 198 48.29 2.09 -11.76
C GLU C 198 46.88 2.51 -11.36
N ALA C 199 45.93 2.43 -12.30
CA ALA C 199 44.54 2.74 -11.97
C ALA C 199 43.98 1.79 -10.93
N ASN C 200 44.31 0.50 -11.03
CA ASN C 200 43.84 -0.45 -10.01
C ASN C 200 44.41 -0.10 -8.65
N HIS C 201 45.69 0.30 -8.60
CA HIS C 201 46.31 0.66 -7.33
C HIS C 201 45.56 1.82 -6.68
N ILE C 202 45.24 2.85 -7.46
CA ILE C 202 44.48 3.97 -6.94
C ILE C 202 43.09 3.50 -6.52
N ALA C 203 42.48 2.57 -7.26
CA ALA C 203 41.18 2.06 -6.85
C ALA C 203 41.29 1.29 -5.53
N PHE C 204 42.38 0.53 -5.33
CA PHE C 204 42.55 -0.14 -4.05
C PHE C 204 42.66 0.86 -2.90
N LEU C 205 43.36 1.96 -3.13
CA LEU C 205 43.49 3.01 -2.11
C LEU C 205 42.15 3.67 -1.83
N ALA C 206 41.38 3.94 -2.88
CA ALA C 206 40.04 4.49 -2.69
C ALA C 206 39.15 3.52 -1.91
N ASN C 207 39.20 2.24 -2.28
CA ASN C 207 38.46 1.21 -1.54
C ASN C 207 38.83 1.19 -0.07
N ALA C 208 40.14 1.14 0.22
CA ALA C 208 40.60 1.13 1.61
C ALA C 208 40.19 2.40 2.36
N LYS C 209 40.31 3.56 1.71
CA LYS C 209 39.89 4.81 2.37
C LYS C 209 38.41 4.80 2.71
N ALA C 210 37.56 4.36 1.77
CA ALA C 210 36.12 4.33 2.00
C ALA C 210 35.74 3.34 3.10
N ILE C 211 36.43 2.22 3.17
CA ILE C 211 36.12 1.22 4.20
C ILE C 211 36.58 1.71 5.56
N ASP C 212 37.73 2.39 5.61
CA ASP C 212 38.17 3.00 6.86
C ASP C 212 37.15 4.03 7.35
N SER C 213 36.63 4.86 6.45
CA SER C 213 35.63 5.84 6.88
C SER C 213 34.35 5.15 7.35
N PHE C 214 33.99 4.04 6.71
CA PHE C 214 32.79 3.28 7.08
C PHE C 214 32.87 2.80 8.52
N ARG C 215 34.08 2.42 8.98
CA ARG C 215 34.25 1.99 10.38
C ARG C 215 33.87 3.09 11.36
N ARG C 216 34.05 4.36 11.00
CA ARG C 216 33.65 5.42 11.91
C ARG C 216 32.19 5.81 11.77
N TYR C 217 31.68 5.93 10.53
CA TYR C 217 30.33 6.45 10.33
C TYR C 217 29.24 5.36 10.39
N VAL C 218 29.57 4.11 10.11
CA VAL C 218 28.61 3.03 10.18
C VAL C 218 29.23 1.89 10.99
N PRO C 219 29.46 2.08 12.28
CA PRO C 219 30.21 1.08 13.05
C PRO C 219 29.48 -0.25 13.19
N ASP C 220 28.17 -0.29 13.05
CA ASP C 220 27.43 -1.55 13.15
C ASP C 220 27.17 -2.18 11.80
N GLY C 221 27.67 -1.58 10.71
CA GLY C 221 27.40 -2.09 9.39
C GLY C 221 28.42 -3.14 8.94
N LYS C 222 28.15 -3.73 7.80
CA LYS C 222 29.03 -4.71 7.18
C LYS C 222 29.35 -4.22 5.78
N ILE C 223 30.63 -4.27 5.39
CA ILE C 223 31.03 -3.78 4.07
C ILE C 223 32.08 -4.70 3.46
N GLY C 224 32.05 -4.79 2.12
CA GLY C 224 33.07 -5.50 1.39
C GLY C 224 33.00 -5.24 -0.10
N PRO C 225 34.07 -5.55 -0.83
CA PRO C 225 34.04 -5.45 -2.29
C PRO C 225 33.35 -6.66 -2.89
N SER C 226 32.89 -6.51 -4.13
CA SER C 226 32.32 -7.61 -4.91
C SER C 226 33.27 -7.93 -6.06
N PHE C 227 33.97 -9.05 -5.95
CA PHE C 227 35.00 -9.45 -6.91
C PHE C 227 34.39 -10.31 -8.01
N ALA C 228 34.78 -10.04 -9.26
CA ALA C 228 34.36 -10.89 -10.38
C ALA C 228 35.24 -12.14 -10.35
N TYR C 229 34.68 -13.24 -9.85
CA TYR C 229 35.48 -14.41 -9.46
C TYR C 229 35.26 -15.54 -10.45
N SER C 230 36.29 -15.82 -11.25
CA SER C 230 36.35 -17.03 -12.06
C SER C 230 37.47 -17.91 -11.51
N PRO C 231 37.16 -18.93 -10.71
CA PRO C 231 38.20 -19.85 -10.23
C PRO C 231 38.90 -20.46 -11.42
N ALA C 232 40.22 -20.58 -11.32
CA ALA C 232 41.02 -21.18 -12.38
C ALA C 232 41.10 -22.69 -12.21
N TYR C 233 41.10 -23.40 -13.34
CA TYR C 233 41.35 -24.84 -13.48
C TYR C 233 42.55 -25.03 -14.38
N PRO C 234 43.38 -26.03 -14.15
CA PRO C 234 44.30 -26.47 -15.20
C PRO C 234 43.62 -27.43 -16.16
N LEU C 235 44.11 -27.44 -17.39
CA LEU C 235 43.55 -28.34 -18.39
C LEU C 235 43.90 -29.79 -18.10
N SER C 236 45.09 -30.06 -17.55
CA SER C 236 45.57 -31.43 -17.44
C SER C 236 46.56 -31.49 -16.27
N SER C 237 47.04 -32.70 -15.99
CA SER C 237 48.08 -32.88 -14.98
C SER C 237 49.49 -32.72 -15.56
N ARG C 238 49.59 -32.17 -16.77
CA ARG C 238 50.89 -31.79 -17.30
C ARG C 238 51.48 -30.68 -16.44
N PRO C 239 52.73 -30.80 -15.96
CA PRO C 239 53.25 -29.75 -15.07
C PRO C 239 53.21 -28.35 -15.69
N ASP C 240 53.48 -28.22 -16.99
CA ASP C 240 53.33 -26.91 -17.63
C ASP C 240 51.90 -26.38 -17.55
N ASP C 241 50.88 -27.27 -17.60
CA ASP C 241 49.51 -26.79 -17.46
C ASP C 241 49.19 -26.42 -16.02
N ILE C 242 49.73 -27.16 -15.05
CA ILE C 242 49.55 -26.79 -13.65
C ILE C 242 50.17 -25.42 -13.38
N LEU C 243 51.40 -25.21 -13.86
CA LEU C 243 52.05 -23.91 -13.72
C LEU C 243 51.23 -22.78 -14.35
N ALA C 244 50.63 -23.05 -15.52
CA ALA C 244 49.75 -22.05 -16.12
C ALA C 244 48.57 -21.73 -15.21
N PHE C 245 47.94 -22.76 -14.65
CA PHE C 245 46.87 -22.55 -13.68
C PHE C 245 47.38 -21.79 -12.44
N GLU C 246 48.57 -22.12 -11.96
CA GLU C 246 49.13 -21.38 -10.82
C GLU C 246 49.24 -19.90 -11.14
N ASN C 247 49.78 -19.57 -12.32
CA ASN C 247 49.93 -18.18 -12.71
C ASN C 247 48.57 -17.52 -12.90
N ALA C 248 47.62 -18.22 -13.53
CA ALA C 248 46.28 -17.66 -13.71
C ALA C 248 45.63 -17.34 -12.36
N GLU C 249 45.75 -18.24 -11.39
CA GLU C 249 45.17 -17.96 -10.08
C GLU C 249 45.84 -16.74 -9.41
N GLU C 250 47.17 -16.65 -9.49
CA GLU C 250 47.88 -15.54 -8.86
C GLU C 250 47.55 -14.22 -9.54
N PHE C 251 47.61 -14.18 -10.87
CA PHE C 251 47.45 -12.90 -11.58
C PHE C 251 45.99 -12.51 -11.70
N THR C 252 45.07 -13.46 -11.89
CA THR C 252 43.68 -13.07 -12.11
C THR C 252 42.88 -13.01 -10.83
N ASN C 253 43.24 -13.77 -9.80
CA ASN C 253 42.46 -13.80 -8.56
C ASN C 253 43.21 -13.26 -7.36
N TYR C 254 44.41 -13.75 -7.04
CA TYR C 254 45.06 -13.32 -5.80
C TYR C 254 45.46 -11.86 -5.87
N TRP C 255 45.76 -11.33 -7.05
CA TRP C 255 46.11 -9.91 -7.18
C TRP C 255 45.09 -9.02 -6.45
N TRP C 256 43.80 -9.29 -6.63
CA TRP C 256 42.76 -8.52 -5.96
C TRP C 256 42.46 -9.05 -4.56
N LEU C 257 42.30 -10.37 -4.43
CA LEU C 257 41.84 -10.93 -3.15
C LEU C 257 42.89 -10.74 -2.05
N ASP C 258 44.18 -10.94 -2.35
CA ASP C 258 45.22 -10.61 -1.36
C ASP C 258 45.12 -9.15 -0.94
N MET C 259 44.91 -8.25 -1.90
CA MET C 259 44.98 -6.84 -1.53
C MET C 259 43.74 -6.50 -0.72
N TYR C 260 42.56 -7.02 -1.14
CA TYR C 260 41.31 -6.76 -0.42
C TYR C 260 41.34 -7.35 0.98
N CYS C 261 41.94 -8.54 1.17
CA CYS C 261 41.84 -9.24 2.46
C CYS C 261 43.08 -9.10 3.32
N ARG C 262 44.27 -9.04 2.72
CA ARG C 262 45.50 -8.93 3.48
C ARG C 262 46.11 -7.55 3.41
N GLY C 263 45.66 -6.69 2.49
CA GLY C 263 46.28 -5.38 2.35
C GLY C 263 47.62 -5.38 1.67
N THR C 264 47.98 -6.47 1.00
CA THR C 264 49.27 -6.58 0.34
C THR C 264 49.07 -7.22 -1.03
N TYR C 265 50.00 -6.94 -1.93
CA TYR C 265 49.96 -7.62 -3.22
C TYR C 265 50.62 -9.00 -3.11
N PRO C 266 50.20 -9.98 -3.91
CA PRO C 266 50.99 -11.23 -4.00
C PRO C 266 52.37 -10.98 -4.59
N ASP C 267 53.41 -11.55 -3.96
CA ASP C 267 54.78 -11.19 -4.32
C ASP C 267 55.21 -11.71 -5.68
N ILE C 268 54.70 -12.86 -6.12
CA ILE C 268 55.15 -13.43 -7.38
C ILE C 268 54.68 -12.56 -8.55
N PRO C 269 53.39 -12.23 -8.67
CA PRO C 269 53.01 -11.27 -9.72
C PRO C 269 53.68 -9.92 -9.60
N LEU C 270 53.81 -9.36 -8.40
CA LEU C 270 54.38 -8.03 -8.27
C LEU C 270 55.79 -8.00 -8.83
N LYS C 271 56.60 -9.01 -8.51
CA LYS C 271 57.98 -9.03 -8.96
C LYS C 271 58.03 -9.14 -10.48
N TYR C 272 57.16 -9.97 -11.06
CA TYR C 272 57.09 -10.11 -12.51
C TYR C 272 56.68 -8.80 -13.19
N LEU C 273 55.71 -8.09 -12.61
CA LEU C 273 55.24 -6.84 -13.21
C LEU C 273 56.31 -5.75 -13.15
N LYS C 274 57.07 -5.71 -12.04
CA LYS C 274 58.15 -4.73 -11.95
C LYS C 274 59.18 -4.93 -13.05
N GLU C 275 59.54 -6.20 -13.32
CA GLU C 275 60.50 -6.48 -14.38
C GLU C 275 59.96 -6.09 -15.74
N LYS C 276 58.64 -6.18 -15.93
CA LYS C 276 58.05 -5.84 -17.21
C LYS C 276 57.82 -4.35 -17.37
N GLY C 277 57.93 -3.56 -16.30
CA GLY C 277 57.57 -2.16 -16.38
C GLY C 277 56.09 -1.89 -16.26
N TRP C 278 55.34 -2.83 -15.68
CA TRP C 278 53.89 -2.74 -15.55
C TRP C 278 53.42 -2.59 -14.11
N ALA C 279 54.33 -2.53 -13.15
CA ALA C 279 53.90 -2.62 -11.77
C ALA C 279 53.32 -1.28 -11.30
N PRO C 280 52.40 -1.31 -10.34
CA PRO C 280 51.92 -0.05 -9.77
C PRO C 280 53.03 0.59 -8.95
N THR C 281 52.98 1.92 -8.88
CA THR C 281 53.95 2.68 -8.10
C THR C 281 53.45 2.82 -6.65
N ILE C 282 54.21 2.27 -5.72
CA ILE C 282 53.85 2.34 -4.31
C ILE C 282 54.48 3.60 -3.72
N GLU C 283 53.64 4.47 -3.19
CA GLU C 283 54.11 5.71 -2.59
C GLU C 283 54.09 5.58 -1.08
N ASP C 284 54.80 6.49 -0.42
CA ASP C 284 54.83 6.53 1.04
C ASP C 284 53.41 6.68 1.58
N GLY C 285 53.07 5.87 2.58
CA GLY C 285 51.74 5.90 3.15
C GLY C 285 50.72 4.99 2.47
N ASP C 286 51.03 4.45 1.30
CA ASP C 286 50.06 3.58 0.62
C ASP C 286 49.77 2.32 1.42
N MET C 287 50.82 1.58 1.80
CA MET C 287 50.61 0.31 2.50
C MET C 287 49.90 0.52 3.83
N GLU C 288 50.17 1.65 4.50
CA GLU C 288 49.48 1.97 5.76
C GLU C 288 47.98 2.15 5.53
N LEU C 289 47.60 2.85 4.45
CA LEU C 289 46.17 3.00 4.16
C LEU C 289 45.55 1.66 3.78
N LEU C 290 46.22 0.91 2.90
CA LEU C 290 45.67 -0.36 2.44
C LEU C 290 45.43 -1.32 3.59
N ALA C 291 46.25 -1.25 4.65
CA ALA C 291 46.05 -2.05 5.85
C ALA C 291 44.74 -1.76 6.53
N LYS C 292 44.12 -0.61 6.27
CA LYS C 292 42.88 -0.23 6.95
C LYS C 292 41.64 -0.73 6.24
N GLY C 293 41.77 -1.43 5.12
CA GLY C 293 40.61 -1.77 4.33
C GLY C 293 40.04 -3.17 4.48
N LYS C 294 40.38 -3.86 5.58
CA LYS C 294 39.88 -5.22 5.75
C LYS C 294 38.36 -5.22 5.76
N PRO C 295 37.72 -6.08 4.97
CA PRO C 295 36.25 -6.07 4.88
C PRO C 295 35.62 -7.08 5.84
N ASP C 296 34.32 -6.90 6.04
CA ASP C 296 33.56 -7.86 6.85
C ASP C 296 33.21 -9.13 6.09
N PHE C 297 33.13 -9.06 4.76
CA PHE C 297 32.83 -10.21 3.92
C PHE C 297 33.50 -9.94 2.59
N VAL C 298 33.65 -11.00 1.81
CA VAL C 298 34.05 -10.87 0.41
C VAL C 298 32.80 -11.09 -0.42
N GLY C 299 32.45 -10.09 -1.23
CA GLY C 299 31.38 -10.26 -2.21
C GLY C 299 31.90 -11.06 -3.39
N VAL C 300 31.15 -12.09 -3.78
CA VAL C 300 31.52 -13.00 -4.87
C VAL C 300 30.50 -12.84 -5.99
N ASN C 301 30.95 -12.39 -7.15
CA ASN C 301 30.14 -12.42 -8.36
C ASN C 301 30.63 -13.60 -9.19
N TYR C 302 29.82 -14.65 -9.26
CA TYR C 302 30.22 -15.91 -9.90
C TYR C 302 29.32 -16.22 -11.08
N TYR C 303 29.93 -16.50 -12.23
CA TYR C 303 29.21 -16.99 -13.40
C TYR C 303 29.85 -18.24 -14.00
N GLN C 304 31.18 -18.37 -13.93
CA GLN C 304 31.85 -19.50 -14.57
C GLN C 304 33.25 -19.70 -13.98
N THR C 305 33.78 -20.90 -14.15
CA THR C 305 35.21 -21.12 -14.01
C THR C 305 35.87 -20.90 -15.38
N ILE C 306 37.19 -20.83 -15.37
CA ILE C 306 37.98 -20.74 -16.59
C ILE C 306 39.11 -21.77 -16.50
N THR C 307 39.33 -22.48 -17.58
CA THR C 307 40.37 -23.50 -17.65
C THR C 307 41.54 -22.94 -18.45
N TYR C 308 42.75 -23.24 -17.97
CA TYR C 308 43.99 -22.67 -18.51
C TYR C 308 44.96 -23.76 -18.91
N GLU C 309 45.80 -23.45 -19.90
CA GLU C 309 46.89 -24.34 -20.29
C GLU C 309 48.13 -23.48 -20.57
N MET C 310 49.24 -24.17 -20.84
CA MET C 310 50.50 -23.50 -21.10
C MET C 310 50.40 -22.62 -22.35
N ASN C 311 51.08 -21.47 -22.33
CA ASN C 311 51.03 -20.50 -23.42
C ASN C 311 52.45 -20.07 -23.74
N PRO C 312 52.98 -20.36 -24.93
CA PRO C 312 54.35 -19.95 -25.26
C PRO C 312 54.48 -18.44 -25.33
N LEU C 313 55.73 -17.98 -25.42
CA LEU C 313 56.01 -16.55 -25.49
C LEU C 313 55.48 -15.90 -26.77
N ASP C 314 55.26 -16.67 -27.82
CA ASP C 314 54.66 -16.16 -29.06
C ASP C 314 53.22 -16.62 -29.22
N GLY C 315 52.52 -16.84 -28.10
CA GLY C 315 51.22 -17.46 -28.10
C GLY C 315 50.06 -16.48 -28.13
N VAL C 316 48.95 -16.90 -27.54
CA VAL C 316 47.72 -16.13 -27.57
C VAL C 316 47.82 -14.94 -26.64
N SER C 317 47.31 -13.80 -27.09
CA SER C 317 47.10 -12.66 -26.21
C SER C 317 45.66 -12.18 -26.29
N GLU C 318 45.32 -11.38 -27.32
CA GLU C 318 43.99 -10.83 -27.40
C GLU C 318 43.02 -11.81 -28.07
N GLY C 319 41.74 -11.65 -27.78
CA GLY C 319 40.71 -12.46 -28.41
C GLY C 319 39.37 -11.76 -28.35
N LYS C 320 38.56 -11.97 -29.39
CA LYS C 320 37.26 -11.33 -29.49
C LYS C 320 36.24 -11.96 -28.55
N MET C 321 35.45 -11.12 -27.91
CA MET C 321 34.38 -11.56 -27.03
C MET C 321 33.06 -11.69 -27.78
N ASN C 322 32.21 -12.59 -27.28
CA ASN C 322 30.88 -12.83 -27.84
C ASN C 322 29.89 -11.85 -27.22
N THR C 323 29.49 -10.84 -27.97
CA THR C 323 28.49 -9.87 -27.53
C THR C 323 27.19 -9.94 -28.32
N THR C 324 27.03 -10.97 -29.15
CA THR C 324 25.85 -11.12 -30.00
C THR C 324 24.95 -12.29 -29.64
N GLY C 325 25.38 -13.18 -28.75
CA GLY C 325 24.56 -14.35 -28.48
C GLY C 325 24.61 -15.41 -29.55
N GLN C 326 25.64 -15.38 -30.41
CA GLN C 326 25.86 -16.40 -31.43
C GLN C 326 26.86 -17.40 -30.84
N LYS C 327 26.35 -18.56 -30.44
CA LYS C 327 27.14 -19.51 -29.67
C LYS C 327 28.34 -19.99 -30.48
N GLY C 328 29.47 -20.17 -29.78
CA GLY C 328 30.71 -20.55 -30.41
C GLY C 328 31.52 -19.43 -31.01
N SER C 329 31.20 -18.16 -30.74
CA SER C 329 31.93 -17.06 -31.36
C SER C 329 33.01 -16.46 -30.46
N ASN C 330 33.04 -16.82 -29.17
CA ASN C 330 34.09 -16.35 -28.28
C ASN C 330 35.45 -16.93 -28.68
N GLN C 331 36.51 -16.19 -28.38
CA GLN C 331 37.87 -16.57 -28.72
C GLN C 331 38.73 -16.66 -27.46
N GLU C 332 39.72 -17.56 -27.47
CA GLU C 332 40.65 -17.67 -26.34
C GLU C 332 41.48 -16.40 -26.18
N THR C 333 41.94 -16.17 -24.95
CA THR C 333 42.81 -15.07 -24.61
C THR C 333 43.95 -15.62 -23.77
N GLY C 334 45.00 -14.83 -23.57
CA GLY C 334 46.04 -15.29 -22.67
C GLY C 334 47.05 -14.22 -22.38
N MET C 335 48.03 -14.59 -21.56
CA MET C 335 49.23 -13.79 -21.31
C MET C 335 50.42 -14.60 -21.81
N PRO C 336 51.05 -14.20 -22.90
CA PRO C 336 52.16 -14.98 -23.46
C PRO C 336 53.23 -15.33 -22.44
N GLY C 337 53.63 -16.60 -22.42
CA GLY C 337 54.58 -17.11 -21.46
C GLY C 337 53.99 -17.51 -20.12
N LEU C 338 52.78 -17.06 -19.79
CA LEU C 338 52.16 -17.34 -18.49
C LEU C 338 50.97 -18.30 -18.57
N TYR C 339 49.97 -18.03 -19.42
CA TYR C 339 48.80 -18.90 -19.49
C TYR C 339 47.95 -18.46 -20.68
N LYS C 340 47.08 -19.38 -21.13
CA LYS C 340 46.02 -19.06 -22.07
C LYS C 340 44.77 -19.81 -21.67
N THR C 341 43.61 -19.28 -22.06
CA THR C 341 42.35 -19.94 -21.74
C THR C 341 42.10 -21.08 -22.72
N LYS C 342 41.24 -22.01 -22.29
CA LYS C 342 40.89 -23.17 -23.11
C LYS C 342 39.47 -23.58 -22.76
N ARG C 343 38.64 -23.80 -23.79
CA ARG C 343 37.28 -24.24 -23.54
C ARG C 343 37.31 -25.55 -22.75
N ASN C 344 36.60 -25.57 -21.63
CA ASN C 344 36.57 -26.79 -20.81
C ASN C 344 35.73 -27.85 -21.52
N PRO C 345 36.33 -28.96 -21.98
CA PRO C 345 35.54 -29.96 -22.71
C PRO C 345 34.48 -30.64 -21.87
N HIS C 346 34.50 -30.49 -20.55
CA HIS C 346 33.50 -31.11 -19.70
C HIS C 346 32.29 -30.24 -19.41
N LEU C 347 32.25 -29.00 -19.88
CA LEU C 347 31.19 -28.08 -19.49
C LEU C 347 30.34 -27.67 -20.69
N GLU C 348 29.04 -27.49 -20.46
CA GLU C 348 28.17 -26.81 -21.41
C GLU C 348 28.40 -25.29 -21.31
N THR C 349 28.00 -24.56 -22.35
CA THR C 349 28.09 -23.11 -22.34
C THR C 349 26.77 -22.51 -22.80
N SER C 350 26.51 -21.28 -22.36
CA SER C 350 25.34 -20.52 -22.79
C SER C 350 25.52 -20.04 -24.23
N ASN C 351 24.50 -19.33 -24.73
CA ASN C 351 24.57 -18.78 -26.07
C ASN C 351 25.56 -17.62 -26.19
N TRP C 352 25.99 -17.03 -25.07
CA TRP C 352 27.07 -16.06 -25.06
C TRP C 352 28.41 -16.70 -24.66
N ASP C 353 28.49 -18.04 -24.67
CA ASP C 353 29.73 -18.79 -24.42
C ASP C 353 30.25 -18.65 -22.99
N TRP C 354 29.36 -18.39 -22.02
CA TRP C 354 29.74 -18.44 -20.61
C TRP C 354 29.55 -19.85 -20.11
N ALA C 355 30.57 -20.41 -19.46
CA ALA C 355 30.54 -21.83 -19.09
C ALA C 355 29.60 -22.06 -17.91
N ILE C 356 28.92 -23.20 -17.93
CA ILE C 356 28.00 -23.57 -16.86
C ILE C 356 28.71 -24.57 -15.94
N ASP C 357 29.04 -24.14 -14.72
CA ASP C 357 29.87 -24.92 -13.80
C ASP C 357 29.40 -24.69 -12.37
N PRO C 358 28.29 -25.31 -11.97
CA PRO C 358 27.80 -25.12 -10.60
C PRO C 358 28.74 -25.70 -9.55
N ILE C 359 29.40 -26.82 -9.81
CA ILE C 359 30.39 -27.31 -8.85
C ILE C 359 31.51 -26.29 -8.68
N GLY C 360 31.86 -25.58 -9.77
CA GLY C 360 32.85 -24.53 -9.68
C GLY C 360 32.55 -23.47 -8.63
N LEU C 361 31.27 -23.23 -8.34
CA LEU C 361 30.91 -22.28 -7.29
C LEU C 361 31.29 -22.82 -5.91
N ARG C 362 30.97 -24.09 -5.64
CA ARG C 362 31.44 -24.76 -4.41
C ARG C 362 32.97 -24.70 -4.29
N ILE C 363 33.67 -25.05 -5.37
CA ILE C 363 35.13 -24.97 -5.37
C ILE C 363 35.60 -23.56 -5.03
N GLY C 364 35.02 -22.55 -5.68
CA GLY C 364 35.49 -21.19 -5.45
C GLY C 364 35.18 -20.69 -4.05
N LEU C 365 33.98 -20.97 -3.53
CA LEU C 365 33.67 -20.60 -2.16
C LEU C 365 34.68 -21.21 -1.17
N ARG C 366 35.00 -22.48 -1.36
CA ARG C 366 35.97 -23.15 -0.48
C ARG C 366 37.36 -22.53 -0.58
N ARG C 367 37.81 -22.19 -1.79
CA ARG C 367 39.15 -21.62 -1.95
C ARG C 367 39.31 -20.31 -1.20
N ILE C 368 38.35 -19.40 -1.36
CA ILE C 368 38.45 -18.11 -0.66
C ILE C 368 38.34 -18.31 0.84
N SER C 369 37.41 -19.17 1.25
CA SER C 369 37.25 -19.42 2.68
C SER C 369 38.52 -20.03 3.27
N SER C 370 39.13 -20.98 2.56
CA SER C 370 40.32 -21.64 3.09
C SER C 370 41.51 -20.69 3.14
N ARG C 371 41.68 -19.88 2.10
CA ARG C 371 42.87 -19.05 2.01
C ARG C 371 42.79 -17.83 2.91
N TYR C 372 41.60 -17.21 3.03
CA TYR C 372 41.47 -15.93 3.71
C TYR C 372 40.65 -15.96 4.98
N GLY C 373 39.79 -16.96 5.18
CA GLY C 373 39.06 -17.10 6.44
C GLY C 373 37.99 -16.06 6.72
N LEU C 374 37.42 -15.44 5.68
CA LEU C 374 36.41 -14.40 5.84
C LEU C 374 35.03 -14.90 5.41
N PRO C 375 33.94 -14.36 5.98
CA PRO C 375 32.60 -14.68 5.46
C PRO C 375 32.48 -14.35 3.99
N LEU C 376 31.61 -15.08 3.29
CA LEU C 376 31.37 -14.86 1.87
C LEU C 376 29.91 -14.49 1.65
N PHE C 377 29.69 -13.62 0.67
CA PHE C 377 28.37 -13.15 0.27
C PHE C 377 28.35 -13.22 -1.26
N ILE C 378 27.56 -14.14 -1.81
CA ILE C 378 27.41 -14.18 -3.26
C ILE C 378 26.54 -12.98 -3.65
N THR C 379 27.15 -11.97 -4.27
CA THR C 379 26.42 -10.76 -4.64
C THR C 379 25.94 -10.78 -6.09
N GLU C 380 26.33 -11.79 -6.88
CA GLU C 380 25.78 -11.97 -8.22
C GLU C 380 25.95 -13.43 -8.60
N ASN C 381 24.91 -14.01 -9.19
CA ASN C 381 24.96 -15.30 -9.87
C ASN C 381 23.69 -15.39 -10.70
N GLY C 382 23.81 -15.71 -11.98
CA GLY C 382 22.61 -15.77 -12.81
C GLY C 382 22.96 -16.24 -14.20
N LEU C 383 21.93 -16.35 -15.04
CA LEU C 383 22.08 -16.82 -16.40
C LEU C 383 21.47 -15.81 -17.36
N GLY C 384 22.29 -15.28 -18.26
CA GLY C 384 21.81 -14.37 -19.29
C GLY C 384 21.51 -15.12 -20.55
N GLU C 385 20.26 -15.08 -20.99
CA GLU C 385 19.83 -15.87 -22.13
C GLU C 385 18.68 -15.17 -22.85
N PHE C 386 18.40 -15.64 -24.05
CA PHE C 386 17.19 -15.21 -24.77
C PHE C 386 15.95 -15.71 -24.04
N ASP C 387 14.96 -14.84 -23.88
CA ASP C 387 13.64 -15.21 -23.39
C ASP C 387 12.60 -14.90 -24.47
N LYS C 388 11.55 -15.71 -24.52
CA LYS C 388 10.41 -15.45 -25.39
C LYS C 388 9.15 -15.37 -24.55
N VAL C 389 8.25 -14.47 -24.94
CA VAL C 389 6.92 -14.38 -24.35
C VAL C 389 5.99 -15.31 -25.13
N GLU C 390 5.40 -16.27 -24.43
CA GLU C 390 4.46 -17.19 -25.06
C GLU C 390 3.15 -16.47 -25.37
N ASN C 391 2.28 -17.14 -26.14
CA ASN C 391 1.01 -16.51 -26.53
C ASN C 391 0.10 -16.25 -25.33
N ASP C 392 0.26 -16.99 -24.23
CA ASP C 392 -0.60 -16.79 -23.07
C ASP C 392 -0.04 -15.77 -22.11
N GLY C 393 1.09 -15.15 -22.45
CA GLY C 393 1.66 -14.10 -21.63
C GLY C 393 2.70 -14.57 -20.62
N THR C 394 3.06 -15.84 -20.64
CA THR C 394 4.01 -16.40 -19.69
C THR C 394 5.39 -16.52 -20.33
N ILE C 395 6.41 -16.65 -19.47
CA ILE C 395 7.79 -16.86 -19.89
C ILE C 395 8.27 -18.15 -19.22
N HIS C 396 8.41 -19.22 -20.01
CA HIS C 396 8.84 -20.51 -19.46
C HIS C 396 10.36 -20.59 -19.52
N ASP C 397 11.02 -19.89 -18.59
CA ASP C 397 12.49 -19.90 -18.57
C ASP C 397 12.98 -21.04 -17.67
N ASP C 398 12.68 -22.27 -18.09
CA ASP C 398 13.12 -23.43 -17.31
C ASP C 398 14.64 -23.57 -17.33
N TYR C 399 15.30 -23.06 -18.36
CA TYR C 399 16.75 -23.07 -18.42
C TYR C 399 17.35 -22.20 -17.33
N ARG C 400 16.68 -21.09 -17.00
CA ARG C 400 17.16 -20.25 -15.88
C ARG C 400 16.93 -20.95 -14.55
N ILE C 401 15.78 -21.59 -14.37
CA ILE C 401 15.52 -22.35 -13.15
C ILE C 401 16.59 -23.42 -12.96
N ALA C 402 16.89 -24.18 -14.02
CA ALA C 402 17.87 -25.25 -13.89
C ALA C 402 19.25 -24.72 -13.49
N TYR C 403 19.68 -23.60 -14.08
CA TYR C 403 20.96 -22.99 -13.71
C TYR C 403 20.98 -22.60 -12.25
N LEU C 404 19.98 -21.83 -11.81
CA LEU C 404 19.96 -21.34 -10.44
C LEU C 404 19.84 -22.50 -9.45
N ARG C 405 18.97 -23.46 -9.74
CA ARG C 405 18.83 -24.63 -8.86
C ARG C 405 20.16 -25.33 -8.67
N ALA C 406 20.89 -25.57 -9.76
CA ALA C 406 22.16 -26.29 -9.65
C ALA C 406 23.15 -25.53 -8.80
N HIS C 407 23.19 -24.19 -8.96
CA HIS C 407 24.16 -23.41 -8.20
C HIS C 407 23.76 -23.33 -6.73
N LEU C 408 22.45 -23.23 -6.45
CA LEU C 408 22.01 -23.22 -5.06
C LEU C 408 22.25 -24.57 -4.40
N GLU C 409 22.14 -25.67 -5.15
CA GLU C 409 22.48 -26.97 -4.57
C GLU C 409 23.94 -27.00 -4.14
N GLN C 410 24.83 -26.41 -4.94
CA GLN C 410 26.24 -26.39 -4.59
C GLN C 410 26.52 -25.39 -3.48
N CYS C 411 25.72 -24.33 -3.38
CA CYS C 411 25.82 -23.46 -2.20
C CYS C 411 25.51 -24.24 -0.94
N ARG C 412 24.45 -25.06 -0.97
CA ARG C 412 24.11 -25.87 0.19
C ARG C 412 25.25 -26.82 0.55
N GLN C 413 25.90 -27.39 -0.46
CA GLN C 413 27.08 -28.23 -0.20
C GLN C 413 28.21 -27.42 0.42
N ALA C 414 28.49 -26.23 -0.11
CA ALA C 414 29.57 -25.41 0.44
C ALA C 414 29.27 -25.02 1.89
N LEU C 415 28.02 -24.68 2.18
CA LEU C 415 27.61 -24.47 3.56
C LEU C 415 27.83 -25.73 4.40
N ASN C 416 27.46 -26.90 3.86
CA ASN C 416 27.67 -28.14 4.60
C ASN C 416 29.17 -28.40 4.81
N ASP C 417 30.00 -28.03 3.83
CA ASP C 417 31.44 -28.19 3.98
C ASP C 417 32.01 -27.29 5.08
N GLY C 418 31.31 -26.23 5.45
CA GLY C 418 31.78 -25.31 6.47
C GLY C 418 32.03 -23.88 5.99
N VAL C 419 31.80 -23.56 4.72
CA VAL C 419 31.98 -22.18 4.28
C VAL C 419 30.97 -21.29 4.98
N ASP C 420 31.41 -20.10 5.42
CA ASP C 420 30.51 -19.13 6.05
C ASP C 420 29.87 -18.25 4.97
N LEU C 421 28.88 -18.83 4.28
CA LEU C 421 28.14 -18.12 3.24
C LEU C 421 26.93 -17.43 3.86
N ILE C 422 26.86 -16.11 3.76
CA ILE C 422 25.85 -15.36 4.50
C ILE C 422 24.64 -14.99 3.64
N GLY C 423 24.72 -15.13 2.32
CA GLY C 423 23.59 -14.83 1.49
C GLY C 423 23.90 -15.10 0.04
N TYR C 424 22.88 -14.89 -0.80
CA TYR C 424 22.93 -15.22 -2.22
C TYR C 424 22.02 -14.24 -2.95
N CYS C 425 22.59 -13.45 -3.86
CA CYS C 425 21.84 -12.52 -4.68
C CYS C 425 21.88 -12.99 -6.12
N SER C 426 20.72 -13.32 -6.68
CA SER C 426 20.71 -13.62 -8.11
C SER C 426 20.93 -12.34 -8.91
N TRP C 427 21.50 -12.51 -10.09
CA TRP C 427 21.55 -11.46 -11.11
C TRP C 427 20.62 -11.90 -12.24
N SER C 428 19.56 -11.11 -12.54
CA SER C 428 19.18 -9.84 -11.89
C SER C 428 17.71 -9.93 -11.46
N PHE C 429 17.18 -8.91 -10.78
CA PHE C 429 15.78 -9.00 -10.39
C PHE C 429 14.85 -8.78 -11.59
N THR C 430 14.93 -7.60 -12.21
CA THR C 430 14.25 -7.40 -13.50
C THR C 430 15.28 -7.55 -14.62
N ASP C 431 14.76 -7.78 -15.83
CA ASP C 431 15.59 -7.59 -17.01
C ASP C 431 16.16 -6.18 -17.00
N LEU C 432 17.33 -6.01 -17.60
CA LEU C 432 17.98 -4.71 -17.56
C LEU C 432 18.93 -4.61 -18.74
N LEU C 433 19.57 -3.46 -18.87
CA LEU C 433 20.53 -3.25 -19.95
C LEU C 433 21.82 -3.99 -19.63
N SER C 434 22.22 -4.90 -20.51
CA SER C 434 23.56 -5.46 -20.40
C SER C 434 24.53 -4.50 -21.08
N TRP C 435 25.59 -4.13 -20.35
CA TRP C 435 26.49 -3.07 -20.80
C TRP C 435 26.87 -3.21 -22.27
N LEU C 436 27.37 -4.38 -22.66
CA LEU C 436 27.81 -4.58 -24.04
C LEU C 436 26.90 -5.50 -24.84
N ASN C 437 25.99 -6.21 -24.19
CA ASN C 437 25.16 -7.21 -24.86
C ASN C 437 23.73 -6.74 -25.12
N GLY C 438 23.39 -5.50 -24.77
CA GLY C 438 22.07 -4.98 -25.07
C GLY C 438 21.00 -5.52 -24.12
N TYR C 439 19.75 -5.43 -24.57
CA TYR C 439 18.64 -5.93 -23.76
C TYR C 439 18.30 -7.39 -24.05
N GLN C 440 18.70 -7.91 -25.21
CA GLN C 440 18.33 -9.29 -25.57
C GLN C 440 18.98 -10.34 -24.66
N LYS C 441 20.10 -10.03 -24.01
CA LYS C 441 20.70 -10.92 -23.02
C LYS C 441 20.04 -10.66 -21.68
N ARG C 442 18.99 -11.42 -21.38
CA ARG C 442 18.14 -11.18 -20.21
C ARG C 442 18.54 -12.07 -19.05
N TYR C 443 18.57 -11.48 -17.85
CA TYR C 443 18.93 -12.20 -16.63
C TYR C 443 17.82 -12.21 -15.58
N GLY C 444 16.71 -11.51 -15.82
CA GLY C 444 15.80 -11.18 -14.74
C GLY C 444 14.85 -12.29 -14.35
N PHE C 445 14.32 -12.17 -13.12
CA PHE C 445 13.10 -12.88 -12.74
C PHE C 445 11.87 -12.23 -13.37
N VAL C 446 11.97 -10.95 -13.68
CA VAL C 446 10.88 -10.15 -14.21
C VAL C 446 11.25 -9.73 -15.62
N TYR C 447 10.51 -10.22 -16.60
CA TYR C 447 10.70 -9.79 -17.98
C TYR C 447 10.26 -8.34 -18.14
N ILE C 448 11.03 -7.56 -18.89
CA ILE C 448 10.68 -6.18 -19.22
C ILE C 448 10.46 -6.09 -20.73
N ASN C 449 9.24 -5.69 -21.11
CA ASN C 449 8.91 -5.56 -22.52
C ASN C 449 9.58 -4.35 -23.15
N ARG C 450 10.74 -4.55 -23.76
CA ARG C 450 11.42 -3.56 -24.59
C ARG C 450 12.47 -4.29 -25.41
N ASP C 451 12.98 -3.62 -26.44
CA ASP C 451 14.12 -4.16 -27.17
C ASP C 451 15.18 -3.08 -27.26
N GLU C 452 16.14 -3.26 -28.19
CA GLU C 452 17.29 -2.37 -28.22
C GLU C 452 16.90 -0.95 -28.62
N GLU C 453 16.05 -0.81 -29.64
CA GLU C 453 15.72 0.49 -30.20
C GLU C 453 14.44 1.08 -29.65
N ASN C 454 13.55 0.25 -29.10
CA ASN C 454 12.19 0.66 -28.78
C ASN C 454 11.94 0.46 -27.30
N VAL C 455 11.55 1.54 -26.63
CA VAL C 455 11.27 1.46 -25.20
C VAL C 455 9.96 0.73 -24.99
N LYS C 456 9.06 0.76 -25.97
CA LYS C 456 7.72 0.20 -25.85
C LYS C 456 7.04 0.73 -24.59
N ASP C 457 6.35 -0.14 -23.86
CA ASP C 457 5.65 0.23 -22.65
C ASP C 457 6.37 -0.22 -21.38
N LEU C 458 7.50 -0.92 -21.52
CA LEU C 458 8.33 -1.33 -20.38
C LEU C 458 7.55 -2.18 -19.38
N LYS C 459 6.56 -2.95 -19.86
CA LYS C 459 5.72 -3.75 -18.98
C LYS C 459 6.55 -4.80 -18.23
N ARG C 460 6.20 -5.02 -16.97
CA ARG C 460 6.84 -6.04 -16.13
C ARG C 460 6.00 -7.30 -16.12
N ILE C 461 6.61 -8.45 -16.41
CA ILE C 461 5.92 -9.74 -16.42
C ILE C 461 6.74 -10.76 -15.63
N LYS C 462 6.08 -11.47 -14.72
CA LYS C 462 6.79 -12.47 -13.93
C LYS C 462 7.14 -13.67 -14.79
N LYS C 463 8.41 -14.05 -14.81
CA LYS C 463 8.79 -15.28 -15.48
C LYS C 463 8.48 -16.47 -14.57
N ASP C 464 8.47 -17.67 -15.16
CA ASP C 464 8.32 -18.88 -14.35
C ASP C 464 9.38 -18.98 -13.27
N SER C 465 10.59 -18.47 -13.51
CA SER C 465 11.64 -18.54 -12.49
C SER C 465 11.31 -17.64 -11.30
N PHE C 466 10.53 -16.57 -11.51
CA PHE C 466 10.08 -15.74 -10.39
C PHE C 466 9.39 -16.59 -9.33
N TYR C 467 8.41 -17.41 -9.75
CA TYR C 467 7.67 -18.24 -8.82
C TYR C 467 8.53 -19.35 -8.24
N TRP C 468 9.47 -19.89 -9.01
CA TRP C 468 10.40 -20.88 -8.48
C TRP C 468 11.22 -20.30 -7.33
N TYR C 469 11.84 -19.14 -7.55
CA TYR C 469 12.65 -18.53 -6.50
C TYR C 469 11.78 -18.08 -5.32
N GLN C 470 10.56 -17.63 -5.58
CA GLN C 470 9.65 -17.31 -4.48
C GLN C 470 9.48 -18.49 -3.54
N ASN C 471 9.32 -19.70 -4.10
CA ASN C 471 9.14 -20.90 -3.28
C ASN C 471 10.42 -21.26 -2.55
N VAL C 472 11.58 -21.09 -3.22
CA VAL C 472 12.87 -21.33 -2.57
C VAL C 472 12.95 -20.55 -1.27
N ILE C 473 12.62 -19.25 -1.32
CA ILE C 473 12.70 -18.40 -0.14
C ILE C 473 11.71 -18.85 0.92
N GLN C 474 10.47 -19.14 0.51
CA GLN C 474 9.44 -19.56 1.46
C GLN C 474 9.84 -20.81 2.22
N THR C 475 10.52 -21.73 1.55
CA THR C 475 10.98 -22.97 2.17
C THR C 475 12.40 -22.88 2.72
N ASN C 476 13.02 -21.70 2.67
CA ASN C 476 14.42 -21.53 3.07
C ASN C 476 15.34 -22.52 2.35
N GLY C 477 15.08 -22.76 1.08
CA GLY C 477 15.94 -23.60 0.28
C GLY C 477 15.89 -25.07 0.61
N GLU C 478 14.89 -25.53 1.36
CA GLU C 478 14.74 -26.96 1.56
C GLU C 478 14.30 -27.64 0.27
N GLU C 479 13.45 -26.97 -0.51
CA GLU C 479 12.99 -27.49 -1.80
C GLU C 479 13.60 -26.69 -2.94
N LEU D 8 19.01 10.06 66.11
CA LEU D 8 18.24 8.93 65.58
C LEU D 8 19.08 7.67 65.54
N ARG D 9 18.42 6.52 65.62
CA ARG D 9 19.10 5.24 65.57
C ARG D 9 19.71 5.03 64.19
N PRO D 10 20.90 4.43 64.10
CA PRO D 10 21.49 4.14 62.79
C PRO D 10 20.68 3.11 62.04
N PHE D 11 20.88 3.07 60.72
CA PHE D 11 20.24 2.06 59.90
C PHE D 11 20.67 0.67 60.38
N PRO D 12 19.80 -0.34 60.24
CA PRO D 12 20.13 -1.68 60.75
C PRO D 12 21.42 -2.24 60.15
N ASP D 13 21.97 -3.23 60.86
CA ASP D 13 23.30 -3.74 60.51
C ASP D 13 23.30 -4.37 59.13
N HIS D 14 22.28 -5.16 58.81
CA HIS D 14 22.17 -5.83 57.51
C HIS D 14 21.06 -5.20 56.68
N PHE D 15 20.90 -3.87 56.77
CA PHE D 15 19.91 -3.17 55.97
C PHE D 15 20.20 -3.34 54.48
N LEU D 16 19.18 -3.73 53.72
CA LEU D 16 19.35 -4.07 52.31
C LEU D 16 19.32 -2.79 51.48
N TRP D 17 20.51 -2.24 51.21
CA TRP D 17 20.67 -1.11 50.30
C TRP D 17 20.63 -1.64 48.87
N GLY D 18 19.56 -1.35 48.14
CA GLY D 18 19.31 -2.00 46.87
C GLY D 18 18.95 -1.01 45.77
N SER D 19 18.77 -1.58 44.58
CA SER D 19 18.24 -0.89 43.41
C SER D 19 17.49 -1.92 42.58
N ALA D 20 16.58 -1.44 41.74
CA ALA D 20 15.60 -2.32 41.10
C ALA D 20 15.48 -2.06 39.60
N SER D 21 14.89 -3.04 38.92
CA SER D 21 14.64 -2.97 37.48
C SER D 21 13.48 -3.92 37.19
N ALA D 22 13.12 -4.01 35.91
CA ALA D 22 12.10 -4.96 35.45
C ALA D 22 12.49 -5.47 34.08
N ALA D 23 12.09 -6.71 33.79
CA ALA D 23 12.62 -7.45 32.64
C ALA D 23 12.34 -6.73 31.32
N TYR D 24 11.07 -6.47 31.03
CA TYR D 24 10.73 -5.83 29.75
C TYR D 24 11.30 -4.43 29.62
N GLN D 25 11.61 -3.76 30.74
CA GLN D 25 12.08 -2.40 30.65
C GLN D 25 13.59 -2.30 30.39
N ILE D 26 14.34 -3.41 30.52
CA ILE D 26 15.80 -3.36 30.40
C ILE D 26 16.36 -4.45 29.48
N GLU D 27 15.71 -5.61 29.40
CA GLU D 27 16.37 -6.78 28.82
C GLU D 27 16.54 -6.66 27.31
N GLY D 28 15.47 -6.32 26.59
CA GLY D 28 15.57 -6.41 25.15
C GLY D 28 15.53 -7.86 24.70
N ALA D 29 16.07 -8.12 23.51
CA ALA D 29 16.13 -9.46 22.92
C ALA D 29 14.74 -10.11 22.94
N TRP D 30 13.76 -9.38 22.40
CA TRP D 30 12.36 -9.79 22.54
C TRP D 30 12.04 -11.06 21.75
N ASN D 31 12.83 -11.39 20.74
CA ASN D 31 12.57 -12.53 19.87
C ASN D 31 13.82 -13.40 19.73
N GLU D 32 14.49 -13.67 20.84
CA GLU D 32 15.75 -14.41 20.82
C GLU D 32 15.67 -15.60 21.75
N ASP D 33 16.45 -16.63 21.42
CA ASP D 33 16.61 -17.83 22.24
C ASP D 33 15.27 -18.48 22.57
N GLY D 34 14.32 -18.40 21.63
CA GLY D 34 13.04 -19.05 21.77
C GLY D 34 12.05 -18.36 22.69
N LYS D 35 12.33 -17.12 23.10
CA LYS D 35 11.43 -16.42 24.00
C LYS D 35 10.06 -16.19 23.35
N GLY D 36 9.00 -16.52 24.08
CA GLY D 36 7.66 -16.28 23.58
C GLY D 36 7.29 -14.81 23.62
N LEU D 37 6.20 -14.49 22.92
CA LEU D 37 5.73 -13.11 22.85
C LEU D 37 5.03 -12.71 24.14
N SER D 38 5.47 -11.60 24.73
CA SER D 38 4.79 -11.09 25.92
C SER D 38 3.57 -10.27 25.51
N VAL D 39 2.71 -10.00 26.49
CA VAL D 39 1.53 -9.19 26.21
C VAL D 39 1.94 -7.77 25.81
N TRP D 40 3.11 -7.33 26.26
CA TRP D 40 3.61 -5.99 25.96
C TRP D 40 4.35 -5.93 24.63
N ASP D 41 4.90 -7.06 24.17
CA ASP D 41 5.50 -7.10 22.83
C ASP D 41 4.47 -6.69 21.78
N VAL D 42 3.24 -7.18 21.92
CA VAL D 42 2.18 -6.82 20.99
C VAL D 42 1.64 -5.42 21.29
N PHE D 43 1.42 -5.12 22.58
CA PHE D 43 0.75 -3.89 22.96
C PHE D 43 1.54 -2.66 22.56
N THR D 44 2.88 -2.72 22.67
CA THR D 44 3.70 -1.55 22.36
C THR D 44 3.69 -1.22 20.87
N LYS D 45 3.30 -2.17 20.02
CA LYS D 45 3.23 -1.93 18.58
C LYS D 45 1.98 -1.15 18.18
N ILE D 46 0.96 -1.12 19.04
CA ILE D 46 -0.28 -0.40 18.71
C ILE D 46 0.00 1.10 18.72
N PRO D 47 -0.37 1.83 17.66
CA PRO D 47 -0.08 3.27 17.63
C PRO D 47 -0.85 4.04 18.69
N GLY D 48 -0.15 4.95 19.36
CA GLY D 48 -0.72 5.77 20.41
C GLY D 48 -0.62 5.20 21.82
N LYS D 49 -0.22 3.94 21.98
CA LYS D 49 -0.21 3.31 23.29
C LYS D 49 1.07 3.59 24.08
N THR D 50 2.15 3.99 23.41
CA THR D 50 3.41 4.32 24.08
C THR D 50 3.88 5.69 23.58
N PHE D 51 4.75 6.31 24.36
CA PHE D 51 5.22 7.65 24.03
C PHE D 51 6.12 7.60 22.79
N LYS D 52 5.69 8.27 21.73
CA LYS D 52 6.44 8.37 20.48
C LYS D 52 6.79 6.99 19.90
N GLY D 53 5.93 6.00 20.15
CA GLY D 53 6.14 4.66 19.63
C GLY D 53 7.26 3.86 20.28
N SER D 54 7.78 4.31 21.41
CA SER D 54 8.84 3.57 22.09
C SER D 54 8.36 2.17 22.46
N ASN D 55 9.30 1.22 22.44
CA ASN D 55 8.98 -0.17 22.78
C ASN D 55 10.21 -0.80 23.43
N GLY D 56 10.03 -2.04 23.89
CA GLY D 56 11.13 -2.74 24.54
C GLY D 56 11.80 -3.81 23.70
N ASP D 57 11.73 -3.67 22.37
CA ASP D 57 12.41 -4.62 21.49
C ASP D 57 13.89 -4.71 21.83
N ILE D 58 14.53 -3.57 22.04
CA ILE D 58 15.93 -3.52 22.43
C ILE D 58 16.08 -3.09 23.89
N ALA D 59 15.25 -2.14 24.34
CA ALA D 59 15.40 -1.53 25.66
C ALA D 59 16.81 -0.98 25.83
N VAL D 60 17.53 -1.45 26.85
CA VAL D 60 18.93 -1.10 27.05
C VAL D 60 19.85 -2.31 26.85
N ASP D 61 19.33 -3.38 26.26
CA ASP D 61 20.11 -4.57 25.90
C ASP D 61 20.82 -5.17 27.12
N HIS D 62 20.10 -5.22 28.24
CA HIS D 62 20.67 -5.82 29.45
C HIS D 62 20.82 -7.32 29.31
N TYR D 63 20.02 -7.96 28.45
CA TYR D 63 20.16 -9.40 28.20
C TYR D 63 21.59 -9.76 27.81
N HIS D 64 22.13 -9.06 26.80
CA HIS D 64 23.49 -9.34 26.35
C HIS D 64 24.54 -8.60 27.17
N ARG D 65 24.20 -7.49 27.80
CA ARG D 65 25.16 -6.65 28.51
C ARG D 65 24.99 -6.74 30.02
N PHE D 66 24.59 -7.90 30.53
CA PHE D 66 24.30 -8.01 31.96
C PHE D 66 25.56 -7.98 32.81
N LYS D 67 26.67 -8.55 32.31
CA LYS D 67 27.90 -8.51 33.10
C LYS D 67 28.44 -7.09 33.24
N GLU D 68 28.23 -6.24 32.24
CA GLU D 68 28.60 -4.83 32.36
C GLU D 68 27.74 -4.13 33.40
N ASP D 69 26.43 -4.38 33.37
CA ASP D 69 25.54 -3.76 34.35
C ASP D 69 25.85 -4.24 35.76
N VAL D 70 26.08 -5.55 35.93
CA VAL D 70 26.38 -6.06 37.28
C VAL D 70 27.73 -5.52 37.76
N ALA D 71 28.67 -5.27 36.84
CA ALA D 71 29.94 -4.67 37.22
C ALA D 71 29.75 -3.30 37.84
N LEU D 72 28.77 -2.53 37.35
CA LEU D 72 28.51 -1.21 37.92
C LEU D 72 27.83 -1.30 39.29
N MET D 73 27.04 -2.36 39.54
CA MET D 73 26.45 -2.51 40.87
C MET D 73 27.51 -2.82 41.90
N ALA D 74 28.52 -3.62 41.53
CA ALA D 74 29.62 -3.92 42.44
C ALA D 74 30.46 -2.68 42.73
N GLU D 75 30.65 -1.81 41.73
CA GLU D 75 31.34 -0.55 41.96
C GLU D 75 30.55 0.34 42.90
N MET D 76 29.23 0.36 42.74
CA MET D 76 28.39 1.13 43.66
C MET D 76 28.41 0.54 45.07
N GLY D 77 28.58 -0.78 45.17
CA GLY D 77 28.51 -1.42 46.47
C GLY D 77 27.09 -1.75 46.86
N LEU D 78 26.22 -1.98 45.88
CA LEU D 78 24.86 -2.42 46.16
C LEU D 78 24.87 -3.67 47.03
N LYS D 79 24.05 -3.65 48.08
CA LYS D 79 23.84 -4.84 48.90
C LYS D 79 22.79 -5.77 48.31
N ALA D 80 21.91 -5.24 47.46
CA ALA D 80 20.80 -6.01 46.90
C ALA D 80 20.45 -5.46 45.53
N TYR D 81 19.91 -6.34 44.68
CA TYR D 81 19.47 -5.96 43.34
C TYR D 81 18.14 -6.64 43.06
N ARG D 82 17.12 -5.83 42.78
CA ARG D 82 15.78 -6.33 42.50
C ARG D 82 15.59 -6.37 41.00
N PHE D 83 15.36 -7.58 40.47
CA PHE D 83 15.15 -7.79 39.04
C PHE D 83 13.91 -8.65 38.87
N SER D 84 13.41 -8.68 37.64
CA SER D 84 12.21 -9.42 37.28
C SER D 84 12.57 -10.50 36.26
N VAL D 85 11.90 -11.64 36.37
CA VAL D 85 12.06 -12.76 35.43
C VAL D 85 10.94 -12.71 34.40
N SER D 86 11.31 -12.75 33.12
CA SER D 86 10.34 -12.76 32.03
C SER D 86 9.70 -14.14 31.93
N TRP D 87 8.43 -14.22 32.30
CA TRP D 87 7.67 -15.46 32.17
C TRP D 87 7.75 -16.06 30.76
N PRO D 88 7.51 -15.32 29.67
CA PRO D 88 7.61 -15.94 28.33
C PRO D 88 9.02 -16.37 27.96
N ARG D 89 10.05 -15.90 28.67
CA ARG D 89 11.40 -16.41 28.41
C ARG D 89 11.59 -17.80 29.02
N ILE D 90 10.96 -18.06 30.16
CA ILE D 90 11.03 -19.39 30.76
C ILE D 90 10.04 -20.34 30.09
N PHE D 91 8.80 -19.90 29.91
CA PHE D 91 7.78 -20.69 29.25
C PHE D 91 7.29 -19.94 28.01
N PRO D 92 7.82 -20.24 26.83
CA PRO D 92 7.44 -19.47 25.64
C PRO D 92 5.95 -19.49 25.34
N GLN D 93 5.27 -20.60 25.63
CA GLN D 93 3.83 -20.69 25.48
C GLN D 93 3.09 -20.46 26.79
N GLY D 94 3.80 -20.26 27.88
CA GLY D 94 3.19 -20.03 29.18
C GLY D 94 3.04 -21.26 30.05
N ARG D 95 2.54 -22.36 29.45
CA ARG D 95 2.22 -23.57 30.21
C ARG D 95 2.82 -24.83 29.61
N GLY D 96 3.70 -24.72 28.62
CA GLY D 96 4.24 -25.91 27.98
C GLY D 96 5.53 -26.39 28.60
N GLU D 97 6.53 -26.66 27.76
CA GLU D 97 7.87 -26.99 28.23
C GLU D 97 8.67 -25.71 28.42
N ALA D 98 9.63 -25.76 29.36
CA ALA D 98 10.43 -24.60 29.67
C ALA D 98 11.58 -24.45 28.67
N ASN D 99 11.97 -23.20 28.43
CA ASN D 99 13.10 -22.89 27.55
C ASN D 99 14.36 -22.81 28.39
N GLU D 100 15.28 -23.74 28.18
CA GLU D 100 16.47 -23.83 29.03
C GLU D 100 17.36 -22.60 28.87
N SER D 101 17.41 -22.02 27.66
CA SER D 101 18.22 -20.83 27.45
C SER D 101 17.78 -19.69 28.36
N GLY D 102 16.48 -19.57 28.61
CA GLY D 102 15.99 -18.55 29.52
C GLY D 102 16.36 -18.85 30.97
N LEU D 103 16.27 -20.12 31.37
CA LEU D 103 16.64 -20.50 32.72
C LEU D 103 18.14 -20.33 32.95
N ARG D 104 18.96 -20.55 31.92
CA ARG D 104 20.40 -20.36 32.06
C ARG D 104 20.75 -18.88 32.18
N PHE D 105 20.02 -18.00 31.49
CA PHE D 105 20.30 -16.57 31.55
C PHE D 105 20.17 -16.06 32.98
N TYR D 106 19.00 -16.26 33.60
CA TYR D 106 18.82 -15.85 34.98
C TYR D 106 19.68 -16.67 35.93
N ASP D 107 20.09 -17.88 35.53
CA ASP D 107 21.06 -18.62 36.31
C ASP D 107 22.40 -17.90 36.32
N ASP D 108 22.88 -17.48 35.15
CA ASP D 108 24.14 -16.73 35.08
C ASP D 108 24.02 -15.35 35.70
N LEU D 109 22.83 -14.74 35.66
CA LEU D 109 22.63 -13.44 36.28
C LEU D 109 22.72 -13.53 37.80
N ILE D 110 22.01 -14.50 38.38
CA ILE D 110 22.10 -14.69 39.83
C ILE D 110 23.53 -15.00 40.24
N ASN D 111 24.16 -15.96 39.56
CA ASN D 111 25.55 -16.30 39.86
C ASN D 111 26.46 -15.08 39.79
N GLU D 112 26.24 -14.23 38.79
CA GLU D 112 27.02 -12.98 38.70
C GLU D 112 26.81 -12.11 39.93
N LEU D 113 25.56 -12.01 40.40
CA LEU D 113 25.26 -11.16 41.55
C LEU D 113 25.92 -11.69 42.82
N LEU D 114 25.82 -12.99 43.07
CA LEU D 114 26.45 -13.55 44.26
C LEU D 114 27.97 -13.49 44.19
N ALA D 115 28.54 -13.62 42.98
CA ALA D 115 29.98 -13.45 42.82
C ALA D 115 30.44 -12.07 43.26
N HIS D 116 29.56 -11.08 43.27
CA HIS D 116 29.90 -9.74 43.73
C HIS D 116 29.24 -9.40 45.06
N ASP D 117 28.77 -10.41 45.79
CA ASP D 117 28.17 -10.24 47.12
C ASP D 117 26.96 -9.31 47.06
N ILE D 118 26.13 -9.48 46.04
CA ILE D 118 24.88 -8.75 45.88
C ILE D 118 23.75 -9.74 46.11
N GLU D 119 22.84 -9.40 47.02
CA GLU D 119 21.69 -10.27 47.30
C GLU D 119 20.65 -10.11 46.20
N PRO D 120 20.28 -11.17 45.50
CA PRO D 120 19.24 -11.04 44.47
C PRO D 120 17.85 -10.98 45.10
N VAL D 121 17.01 -10.11 44.58
CA VAL D 121 15.61 -10.04 44.94
C VAL D 121 14.83 -10.31 43.65
N LEU D 122 14.18 -11.46 43.58
CA LEU D 122 13.54 -11.92 42.35
C LEU D 122 12.05 -11.56 42.35
N THR D 123 11.64 -10.80 41.34
CA THR D 123 10.24 -10.50 41.12
C THR D 123 9.65 -11.52 40.17
N LEU D 124 8.66 -12.30 40.64
CA LEU D 124 8.07 -13.36 39.82
C LEU D 124 7.31 -12.79 38.62
N TYR D 125 6.39 -11.85 38.84
CA TYR D 125 5.57 -11.30 37.78
C TYR D 125 5.67 -9.78 37.80
N HIS D 126 6.07 -9.20 36.68
CA HIS D 126 6.19 -7.76 36.53
C HIS D 126 5.53 -7.31 35.22
N TRP D 127 4.27 -7.70 35.05
CA TRP D 127 3.31 -7.22 34.05
C TRP D 127 3.48 -7.89 32.68
N ASP D 128 4.49 -8.72 32.47
CA ASP D 128 4.76 -9.29 31.15
C ASP D 128 4.14 -10.69 31.03
N LEU D 129 2.81 -10.71 31.00
CA LEU D 129 2.10 -11.97 30.81
C LEU D 129 2.37 -12.50 29.41
N PRO D 130 2.67 -13.79 29.26
CA PRO D 130 2.85 -14.35 27.91
C PRO D 130 1.58 -14.26 27.08
N GLN D 131 1.75 -13.75 25.84
CA GLN D 131 0.59 -13.53 24.97
C GLN D 131 -0.18 -14.81 24.69
N ALA D 132 0.50 -15.97 24.78
CA ALA D 132 -0.18 -17.23 24.52
C ALA D 132 -1.31 -17.48 25.51
N LEU D 133 -1.10 -17.13 26.77
CA LEU D 133 -2.13 -17.32 27.79
C LEU D 133 -3.29 -16.36 27.61
N MET D 134 -3.02 -15.14 27.14
CA MET D 134 -4.11 -14.24 26.74
C MET D 134 -4.91 -14.84 25.60
N ASP D 135 -4.22 -15.41 24.61
CA ASP D 135 -4.91 -16.02 23.47
C ASP D 135 -5.71 -17.25 23.88
N GLU D 136 -5.15 -18.07 24.77
CA GLU D 136 -5.78 -19.34 25.12
C GLU D 136 -7.02 -19.12 25.98
N TYR D 137 -6.85 -18.55 27.18
CA TYR D 137 -7.97 -18.39 28.10
C TYR D 137 -8.15 -16.98 28.64
N GLY D 138 -7.42 -16.00 28.12
CA GLY D 138 -7.61 -14.63 28.55
C GLY D 138 -6.82 -14.20 29.78
N GLY D 139 -5.73 -14.89 30.09
CA GLY D 139 -4.84 -14.40 31.14
C GLY D 139 -5.46 -14.45 32.53
N PHE D 140 -5.42 -13.31 33.22
CA PHE D 140 -5.89 -13.25 34.60
C PHE D 140 -7.41 -13.17 34.71
N GLU D 141 -8.14 -13.21 33.60
CA GLU D 141 -9.59 -13.31 33.64
C GLU D 141 -10.07 -14.75 33.68
N SER D 142 -9.16 -15.73 33.71
CA SER D 142 -9.49 -17.13 33.83
C SER D 142 -8.79 -17.72 35.04
N ARG D 143 -9.52 -18.52 35.81
CA ARG D 143 -8.94 -19.22 36.94
C ARG D 143 -7.88 -20.24 36.55
N ARG D 144 -7.76 -20.55 35.25
CA ARG D 144 -6.69 -21.43 34.80
C ARG D 144 -5.30 -20.84 35.04
N ILE D 145 -5.19 -19.51 35.12
CA ILE D 145 -3.88 -18.92 35.35
C ILE D 145 -3.34 -19.24 36.75
N ILE D 146 -4.21 -19.61 37.70
CA ILE D 146 -3.75 -19.94 39.04
C ILE D 146 -2.81 -21.13 38.99
N GLU D 147 -3.16 -22.16 38.22
CA GLU D 147 -2.31 -23.34 38.10
C GLU D 147 -1.06 -23.04 37.27
N ASP D 148 -1.23 -22.33 36.15
CA ASP D 148 -0.10 -22.05 35.27
C ASP D 148 0.90 -21.10 35.92
N PHE D 149 0.42 -20.07 36.62
CA PHE D 149 1.35 -19.18 37.34
C PHE D 149 2.06 -19.92 38.46
N ASN D 150 1.35 -20.77 39.19
CA ASN D 150 1.99 -21.58 40.22
C ASN D 150 3.04 -22.49 39.61
N ALA D 151 2.72 -23.13 38.49
CA ALA D 151 3.68 -24.02 37.83
C ALA D 151 4.93 -23.27 37.40
N TYR D 152 4.76 -22.03 36.92
CA TYR D 152 5.91 -21.22 36.54
C TYR D 152 6.73 -20.80 37.76
N CYS D 153 6.04 -20.37 38.83
CA CYS D 153 6.75 -20.02 40.07
C CYS D 153 7.51 -21.22 40.63
N VAL D 154 6.86 -22.39 40.69
CA VAL D 154 7.49 -23.56 41.29
C VAL D 154 8.76 -23.94 40.53
N THR D 155 8.73 -23.84 39.20
CA THR D 155 9.92 -24.08 38.41
C THR D 155 11.07 -23.17 38.83
N LEU D 156 10.77 -21.89 39.10
CA LEU D 156 11.81 -20.97 39.56
C LEU D 156 12.24 -21.30 40.98
N TYR D 157 11.32 -21.77 41.82
CA TYR D 157 11.67 -22.11 43.20
C TYR D 157 12.71 -23.22 43.23
N LYS D 158 12.61 -24.19 42.32
CA LYS D 158 13.52 -25.32 42.33
C LYS D 158 14.92 -24.91 41.86
N ARG D 159 15.00 -24.16 40.76
CA ARG D 159 16.29 -23.85 40.16
C ARG D 159 17.08 -22.85 41.02
N TYR D 160 16.44 -21.76 41.45
CA TYR D 160 17.14 -20.68 42.13
C TYR D 160 16.82 -20.59 43.62
N GLY D 161 15.99 -21.48 44.16
CA GLY D 161 15.58 -21.35 45.55
C GLY D 161 16.74 -21.43 46.54
N GLY D 162 17.80 -22.16 46.19
CA GLY D 162 18.96 -22.24 47.06
C GLY D 162 19.82 -21.01 47.08
N ARG D 163 19.79 -20.20 46.02
CA ARG D 163 20.61 -19.00 45.90
C ARG D 163 19.85 -17.71 46.18
N VAL D 164 18.53 -17.71 45.98
CA VAL D 164 17.71 -16.51 46.15
C VAL D 164 16.85 -16.70 47.40
N LYS D 165 17.00 -15.78 48.36
CA LYS D 165 16.21 -15.79 49.58
C LYS D 165 15.06 -14.80 49.58
N TYR D 166 15.18 -13.70 48.83
CA TYR D 166 14.18 -12.65 48.82
C TYR D 166 13.46 -12.67 47.47
N TRP D 167 12.14 -12.83 47.52
CA TRP D 167 11.32 -12.91 46.32
C TRP D 167 10.16 -11.95 46.42
N VAL D 168 9.69 -11.46 45.28
CA VAL D 168 8.46 -10.67 45.20
C VAL D 168 7.49 -11.42 44.31
N SER D 169 6.25 -11.58 44.77
CA SER D 169 5.28 -12.35 44.00
C SER D 169 4.70 -11.51 42.86
N LEU D 170 3.73 -10.65 43.17
CA LEU D 170 3.06 -9.83 42.18
C LEU D 170 3.48 -8.37 42.37
N ASN D 171 3.95 -7.74 41.31
CA ASN D 171 4.38 -6.35 41.38
C ASN D 171 3.24 -5.43 40.95
N GLU D 172 2.81 -4.56 41.86
CA GLU D 172 1.85 -3.50 41.56
C GLU D 172 0.60 -4.05 40.85
N GLN D 173 0.00 -5.05 41.49
CA GLN D 173 -1.24 -5.60 40.96
C GLN D 173 -2.30 -4.51 40.81
N ASN D 174 -2.37 -3.59 41.77
CA ASN D 174 -3.38 -2.54 41.70
C ASN D 174 -3.13 -1.61 40.53
N TYR D 175 -1.89 -1.09 40.39
CA TYR D 175 -1.59 -0.14 39.32
C TYR D 175 -1.72 -0.79 37.95
N ASN D 176 -1.11 -1.97 37.79
CA ASN D 176 -1.15 -2.66 36.51
C ASN D 176 -2.58 -2.98 36.11
N PHE D 177 -3.35 -3.60 37.00
CA PHE D 177 -4.69 -4.03 36.65
C PHE D 177 -5.62 -2.85 36.44
N ASN D 178 -5.38 -1.73 37.13
CA ASN D 178 -6.21 -0.54 36.93
C ASN D 178 -6.04 0.00 35.52
N HIS D 179 -4.79 0.15 35.06
CA HIS D 179 -4.57 0.56 33.68
C HIS D 179 -4.95 -0.53 32.68
N GLY D 180 -5.02 -1.78 33.12
CA GLY D 180 -5.40 -2.85 32.22
C GLY D 180 -6.89 -3.00 32.01
N PHE D 181 -7.69 -2.70 33.03
CA PHE D 181 -9.13 -2.94 32.98
C PHE D 181 -10.00 -1.74 33.29
N ILE D 182 -9.44 -0.62 33.73
CA ILE D 182 -10.22 0.59 34.00
C ILE D 182 -9.92 1.68 32.98
N THR D 183 -8.64 2.01 32.79
CA THR D 183 -8.26 3.11 31.91
C THR D 183 -7.86 2.65 30.51
N ALA D 184 -7.65 1.35 30.31
CA ALA D 184 -7.25 0.78 29.02
C ALA D 184 -5.86 1.26 28.57
N MET D 185 -5.05 1.75 29.48
CA MET D 185 -3.72 2.24 29.12
C MET D 185 -2.67 1.15 29.16
N HIS D 186 -2.98 0.02 29.79
CA HIS D 186 -2.19 -1.20 29.79
C HIS D 186 -2.97 -2.28 29.06
N PRO D 187 -2.32 -3.35 28.63
CA PRO D 187 -3.05 -4.55 28.19
C PRO D 187 -3.86 -5.13 29.33
N PRO D 188 -5.06 -5.65 29.07
CA PRO D 188 -5.63 -5.86 27.73
C PRO D 188 -6.51 -4.74 27.16
N GLY D 189 -6.28 -3.50 27.59
CA GLY D 189 -7.02 -2.37 27.02
C GLY D 189 -8.50 -2.39 27.28
N VAL D 190 -8.90 -2.71 28.51
CA VAL D 190 -10.30 -2.85 28.89
C VAL D 190 -10.72 -1.64 29.73
N LYS D 191 -11.99 -1.26 29.61
CA LYS D 191 -12.61 -0.30 30.54
C LYS D 191 -13.90 -0.94 31.06
N ASP D 192 -13.77 -1.74 32.12
CA ASP D 192 -14.92 -2.43 32.72
C ASP D 192 -14.65 -2.70 34.20
N ARG D 193 -15.50 -2.16 35.07
CA ARG D 193 -15.30 -2.30 36.51
C ARG D 193 -15.41 -3.76 36.92
N LYS D 194 -16.44 -4.46 36.44
CA LYS D 194 -16.65 -5.86 36.83
C LYS D 194 -15.44 -6.70 36.46
N ARG D 195 -14.97 -6.57 35.21
CA ARG D 195 -13.79 -7.31 34.77
C ARG D 195 -12.58 -6.96 35.62
N PHE D 196 -12.43 -5.67 35.99
CA PHE D 196 -11.32 -5.24 36.83
C PHE D 196 -11.27 -6.02 38.14
N TYR D 197 -12.41 -6.09 38.85
CA TYR D 197 -12.40 -6.75 40.15
C TYR D 197 -12.33 -8.26 40.01
N GLU D 198 -12.94 -8.83 38.97
CA GLU D 198 -12.80 -10.26 38.72
C GLU D 198 -11.34 -10.63 38.49
N ALA D 199 -10.66 -9.89 37.60
CA ALA D 199 -9.26 -10.18 37.29
C ALA D 199 -8.36 -10.00 38.50
N ASN D 200 -8.59 -8.94 39.29
CA ASN D 200 -7.87 -8.80 40.55
C ASN D 200 -8.11 -9.98 41.48
N HIS D 201 -9.36 -10.46 41.54
CA HIS D 201 -9.67 -11.56 42.45
C HIS D 201 -8.89 -12.82 42.08
N ILE D 202 -8.82 -13.13 40.78
CA ILE D 202 -8.04 -14.27 40.33
C ILE D 202 -6.55 -14.03 40.58
N ALA D 203 -6.09 -12.79 40.44
CA ALA D 203 -4.69 -12.48 40.76
C ALA D 203 -4.40 -12.73 42.24
N PHE D 204 -5.33 -12.33 43.12
CA PHE D 204 -5.18 -12.62 44.54
C PHE D 204 -5.06 -14.13 44.79
N LEU D 205 -5.86 -14.93 44.07
CA LEU D 205 -5.79 -16.38 44.23
C LEU D 205 -4.46 -16.92 43.69
N ALA D 206 -3.99 -16.39 42.57
CA ALA D 206 -2.69 -16.79 42.04
C ALA D 206 -1.57 -16.42 43.01
N ASN D 207 -1.61 -15.19 43.53
CA ASN D 207 -0.62 -14.74 44.51
C ASN D 207 -0.55 -15.70 45.70
N ALA D 208 -1.71 -16.02 46.29
CA ALA D 208 -1.74 -16.87 47.46
C ALA D 208 -1.27 -18.29 47.14
N LYS D 209 -1.66 -18.82 45.99
CA LYS D 209 -1.18 -20.15 45.58
C LYS D 209 0.34 -20.16 45.45
N ALA D 210 0.91 -19.13 44.82
CA ALA D 210 2.35 -19.07 44.64
C ALA D 210 3.06 -18.96 45.98
N ILE D 211 2.49 -18.20 46.93
CA ILE D 211 3.12 -18.05 48.23
C ILE D 211 3.02 -19.35 49.04
N ASP D 212 1.86 -20.01 48.97
CA ASP D 212 1.72 -21.32 49.62
C ASP D 212 2.77 -22.30 49.13
N SER D 213 2.97 -22.37 47.80
CA SER D 213 3.99 -23.24 47.24
C SER D 213 5.39 -22.81 47.68
N PHE D 214 5.59 -21.51 47.85
CA PHE D 214 6.90 -21.01 48.26
C PHE D 214 7.31 -21.59 49.61
N ARG D 215 6.34 -21.75 50.52
CA ARG D 215 6.66 -22.26 51.85
C ARG D 215 7.16 -23.70 51.80
N ARG D 216 6.70 -24.49 50.82
CA ARG D 216 7.19 -25.86 50.69
C ARG D 216 8.57 -25.90 50.02
N TYR D 217 8.73 -25.21 48.89
CA TYR D 217 9.95 -25.38 48.11
C TYR D 217 11.08 -24.47 48.60
N VAL D 218 10.76 -23.30 49.16
CA VAL D 218 11.80 -22.40 49.68
C VAL D 218 11.50 -22.11 51.14
N PRO D 219 11.73 -23.07 52.05
CA PRO D 219 11.30 -22.86 53.45
C PRO D 219 12.10 -21.80 54.20
N ASP D 220 13.32 -21.51 53.78
CA ASP D 220 14.15 -20.50 54.45
C ASP D 220 14.04 -19.13 53.80
N GLY D 221 13.28 -18.99 52.72
CA GLY D 221 13.19 -17.74 52.00
C GLY D 221 12.17 -16.78 52.59
N LYS D 222 12.10 -15.59 51.99
CA LYS D 222 11.14 -14.57 52.36
C LYS D 222 10.48 -14.04 51.09
N ILE D 223 9.16 -13.87 51.14
CA ILE D 223 8.39 -13.51 49.96
C ILE D 223 7.28 -12.54 50.36
N GLY D 224 6.92 -11.67 49.42
CA GLY D 224 5.82 -10.74 49.61
C GLY D 224 5.47 -10.00 48.34
N PRO D 225 4.26 -9.45 48.28
CA PRO D 225 3.87 -8.65 47.11
C PRO D 225 4.49 -7.26 47.17
N SER D 226 4.56 -6.62 46.01
CA SER D 226 4.99 -5.22 45.92
C SER D 226 3.79 -4.38 45.53
N PHE D 227 3.31 -3.56 46.47
CA PHE D 227 2.08 -2.80 46.30
C PHE D 227 2.43 -1.38 45.88
N ALA D 228 1.74 -0.88 44.84
CA ALA D 228 1.90 0.51 44.44
C ALA D 228 1.15 1.36 45.46
N TYR D 229 1.89 1.97 46.38
CA TYR D 229 1.31 2.53 47.59
C TYR D 229 1.35 4.05 47.53
N SER D 230 0.18 4.65 47.41
CA SER D 230 0.01 6.09 47.62
C SER D 230 -0.88 6.29 48.84
N PRO D 231 -0.32 6.67 49.98
CA PRO D 231 -1.15 6.99 51.14
C PRO D 231 -2.08 8.15 50.80
N ALA D 232 -3.31 8.07 51.31
CA ALA D 232 -4.30 9.09 51.03
C ALA D 232 -4.28 10.17 52.10
N TYR D 233 -4.51 11.41 51.66
CA TYR D 233 -4.66 12.58 52.50
C TYR D 233 -6.06 13.16 52.30
N PRO D 234 -6.69 13.71 53.33
CA PRO D 234 -7.84 14.59 53.10
C PRO D 234 -7.37 15.99 52.73
N LEU D 235 -8.14 16.64 51.86
CA LEU D 235 -7.80 17.99 51.43
C LEU D 235 -7.98 19.00 52.56
N SER D 236 -8.92 18.77 53.46
CA SER D 236 -9.26 19.74 54.48
C SER D 236 -9.89 19.00 55.66
N SER D 237 -10.03 19.72 56.78
CA SER D 237 -10.71 19.16 57.95
C SER D 237 -12.23 19.27 57.85
N ARG D 238 -12.77 19.57 56.66
CA ARG D 238 -14.20 19.44 56.43
C ARG D 238 -14.58 17.96 56.57
N PRO D 239 -15.62 17.64 57.34
CA PRO D 239 -15.98 16.21 57.50
C PRO D 239 -16.24 15.52 56.18
N ASP D 240 -16.81 16.21 55.18
CA ASP D 240 -17.02 15.61 53.87
C ASP D 240 -15.71 15.20 53.21
N ASP D 241 -14.66 16.01 53.39
CA ASP D 241 -13.34 15.68 52.84
C ASP D 241 -12.65 14.58 53.64
N ILE D 242 -12.83 14.54 54.96
CA ILE D 242 -12.33 13.40 55.73
C ILE D 242 -13.01 12.11 55.26
N LEU D 243 -14.33 12.16 55.03
CA LEU D 243 -15.04 10.97 54.57
C LEU D 243 -14.52 10.53 53.20
N ALA D 244 -14.22 11.48 52.33
CA ALA D 244 -13.62 11.15 51.03
C ALA D 244 -12.29 10.44 51.23
N PHE D 245 -11.46 10.97 52.13
CA PHE D 245 -10.18 10.32 52.41
C PHE D 245 -10.39 8.92 52.95
N GLU D 246 -11.39 8.73 53.82
CA GLU D 246 -11.68 7.40 54.36
C GLU D 246 -12.07 6.44 53.25
N ASN D 247 -12.97 6.87 52.36
CA ASN D 247 -13.30 6.06 51.19
C ASN D 247 -12.06 5.75 50.35
N ALA D 248 -11.24 6.76 50.06
CA ALA D 248 -10.07 6.54 49.22
C ALA D 248 -9.15 5.48 49.81
N GLU D 249 -8.87 5.57 51.12
CA GLU D 249 -7.98 4.60 51.74
C GLU D 249 -8.53 3.18 51.64
N GLU D 250 -9.83 3.01 51.86
CA GLU D 250 -10.41 1.67 51.83
C GLU D 250 -10.39 1.08 50.43
N PHE D 251 -10.78 1.88 49.41
CA PHE D 251 -10.91 1.40 48.04
C PHE D 251 -9.56 1.30 47.33
N THR D 252 -8.67 2.28 47.52
CA THR D 252 -7.41 2.24 46.80
C THR D 252 -6.32 1.45 47.52
N ASN D 253 -6.35 1.39 48.85
CA ASN D 253 -5.29 0.73 49.61
C ASN D 253 -5.77 -0.51 50.33
N TYR D 254 -6.77 -0.40 51.22
CA TYR D 254 -7.15 -1.55 52.03
C TYR D 254 -7.64 -2.72 51.16
N TRP D 255 -8.24 -2.42 50.00
CA TRP D 255 -8.71 -3.50 49.13
C TRP D 255 -7.61 -4.50 48.83
N TRP D 256 -6.41 -4.02 48.56
CA TRP D 256 -5.29 -4.91 48.29
C TRP D 256 -4.55 -5.31 49.57
N LEU D 257 -4.35 -4.36 50.48
CA LEU D 257 -3.53 -4.65 51.66
C LEU D 257 -4.23 -5.59 52.63
N ASP D 258 -5.55 -5.40 52.85
CA ASP D 258 -6.30 -6.34 53.66
C ASP D 258 -6.23 -7.75 53.07
N MET D 259 -6.42 -7.88 51.76
CA MET D 259 -6.37 -9.20 51.11
C MET D 259 -4.99 -9.82 51.27
N TYR D 260 -3.93 -9.06 50.99
CA TYR D 260 -2.58 -9.63 51.07
C TYR D 260 -2.25 -10.08 52.48
N CYS D 261 -2.60 -9.27 53.49
CA CYS D 261 -2.15 -9.51 54.85
C CYS D 261 -3.17 -10.25 55.71
N ARG D 262 -4.46 -10.00 55.52
CA ARG D 262 -5.49 -10.63 56.33
C ARG D 262 -6.18 -11.78 55.60
N GLY D 263 -6.08 -11.83 54.27
CA GLY D 263 -6.80 -12.84 53.51
C GLY D 263 -8.27 -12.54 53.27
N THR D 264 -8.72 -11.32 53.57
CA THR D 264 -10.13 -10.95 53.48
C THR D 264 -10.23 -9.57 52.85
N TYR D 265 -11.33 -9.31 52.14
CA TYR D 265 -11.59 -7.99 51.58
C TYR D 265 -12.15 -7.07 52.67
N PRO D 266 -11.88 -5.77 52.59
CA PRO D 266 -12.50 -4.84 53.55
C PRO D 266 -14.01 -4.78 53.35
N ASP D 267 -14.75 -4.82 54.46
CA ASP D 267 -16.21 -4.96 54.40
C ASP D 267 -16.88 -3.78 53.70
N ILE D 268 -16.42 -2.55 53.97
CA ILE D 268 -17.07 -1.38 53.41
C ILE D 268 -16.99 -1.34 51.89
N PRO D 269 -15.81 -1.48 51.25
CA PRO D 269 -15.82 -1.55 49.79
C PRO D 269 -16.59 -2.75 49.24
N LEU D 270 -16.53 -3.90 49.92
CA LEU D 270 -17.19 -5.10 49.40
C LEU D 270 -18.70 -4.91 49.33
N LYS D 271 -19.31 -4.37 50.38
CA LYS D 271 -20.75 -4.15 50.35
C LYS D 271 -21.14 -3.17 49.24
N TYR D 272 -20.37 -2.09 49.09
CA TYR D 272 -20.63 -1.14 48.01
C TYR D 272 -20.56 -1.82 46.64
N LEU D 273 -19.49 -2.58 46.41
CA LEU D 273 -19.31 -3.22 45.10
C LEU D 273 -20.39 -4.24 44.81
N LYS D 274 -20.86 -4.95 45.85
CA LYS D 274 -21.96 -5.89 45.66
C LYS D 274 -23.22 -5.16 45.19
N GLU D 275 -23.56 -4.05 45.85
CA GLU D 275 -24.76 -3.30 45.46
C GLU D 275 -24.63 -2.79 44.02
N LYS D 276 -23.43 -2.40 43.61
CA LYS D 276 -23.21 -1.92 42.25
C LYS D 276 -23.17 -3.06 41.22
N GLY D 277 -23.09 -4.31 41.66
CA GLY D 277 -22.89 -5.40 40.73
C GLY D 277 -21.48 -5.51 40.18
N TRP D 278 -20.50 -4.92 40.85
CA TRP D 278 -19.12 -4.97 40.39
C TRP D 278 -18.25 -5.93 41.22
N ALA D 279 -18.78 -6.48 42.30
CA ALA D 279 -17.99 -7.29 43.22
C ALA D 279 -17.55 -8.60 42.54
N PRO D 280 -16.41 -9.14 42.95
CA PRO D 280 -15.98 -10.43 42.40
C PRO D 280 -16.73 -11.61 43.02
N THR D 281 -16.93 -12.64 42.21
CA THR D 281 -17.60 -13.85 42.68
C THR D 281 -16.62 -14.68 43.49
N ILE D 282 -16.98 -14.97 44.73
CA ILE D 282 -16.16 -15.78 45.62
C ILE D 282 -16.68 -17.21 45.54
N GLU D 283 -15.92 -18.08 44.86
CA GLU D 283 -16.32 -19.47 44.72
C GLU D 283 -15.84 -20.28 45.93
N ASP D 284 -16.33 -21.52 46.01
CA ASP D 284 -15.90 -22.42 47.08
C ASP D 284 -14.42 -22.73 46.94
N GLY D 285 -13.72 -22.69 48.07
CA GLY D 285 -12.29 -22.89 48.10
C GLY D 285 -11.48 -21.60 48.11
N ASP D 286 -12.10 -20.47 47.72
CA ASP D 286 -11.35 -19.24 47.57
C ASP D 286 -10.80 -18.73 48.91
N MET D 287 -11.66 -18.62 49.93
CA MET D 287 -11.23 -18.05 51.19
C MET D 287 -10.17 -18.92 51.88
N GLU D 288 -10.27 -20.24 51.72
CA GLU D 288 -9.30 -21.15 52.33
C GLU D 288 -7.93 -20.99 51.68
N LEU D 289 -7.89 -20.93 50.35
CA LEU D 289 -6.63 -20.63 49.66
C LEU D 289 -6.07 -19.28 50.06
N LEU D 290 -6.91 -18.23 50.03
CA LEU D 290 -6.43 -16.88 50.29
C LEU D 290 -5.83 -16.75 51.69
N ALA D 291 -6.37 -17.47 52.67
CA ALA D 291 -5.79 -17.50 54.01
C ALA D 291 -4.39 -18.13 54.04
N LYS D 292 -3.98 -18.82 52.99
CA LYS D 292 -2.68 -19.47 52.94
C LYS D 292 -1.57 -18.58 52.39
N GLY D 293 -1.88 -17.34 52.00
CA GLY D 293 -0.89 -16.52 51.33
C GLY D 293 -0.28 -15.39 52.14
N LYS D 294 -0.24 -15.53 53.46
CA LYS D 294 0.32 -14.47 54.30
C LYS D 294 1.80 -14.28 53.97
N PRO D 295 2.24 -13.06 53.68
CA PRO D 295 3.63 -12.83 53.29
C PRO D 295 4.57 -12.60 54.46
N ASP D 296 5.86 -12.75 54.18
CA ASP D 296 6.88 -12.43 55.18
C ASP D 296 7.07 -10.93 55.31
N PHE D 297 6.82 -10.20 54.24
CA PHE D 297 6.96 -8.75 54.26
C PHE D 297 6.00 -8.18 53.25
N VAL D 298 5.67 -6.89 53.44
CA VAL D 298 4.91 -6.12 52.48
C VAL D 298 5.91 -5.28 51.69
N GLY D 299 5.96 -5.50 50.38
CA GLY D 299 6.82 -4.68 49.53
C GLY D 299 6.10 -3.39 49.20
N VAL D 300 6.80 -2.27 49.36
CA VAL D 300 6.20 -0.95 49.21
C VAL D 300 6.87 -0.23 48.04
N ASN D 301 6.09 0.06 47.00
CA ASN D 301 6.53 0.92 45.91
C ASN D 301 5.93 2.29 46.19
N TYR D 302 6.78 3.24 46.60
CA TYR D 302 6.32 4.57 47.00
C TYR D 302 6.90 5.62 46.07
N TYR D 303 6.02 6.47 45.56
CA TYR D 303 6.41 7.64 44.79
C TYR D 303 5.74 8.91 45.28
N GLN D 304 4.49 8.84 45.72
CA GLN D 304 3.77 10.05 46.08
C GLN D 304 2.58 9.70 46.97
N THR D 305 2.11 10.70 47.69
CA THR D 305 0.81 10.65 48.33
C THR D 305 -0.24 11.21 47.36
N ILE D 306 -1.51 10.94 47.64
CA ILE D 306 -2.61 11.51 46.87
C ILE D 306 -3.60 12.15 47.83
N THR D 307 -4.04 13.36 47.50
CA THR D 307 -4.97 14.11 48.34
C THR D 307 -6.37 14.05 47.71
N TYR D 308 -7.38 13.88 48.56
CA TYR D 308 -8.73 13.58 48.11
C TYR D 308 -9.74 14.54 48.72
N GLU D 309 -10.82 14.77 47.97
CA GLU D 309 -11.91 15.63 48.46
C GLU D 309 -13.24 15.03 48.04
N MET D 310 -14.32 15.60 48.60
CA MET D 310 -15.67 15.15 48.33
C MET D 310 -15.97 15.20 46.83
N ASN D 311 -16.69 14.19 46.34
CA ASN D 311 -17.02 14.07 44.92
C ASN D 311 -18.50 13.74 44.78
N PRO D 312 -19.30 14.60 44.17
CA PRO D 312 -20.74 14.31 44.01
C PRO D 312 -20.97 13.11 43.09
N LEU D 313 -22.21 12.61 43.14
CA LEU D 313 -22.57 11.46 42.32
C LEU D 313 -22.49 11.76 40.83
N ASP D 314 -22.69 13.03 40.45
CA ASP D 314 -22.51 13.46 39.07
C ASP D 314 -21.13 14.08 38.85
N GLY D 315 -20.14 13.65 39.62
CA GLY D 315 -18.85 14.30 39.69
C GLY D 315 -17.79 13.64 38.81
N VAL D 316 -16.54 13.87 39.18
CA VAL D 316 -15.40 13.54 38.33
C VAL D 316 -15.18 12.02 38.33
N SER D 317 -14.90 11.48 37.15
CA SER D 317 -14.55 10.07 37.04
C SER D 317 -13.18 9.91 36.37
N GLU D 318 -13.16 9.79 35.05
CA GLU D 318 -11.93 9.59 34.30
C GLU D 318 -11.20 10.92 34.10
N GLY D 319 -9.89 10.82 33.90
CA GLY D 319 -9.09 11.99 33.62
C GLY D 319 -7.84 11.61 32.84
N LYS D 320 -7.32 12.57 32.09
CA LYS D 320 -6.13 12.34 31.29
C LYS D 320 -4.88 12.30 32.16
N MET D 321 -3.99 11.35 31.87
CA MET D 321 -2.72 11.24 32.57
C MET D 321 -1.60 11.94 31.79
N ASN D 322 -0.68 12.56 32.53
CA ASN D 322 0.50 13.22 31.96
C ASN D 322 1.54 12.18 31.57
N THR D 323 1.64 11.88 30.27
CA THR D 323 2.68 11.01 29.75
C THR D 323 3.68 11.75 28.88
N THR D 324 3.64 13.09 28.90
CA THR D 324 4.49 13.90 28.04
C THR D 324 5.56 14.67 28.80
N GLY D 325 5.48 14.76 30.13
CA GLY D 325 6.40 15.59 30.86
C GLY D 325 6.11 17.08 30.78
N GLN D 326 4.90 17.45 30.37
CA GLN D 326 4.45 18.84 30.38
C GLN D 326 3.75 19.08 31.71
N LYS D 327 4.39 19.87 32.58
CA LYS D 327 3.88 20.06 33.93
C LYS D 327 2.51 20.72 33.93
N GLY D 328 1.63 20.24 34.80
CA GLY D 328 0.31 20.81 34.92
C GLY D 328 -0.71 20.29 33.93
N SER D 329 -0.47 19.13 33.32
CA SER D 329 -1.41 18.56 32.37
C SER D 329 -2.18 17.36 32.92
N ASN D 330 -1.78 16.83 34.08
CA ASN D 330 -2.50 15.72 34.69
C ASN D 330 -3.85 16.20 35.20
N GLN D 331 -4.90 15.45 34.86
CA GLN D 331 -6.26 15.79 35.26
C GLN D 331 -6.66 15.00 36.49
N GLU D 332 -7.63 15.55 37.23
CA GLU D 332 -8.16 14.88 38.41
C GLU D 332 -9.02 13.68 38.01
N THR D 333 -9.04 12.66 38.88
CA THR D 333 -9.84 11.47 38.69
C THR D 333 -10.66 11.24 39.95
N GLY D 334 -11.56 10.26 39.92
CA GLY D 334 -12.23 9.87 41.14
C GLY D 334 -13.31 8.84 40.91
N MET D 335 -14.06 8.60 41.97
CA MET D 335 -15.21 7.69 41.98
C MET D 335 -16.43 8.50 42.41
N PRO D 336 -17.38 8.76 41.52
CA PRO D 336 -18.49 9.66 41.87
C PRO D 336 -19.24 9.19 43.10
N GLY D 337 -19.52 10.15 44.00
CA GLY D 337 -20.14 9.83 45.26
C GLY D 337 -19.20 9.36 46.35
N LEU D 338 -17.94 9.05 46.02
CA LEU D 338 -16.98 8.54 46.99
C LEU D 338 -15.83 9.49 47.24
N TYR D 339 -15.09 9.87 46.19
CA TYR D 339 -13.91 10.71 46.34
C TYR D 339 -13.44 11.18 44.97
N LYS D 340 -12.68 12.26 44.97
CA LYS D 340 -11.91 12.67 43.81
C LYS D 340 -10.55 13.18 44.28
N THR D 341 -9.55 13.06 43.40
CA THR D 341 -8.23 13.60 43.68
C THR D 341 -8.23 15.13 43.54
N LYS D 342 -7.33 15.76 44.28
CA LYS D 342 -7.11 17.19 44.13
C LYS D 342 -5.63 17.47 44.39
N ARG D 343 -5.00 18.18 43.47
CA ARG D 343 -3.58 18.52 43.60
C ARG D 343 -3.30 19.16 44.97
N ASN D 344 -2.38 18.56 45.72
CA ASN D 344 -2.09 19.07 47.06
C ASN D 344 -1.41 20.42 47.01
N PRO D 345 -2.05 21.50 47.50
CA PRO D 345 -1.43 22.84 47.39
C PRO D 345 -0.17 22.98 48.20
N HIS D 346 0.17 22.03 49.07
CA HIS D 346 1.36 22.13 49.91
C HIS D 346 2.56 21.38 49.36
N LEU D 347 2.42 20.70 48.22
CA LEU D 347 3.48 19.87 47.68
C LEU D 347 3.97 20.39 46.34
N GLU D 348 5.26 20.19 46.07
CA GLU D 348 5.81 20.37 44.73
C GLU D 348 5.59 19.09 43.92
N THR D 349 5.57 19.23 42.60
CA THR D 349 5.39 18.10 41.70
C THR D 349 6.54 18.04 40.69
N SER D 350 6.76 16.85 40.13
CA SER D 350 7.71 16.67 39.05
C SER D 350 7.10 17.16 37.73
N ASN D 351 7.91 17.10 36.66
CA ASN D 351 7.41 17.47 35.33
C ASN D 351 6.34 16.50 34.82
N TRP D 352 6.22 15.33 35.44
CA TRP D 352 5.12 14.41 35.13
C TRP D 352 3.98 14.52 36.14
N ASP D 353 3.97 15.58 36.96
CA ASP D 353 2.91 15.85 37.93
C ASP D 353 2.83 14.79 39.03
N TRP D 354 3.96 14.19 39.41
CA TRP D 354 4.01 13.28 40.55
C TRP D 354 4.46 14.09 41.77
N ALA D 355 3.70 14.00 42.86
CA ALA D 355 3.94 14.84 44.01
C ALA D 355 5.16 14.36 44.79
N ILE D 356 5.99 15.31 45.21
CA ILE D 356 7.18 15.02 46.02
C ILE D 356 6.78 15.16 47.49
N ASP D 357 6.71 14.05 48.20
CA ASP D 357 6.27 14.02 49.59
C ASP D 357 7.09 13.00 50.36
N PRO D 358 8.31 13.37 50.77
CA PRO D 358 9.11 12.43 51.58
C PRO D 358 8.51 12.10 52.94
N ILE D 359 7.91 13.07 53.62
CA ILE D 359 7.26 12.76 54.89
C ILE D 359 6.15 11.75 54.69
N GLY D 360 5.46 11.80 53.54
CA GLY D 360 4.42 10.82 53.24
C GLY D 360 4.93 9.39 53.25
N LEU D 361 6.21 9.17 52.93
CA LEU D 361 6.77 7.82 53.04
C LEU D 361 6.81 7.36 54.48
N ARG D 362 7.24 8.24 55.40
CA ARG D 362 7.20 7.91 56.82
C ARG D 362 5.75 7.63 57.26
N ILE D 363 4.81 8.46 56.80
CA ILE D 363 3.41 8.29 57.18
C ILE D 363 2.87 6.97 56.66
N GLY D 364 3.19 6.62 55.41
CA GLY D 364 2.70 5.37 54.84
C GLY D 364 3.33 4.14 55.48
N LEU D 365 4.64 4.21 55.77
CA LEU D 365 5.29 3.11 56.47
C LEU D 365 4.65 2.86 57.83
N ARG D 366 4.36 3.94 58.55
CA ARG D 366 3.74 3.80 59.87
C ARG D 366 2.34 3.22 59.78
N ARG D 367 1.55 3.68 58.80
CA ARG D 367 0.19 3.19 58.63
C ARG D 367 0.15 1.68 58.39
N ILE D 368 0.96 1.19 57.45
CA ILE D 368 0.95 -0.25 57.18
C ILE D 368 1.46 -1.02 58.40
N SER D 369 2.53 -0.50 59.02
CA SER D 369 3.07 -1.12 60.23
C SER D 369 2.02 -1.22 61.32
N SER D 370 1.29 -0.13 61.55
CA SER D 370 0.27 -0.08 62.60
C SER D 370 -0.88 -1.03 62.30
N ARG D 371 -1.39 -1.01 61.08
CA ARG D 371 -2.59 -1.78 60.76
C ARG D 371 -2.32 -3.27 60.69
N TYR D 372 -1.15 -3.68 60.17
CA TYR D 372 -0.89 -5.08 59.87
C TYR D 372 0.24 -5.73 60.65
N GLY D 373 1.19 -4.95 61.18
CA GLY D 373 2.23 -5.56 62.01
C GLY D 373 3.20 -6.47 61.29
N LEU D 374 3.51 -6.19 60.03
CA LEU D 374 4.40 -7.01 59.25
C LEU D 374 5.67 -6.23 58.90
N PRO D 375 6.80 -6.92 58.66
CA PRO D 375 7.99 -6.21 58.17
C PRO D 375 7.71 -5.54 56.84
N LEU D 376 8.43 -4.44 56.59
CA LEU D 376 8.23 -3.59 55.42
C LEU D 376 9.51 -3.53 54.61
N PHE D 377 9.36 -3.63 53.29
CA PHE D 377 10.48 -3.59 52.36
C PHE D 377 10.13 -2.60 51.25
N ILE D 378 10.86 -1.50 51.20
CA ILE D 378 10.68 -0.54 50.11
C ILE D 378 11.32 -1.13 48.86
N THR D 379 10.50 -1.60 47.93
CA THR D 379 11.00 -2.25 46.72
C THR D 379 11.13 -1.28 45.55
N GLU D 380 10.55 -0.08 45.64
CA GLU D 380 10.73 0.95 44.62
C GLU D 380 10.55 2.32 45.24
N ASN D 381 11.47 3.24 44.91
CA ASN D 381 11.34 4.66 45.22
C ASN D 381 12.34 5.46 44.40
N GLY D 382 11.86 6.43 43.63
CA GLY D 382 12.74 7.22 42.79
C GLY D 382 12.03 8.37 42.12
N LEU D 383 12.82 9.22 41.46
CA LEU D 383 12.34 10.39 40.75
C LEU D 383 12.62 10.22 39.25
N GLY D 384 11.56 10.26 38.45
CA GLY D 384 11.69 10.22 37.01
C GLY D 384 11.65 11.63 36.44
N GLU D 385 12.72 12.00 35.73
CA GLU D 385 12.83 13.37 35.23
C GLU D 385 13.73 13.38 34.01
N PHE D 386 13.71 14.51 33.29
CA PHE D 386 14.62 14.71 32.18
C PHE D 386 16.06 14.77 32.70
N ASP D 387 16.97 14.12 31.97
CA ASP D 387 18.40 14.22 32.23
C ASP D 387 19.09 14.69 30.95
N LYS D 388 20.15 15.48 31.13
CA LYS D 388 21.04 15.88 30.06
C LYS D 388 22.46 15.47 30.41
N VAL D 389 23.27 15.24 29.38
CA VAL D 389 24.69 14.93 29.53
C VAL D 389 25.48 16.20 29.26
N GLU D 390 26.27 16.63 30.24
CA GLU D 390 27.03 17.85 30.12
C GLU D 390 28.15 17.69 29.08
N ASN D 391 28.95 18.73 28.91
CA ASN D 391 30.05 18.67 27.96
C ASN D 391 31.22 17.86 28.50
N ASP D 392 31.36 17.72 29.81
CA ASP D 392 32.41 16.91 30.41
C ASP D 392 31.99 15.45 30.57
N GLY D 393 30.89 15.04 29.95
CA GLY D 393 30.46 13.65 30.00
C GLY D 393 29.77 13.24 31.28
N THR D 394 29.28 14.20 32.06
CA THR D 394 28.64 13.92 33.34
C THR D 394 27.17 14.26 33.29
N ILE D 395 26.44 13.79 34.30
CA ILE D 395 25.02 14.09 34.46
C ILE D 395 24.84 14.64 35.88
N HIS D 396 24.57 15.94 35.98
CA HIS D 396 24.37 16.58 37.28
C HIS D 396 22.90 16.50 37.65
N ASP D 397 22.48 15.31 38.08
CA ASP D 397 21.09 15.10 38.48
C ASP D 397 20.91 15.36 39.98
N ASP D 398 21.18 16.62 40.35
CA ASP D 398 21.07 17.01 41.75
C ASP D 398 19.61 16.99 42.22
N TYR D 399 18.66 17.14 41.29
CA TYR D 399 17.24 16.95 41.61
C TYR D 399 16.96 15.52 42.07
N ARG D 400 17.61 14.53 41.44
CA ARG D 400 17.43 13.15 41.87
C ARG D 400 18.04 12.92 43.24
N ILE D 401 19.24 13.45 43.49
CA ILE D 401 19.86 13.32 44.79
C ILE D 401 18.97 13.93 45.87
N ALA D 402 18.46 15.13 45.61
CA ALA D 402 17.61 15.81 46.59
C ALA D 402 16.40 14.96 46.94
N TYR D 403 15.78 14.34 45.93
CA TYR D 403 14.63 13.48 46.18
C TYR D 403 14.99 12.27 47.03
N LEU D 404 16.06 11.57 46.65
CA LEU D 404 16.44 10.35 47.38
C LEU D 404 16.92 10.66 48.79
N ARG D 405 17.65 11.77 48.94
CA ARG D 405 18.11 12.18 50.28
C ARG D 405 16.93 12.38 51.22
N ALA D 406 15.92 13.14 50.77
CA ALA D 406 14.78 13.46 51.62
C ALA D 406 14.02 12.20 52.02
N HIS D 407 13.87 11.26 51.09
CA HIS D 407 13.13 10.04 51.40
C HIS D 407 13.91 9.12 52.32
N LEU D 408 15.24 9.08 52.18
CA LEU D 408 16.04 8.26 53.07
C LEU D 408 16.12 8.84 54.47
N GLU D 409 16.05 10.17 54.59
CA GLU D 409 15.95 10.80 55.91
C GLU D 409 14.65 10.42 56.59
N GLN D 410 13.57 10.31 55.83
CA GLN D 410 12.30 9.89 56.41
C GLN D 410 12.27 8.40 56.69
N CYS D 411 13.06 7.60 55.95
CA CYS D 411 13.21 6.19 56.30
C CYS D 411 13.92 6.02 57.63
N ARG D 412 14.95 6.84 57.89
CA ARG D 412 15.60 6.80 59.20
C ARG D 412 14.63 7.19 60.30
N GLN D 413 13.76 8.17 60.04
CA GLN D 413 12.78 8.57 61.04
C GLN D 413 11.76 7.47 61.30
N ALA D 414 11.31 6.80 60.25
CA ALA D 414 10.36 5.69 60.41
C ALA D 414 10.98 4.54 61.19
N LEU D 415 12.26 4.25 60.93
CA LEU D 415 12.97 3.24 61.70
C LEU D 415 13.07 3.66 63.17
N ASN D 416 13.42 4.92 63.42
CA ASN D 416 13.47 5.43 64.78
C ASN D 416 12.10 5.34 65.45
N ASP D 417 11.03 5.60 64.67
CA ASP D 417 9.68 5.48 65.21
C ASP D 417 9.37 4.05 65.63
N GLY D 418 9.94 3.06 64.94
CA GLY D 418 9.73 1.67 65.30
C GLY D 418 9.34 0.78 64.14
N VAL D 419 9.19 1.35 62.93
CA VAL D 419 8.83 0.55 61.76
C VAL D 419 9.94 -0.45 61.46
N ASP D 420 9.54 -1.68 61.13
CA ASP D 420 10.48 -2.75 60.78
C ASP D 420 10.77 -2.69 59.28
N LEU D 421 11.63 -1.74 58.91
CA LEU D 421 12.06 -1.58 57.52
C LEU D 421 13.30 -2.40 57.27
N ILE D 422 13.22 -3.36 56.34
CA ILE D 422 14.32 -4.29 56.11
C ILE D 422 15.25 -3.86 54.97
N GLY D 423 14.82 -2.97 54.10
CA GLY D 423 15.70 -2.54 53.02
C GLY D 423 15.06 -1.44 52.21
N TYR D 424 15.81 -0.99 51.21
CA TYR D 424 15.39 0.14 50.37
C TYR D 424 15.99 -0.05 48.99
N CYS D 425 15.13 -0.27 47.99
CA CYS D 425 15.54 -0.42 46.61
C CYS D 425 15.14 0.83 45.84
N SER D 426 16.12 1.53 45.28
CA SER D 426 15.81 2.65 44.42
C SER D 426 15.27 2.15 43.08
N TRP D 427 14.39 2.94 42.49
CA TRP D 427 14.01 2.81 41.08
C TRP D 427 14.58 4.00 40.34
N SER D 428 15.46 3.75 39.37
CA SER D 428 15.96 2.43 39.02
C SER D 428 17.47 2.45 38.98
N PHE D 429 18.11 1.31 38.74
CA PHE D 429 19.58 1.30 38.74
C PHE D 429 20.12 1.96 37.49
N THR D 430 19.81 1.42 36.31
CA THR D 430 20.13 2.09 35.05
C THR D 430 18.85 2.70 34.47
N ASP D 431 19.04 3.63 33.53
CA ASP D 431 17.92 4.13 32.77
C ASP D 431 17.25 3.00 32.02
N LEU D 432 15.95 3.14 31.79
CA LEU D 432 15.13 2.07 31.24
C LEU D 432 13.87 2.66 30.64
N LEU D 433 13.12 1.81 29.93
CA LEU D 433 11.90 2.23 29.28
C LEU D 433 10.79 2.39 30.31
N SER D 434 10.24 3.60 30.42
CA SER D 434 8.99 3.78 31.12
C SER D 434 7.86 3.29 30.23
N TRP D 435 7.01 2.41 30.78
CA TRP D 435 5.99 1.74 29.97
C TRP D 435 5.23 2.72 29.08
N LEU D 436 4.76 3.83 29.65
CA LEU D 436 3.93 4.77 28.92
C LEU D 436 4.61 6.11 28.66
N ASN D 437 5.72 6.41 29.33
CA ASN D 437 6.39 7.69 29.23
C ASN D 437 7.64 7.66 28.37
N GLY D 438 8.01 6.49 27.84
CA GLY D 438 9.16 6.39 26.97
C GLY D 438 10.47 6.41 27.73
N TYR D 439 11.55 6.64 26.98
CA TYR D 439 12.89 6.71 27.56
C TYR D 439 13.23 8.10 28.08
N GLN D 440 12.47 9.14 27.75
CA GLN D 440 12.81 10.47 28.22
C GLN D 440 12.56 10.62 29.73
N LYS D 441 11.63 9.86 30.30
CA LYS D 441 11.45 9.85 31.75
C LYS D 441 12.48 8.89 32.35
N ARG D 442 13.55 9.45 32.91
CA ARG D 442 14.69 8.66 33.38
C ARG D 442 14.71 8.60 34.90
N TYR D 443 14.89 7.39 35.44
CA TYR D 443 15.01 7.19 36.88
C TYR D 443 16.37 6.67 37.32
N GLY D 444 17.27 6.36 36.38
CA GLY D 444 18.41 5.54 36.72
C GLY D 444 19.48 6.27 37.51
N PHE D 445 20.27 5.47 38.24
CA PHE D 445 21.58 5.94 38.69
C PHE D 445 22.55 6.01 37.52
N VAL D 446 22.35 5.18 36.50
CA VAL D 446 23.28 5.06 35.38
C VAL D 446 22.55 5.52 34.12
N TYR D 447 23.09 6.54 33.46
CA TYR D 447 22.50 7.04 32.23
C TYR D 447 22.72 6.05 31.10
N ILE D 448 21.73 5.94 30.21
CA ILE D 448 21.81 5.13 29.01
C ILE D 448 21.60 6.03 27.81
N ASN D 449 22.58 6.07 26.91
CA ASN D 449 22.53 6.94 25.75
C ASN D 449 21.63 6.31 24.69
N ARG D 450 20.36 6.71 24.69
CA ARG D 450 19.40 6.33 23.66
C ARG D 450 18.19 7.23 23.83
N ASP D 451 17.32 7.21 22.83
CA ASP D 451 16.08 8.00 22.87
C ASP D 451 14.94 7.11 22.39
N GLU D 452 13.80 7.73 22.06
CA GLU D 452 12.59 6.97 21.77
C GLU D 452 12.72 6.12 20.52
N GLU D 453 13.33 6.68 19.46
CA GLU D 453 13.40 5.99 18.18
C GLU D 453 14.81 5.56 17.80
N ASN D 454 15.83 5.99 18.53
CA ASN D 454 17.22 5.71 18.16
C ASN D 454 17.91 4.99 19.31
N VAL D 455 18.53 3.85 18.98
CA VAL D 455 19.23 3.07 20.00
C VAL D 455 20.60 3.65 20.32
N LYS D 456 21.19 4.42 19.38
CA LYS D 456 22.53 5.01 19.52
C LYS D 456 23.49 3.88 19.90
N ASP D 457 24.32 4.03 20.92
CA ASP D 457 25.26 2.99 21.34
C ASP D 457 24.91 2.38 22.69
N LEU D 458 23.81 2.82 23.32
CA LEU D 458 23.40 2.33 24.63
C LEU D 458 24.53 2.43 25.64
N LYS D 459 25.28 3.53 25.57
CA LYS D 459 26.42 3.72 26.45
C LYS D 459 25.97 3.85 27.89
N ARG D 460 26.75 3.29 28.81
CA ARG D 460 26.50 3.39 30.24
C ARG D 460 27.33 4.53 30.81
N ILE D 461 26.67 5.51 31.40
CA ILE D 461 27.34 6.68 31.99
C ILE D 461 26.81 6.88 33.39
N LYS D 462 27.71 6.92 34.37
CA LYS D 462 27.32 7.09 35.76
C LYS D 462 26.92 8.54 36.02
N LYS D 463 25.80 8.73 36.71
CA LYS D 463 25.34 10.06 37.07
C LYS D 463 25.98 10.48 38.40
N ASP D 464 25.78 11.75 38.76
CA ASP D 464 26.20 12.23 40.08
C ASP D 464 25.49 11.46 41.19
N SER D 465 24.24 11.07 40.97
CA SER D 465 23.51 10.29 41.97
C SER D 465 24.16 8.93 42.20
N PHE D 466 24.86 8.40 41.19
CA PHE D 466 25.56 7.13 41.36
C PHE D 466 26.57 7.22 42.50
N TYR D 467 27.38 8.27 42.52
CA TYR D 467 28.40 8.41 43.56
C TYR D 467 27.80 8.82 44.90
N TRP D 468 26.71 9.58 44.89
CA TRP D 468 26.03 9.92 46.14
C TRP D 468 25.51 8.67 46.82
N TYR D 469 24.82 7.80 46.08
CA TYR D 469 24.31 6.55 46.66
C TYR D 469 25.45 5.62 47.02
N GLN D 470 26.53 5.62 46.23
CA GLN D 470 27.73 4.87 46.60
C GLN D 470 28.18 5.25 48.00
N ASN D 471 28.24 6.56 48.28
CA ASN D 471 28.67 7.03 49.60
C ASN D 471 27.65 6.67 50.68
N VAL D 472 26.35 6.72 50.34
CA VAL D 472 25.32 6.37 51.32
C VAL D 472 25.55 4.95 51.83
N ILE D 473 25.79 4.02 50.90
CA ILE D 473 25.96 2.62 51.27
C ILE D 473 27.24 2.43 52.09
N GLN D 474 28.32 3.10 51.67
CA GLN D 474 29.60 2.93 52.36
C GLN D 474 29.51 3.40 53.81
N THR D 475 28.72 4.44 54.06
CA THR D 475 28.57 4.99 55.40
C THR D 475 27.32 4.46 56.11
N ASN D 476 26.62 3.50 55.50
CA ASN D 476 25.41 2.90 56.07
C ASN D 476 24.36 3.96 56.39
N GLY D 477 24.23 4.95 55.52
CA GLY D 477 23.25 6.00 55.72
C GLY D 477 23.60 7.04 56.77
N GLU D 478 24.82 7.00 57.32
CA GLU D 478 25.21 8.04 58.27
C GLU D 478 25.35 9.40 57.59
N GLU D 479 25.72 9.41 56.31
CA GLU D 479 25.91 10.64 55.57
C GLU D 479 24.86 10.76 54.46
C1 EDO E . -26.56 -3.61 -9.01
O1 EDO E . -26.10 -4.98 -8.99
C2 EDO E . -25.49 -2.67 -8.43
O2 EDO E . -24.33 -2.70 -9.27
C1 EDO F . -20.53 -11.51 2.33
O1 EDO F . -21.86 -12.04 2.39
C2 EDO F . -20.43 -10.45 1.24
O2 EDO F . -20.37 -11.07 -0.04
C1 EDO G . -38.68 -2.16 -20.69
O1 EDO G . -39.21 -0.87 -20.33
C2 EDO G . -37.72 -2.03 -21.87
O2 EDO G . -36.47 -1.54 -21.39
C1 EDO H . -17.81 15.99 -19.32
O1 EDO H . -17.04 14.80 -19.02
C2 EDO H . -17.25 17.17 -18.52
O2 EDO H . -15.97 17.52 -19.05
C1 EDO I . -14.61 19.93 -32.72
O1 EDO I . -13.89 21.15 -32.49
C2 EDO I . -13.79 18.73 -32.29
O2 EDO I . -13.35 18.87 -30.93
C1 EDO J . -17.20 22.60 -2.35
O1 EDO J . -18.59 22.22 -2.28
C2 EDO J . -16.36 21.41 -1.95
O2 EDO J . -16.60 20.37 -2.90
C1 EDO K . 36.62 2.70 -13.94
O1 EDO K . 35.30 2.27 -13.58
C2 EDO K . 36.94 2.34 -15.38
O2 EDO K . 36.05 3.05 -16.26
C1 EDO L . 30.94 -10.23 -15.66
O1 EDO L . 30.62 -8.91 -15.21
C2 EDO L . 31.84 -10.93 -14.65
O2 EDO L . 31.16 -11.13 -13.40
C1 EDO M . 39.60 17.33 -5.12
O1 EDO M . 39.70 16.82 -6.45
C2 EDO M . 40.44 16.46 -4.19
O2 EDO M . 41.78 16.36 -4.71
C1 EDO N . 4.14 3.62 39.48
O1 EDO N . 4.03 2.32 38.89
C2 EDO N . 3.52 3.60 40.88
O2 EDO N . 4.33 2.80 41.75
#